data_9ENR
#
_entry.id   9ENR
#
_cell.length_a   1.00
_cell.length_b   1.00
_cell.length_c   1.00
_cell.angle_alpha   90.00
_cell.angle_beta   90.00
_cell.angle_gamma   90.00
#
_symmetry.space_group_name_H-M   'P 1'
#
loop_
_entity.id
_entity.type
_entity.pdbx_description
1 polymer Vitellogenin
2 branched alpha-D-mannopyranose-(1-3)-[alpha-D-mannopyranose-(1-6)]beta-D-mannopyranose-(1-4)-2-acetamido-2-deoxy-beta-D-glucopyranose-(1-4)-2-acetamido-2-deoxy-beta-D-glucopyranose
3 non-polymer '[(2R)-3-[oxidanyl-[2-(trimethyl-$l^{4}-azanyl)ethoxy]phosphoryl]oxy-2-propanoyloxy-propyl] propanoate'
#
_entity_poly.entity_id   1
_entity_poly.type   'polypeptide(L)'
_entity_poly.pdbx_seq_one_letter_code
;MLLLLTLLLFAGTVAADFQHNWQVGNEYTYLVRSRTLTSLGDLSDVHTGILIKALLTVQAKDSNVLAAKVWNGQYARVQQ
SMPDGWETEISDQMLELRDLPISGKPFQIRMKHGLIRDLIVDRDVPTWEVNILKSIVGQLQVDTQGENAVKVNSVQVPTD
DEPYASFKAMEDSVGGKCEVLYDIAPLSDFVIHRSPELVPMPTLKGDGRHMEVIKIKNFDNCDQRINYHFGMTDNSRLEP
GTNKNGKFFSRSSTSRIVISESLKHFTIQSSVTTSKMMVSPRLYDRQNGLVLSRMNLTLAKMEKTSKPLPMVDNPESTGN
LVYIYNNPFSDVEERRVSKTAMNSNQIVSDNSLSSSEEKLKQDILNLRTDISSSSSSISSSEENDFWQPKPTLEDAPQNS
LLPNFVGYKGKHIGKSGKVDVINAAKELIFQIANELEDASNIPVHATLEKFMILCNLMRTMNRKQISELESNMQISPNEL
KPNDKSQVIKQNTWTVFRDAITQTGTGPAFLTIKEWIERGTTKSMEAANIMSKLPKTVRTPTDSYIRSFFELLQNPKVSN
EQFLNTAATLSFCEMIHNAQVNKRSIHNNYPVHTFGRLTSKHDNSLYDEYIPFLERELRKAHQEKDSPRIQTYIMALGMI
GEPKILSVFEPYLEGKQQMTVFQRTLMVGSLGKLTETNPKLARSVLYKIYLNTMESHEVRCTAVFLLMKTNPPLSMLQRM
AEFTKLDTNRQVNSAVKSTIQSLMKLKSPEWKDLAKKARSVNHLLTHHEYDYELSRGYIDEKILENQNIITHMILNYVGS
EDSVIPRILYLTWYSSNGDIKVPSTKVLAMISSVKSFMELSLRSVKDRETIISAAEKIAEELKIVPEELVPLEGNLMINN
KYALKFFPFDKHILDKLPTLISNYIEAVKEGKFMNVNMLDTYESVHSFPTETGLPFVYTFNVIKLTKTSGTVQAQINPDF
AFIVNSNLRLTFSKNVQGRVGFVTPFEHRHFISGIDSNLHVYAPLKISLDVNTPKGNMQWKIWPMKGEEKSRLFHYSVVP
FVSNHDILNLRPLSMEKGTRPMIPDDNTSLALPKNEGPFRLNVETAKTNEEMWELIDTEKLTDRLPYPWTMDNERYVKVD
MYMNLEGEQKDPVIFSTSFDSKVMTRPDTDSENWTPKMMAVEPTDKQANSKTRRQEMMREAGRGIESAKSYVVDVRVHVP
GESESETVLTLAWSESNVESKGRLLGFWRVEMPRSNADYEVCIGSQIMVSPETLLSYDEKMDQKPKMDFNVDIRYGKNCG
KGERIDMNGKLRQSPRLKELVGATSIIKDCVEDMKRGNKILRTCQKAVVLSMLLDEVDISMEVPSDALIALYSQGLFSLS
EIDNLDVSLDVSNPKNAGKKKIDVRAKLNEYLDKADVIVNTPIMDAHFKDVKLSDFGFSTEDILDTADEDLLINNVFYED
ETSCMLDKTRAQTFDGKDYPLRLGPCWHAVMTTYPRINPDNHNEKLHIPKDKSVSVLSRENEAGQKEVKVLLGSDKIKFV
PGTTSQPEVFVNGEKIVVSRNKAYQKVEENEIIFEIYKMGDRFIGLTSDKFDVSLALDGERVMLKASEDYRYSVRGLCGN
FDHDSTNDFVGPKNCLFRKPEHFVASYALISNQCEGDSLNVAKSLQDHDCIRQERTQQRNVISDSESGRLDTEMSTWGYH
HNVNKHCTIHRTQVKETDDKICFTMRPVVSCASGCTAVETKSKPYKFHCMEKNEAAMKLKKRIEKGANPDLSQKPVSTTE
ELTVPFVCKA
;
_entity_poly.pdbx_strand_id   A
#
# COMPACT_ATOMS: atom_id res chain seq x y z
N GLN A 19 -22.05 59.04 -17.09
CA GLN A 19 -21.16 58.34 -16.17
C GLN A 19 -20.18 59.31 -15.52
N HIS A 20 -20.57 60.57 -15.43
CA HIS A 20 -19.72 61.58 -14.82
C HIS A 20 -19.59 61.36 -13.32
N ASN A 21 -18.35 61.39 -12.84
CA ASN A 21 -18.09 61.28 -11.41
C ASN A 21 -16.71 61.86 -11.16
N TRP A 22 -16.45 62.21 -9.90
CA TRP A 22 -15.25 62.94 -9.51
C TRP A 22 -15.18 64.28 -10.26
N GLN A 23 -16.13 65.14 -9.95
CA GLN A 23 -16.29 66.41 -10.64
C GLN A 23 -14.99 67.21 -10.64
N VAL A 24 -14.69 67.83 -11.78
CA VAL A 24 -13.39 68.46 -11.98
C VAL A 24 -13.19 69.60 -11.00
N GLY A 25 -11.96 69.76 -10.52
CA GLY A 25 -11.57 70.86 -9.67
C GLY A 25 -11.79 70.64 -8.19
N ASN A 26 -12.39 69.53 -7.78
CA ASN A 26 -12.70 69.30 -6.38
C ASN A 26 -11.57 68.54 -5.68
N GLU A 27 -11.54 68.67 -4.35
CA GLU A 27 -10.53 68.03 -3.52
C GLU A 27 -11.21 67.16 -2.49
N TYR A 28 -10.91 65.87 -2.51
CA TYR A 28 -11.53 64.89 -1.63
C TYR A 28 -10.54 64.47 -0.55
N THR A 29 -11.00 63.61 0.36
CA THR A 29 -10.14 63.03 1.37
C THR A 29 -10.84 61.82 1.98
N TYR A 30 -10.17 60.67 1.95
CA TYR A 30 -10.74 59.43 2.48
C TYR A 30 -9.82 58.86 3.55
N LEU A 31 -10.42 58.50 4.69
CA LEU A 31 -9.69 57.81 5.74
C LEU A 31 -9.58 56.33 5.40
N VAL A 32 -8.42 55.75 5.67
CA VAL A 32 -8.09 54.40 5.24
C VAL A 32 -7.88 53.52 6.47
N ARG A 33 -8.62 52.42 6.54
CA ARG A 33 -8.41 51.38 7.54
C ARG A 33 -8.42 50.02 6.87
N SER A 34 -7.58 49.11 7.38
CA SER A 34 -7.53 47.75 6.86
C SER A 34 -6.94 46.84 7.91
N ARG A 35 -7.21 45.54 7.78
CA ARG A 35 -6.67 44.57 8.72
C ARG A 35 -6.59 43.19 8.06
N THR A 36 -5.63 42.40 8.53
CA THR A 36 -5.41 41.04 8.07
C THR A 36 -5.01 40.19 9.26
N LEU A 37 -5.79 39.16 9.55
CA LEU A 37 -5.59 38.33 10.73
C LEU A 37 -5.63 36.86 10.35
N THR A 38 -4.87 36.05 11.10
CA THR A 38 -4.84 34.61 10.91
C THR A 38 -5.06 33.94 12.26
N SER A 39 -5.98 32.98 12.30
CA SER A 39 -6.37 32.33 13.54
C SER A 39 -6.58 30.84 13.30
N LEU A 40 -6.71 30.09 14.40
CA LEU A 40 -6.92 28.65 14.33
C LEU A 40 -8.38 28.27 14.53
N GLY A 41 -9.29 29.09 14.03
CA GLY A 41 -10.69 28.71 13.96
C GLY A 41 -11.29 28.43 15.32
N ASP A 42 -12.07 27.36 15.40
CA ASP A 42 -12.86 27.05 16.58
C ASP A 42 -12.04 26.57 17.77
N LEU A 43 -10.77 26.21 17.56
CA LEU A 43 -9.99 25.64 18.66
C LEU A 43 -9.66 26.68 19.72
N SER A 44 -9.39 27.91 19.31
CA SER A 44 -9.11 28.98 20.26
C SER A 44 -9.59 30.30 19.68
N ASP A 45 -9.26 31.40 20.34
CA ASP A 45 -9.69 32.72 19.92
C ASP A 45 -8.54 33.68 19.69
N VAL A 46 -7.29 33.22 19.79
CA VAL A 46 -6.16 34.10 19.53
C VAL A 46 -6.10 34.46 18.05
N HIS A 47 -5.60 35.65 17.76
CA HIS A 47 -5.56 36.16 16.39
C HIS A 47 -4.25 36.88 16.17
N THR A 48 -3.52 36.48 15.13
CA THR A 48 -2.25 37.08 14.78
C THR A 48 -2.39 37.85 13.48
N GLY A 49 -1.88 39.07 13.45
CA GLY A 49 -1.97 39.88 12.25
C GLY A 49 -1.59 41.31 12.51
N ILE A 50 -1.96 42.18 11.55
CA ILE A 50 -1.56 43.58 11.55
C ILE A 50 -2.76 44.47 11.27
N LEU A 51 -2.61 45.74 11.61
CA LEU A 51 -3.57 46.80 11.28
C LEU A 51 -2.85 47.90 10.53
N ILE A 52 -3.58 48.66 9.72
CA ILE A 52 -3.00 49.72 8.90
C ILE A 52 -3.91 50.94 8.94
N LYS A 53 -3.29 52.12 9.07
CA LYS A 53 -3.99 53.40 8.99
C LYS A 53 -3.25 54.32 8.03
N ALA A 54 -4.00 55.09 7.25
CA ALA A 54 -3.41 55.99 6.27
C ALA A 54 -4.49 56.98 5.81
N LEU A 55 -4.09 57.92 4.97
CA LEU A 55 -4.97 58.92 4.39
C LEU A 55 -4.77 58.98 2.88
N LEU A 56 -5.86 59.09 2.14
CA LEU A 56 -5.84 59.18 0.69
C LEU A 56 -6.53 60.46 0.23
N THR A 57 -5.83 61.26 -0.56
CA THR A 57 -6.36 62.51 -1.09
C THR A 57 -6.37 62.43 -2.61
N VAL A 58 -7.52 62.72 -3.21
CA VAL A 58 -7.71 62.62 -4.65
C VAL A 58 -8.17 63.97 -5.17
N GLN A 59 -7.51 64.45 -6.22
CA GLN A 59 -7.84 65.73 -6.85
C GLN A 59 -8.15 65.49 -8.32
N ALA A 60 -9.16 66.19 -8.82
CA ALA A 60 -9.57 66.07 -10.22
C ALA A 60 -8.73 67.01 -11.06
N LYS A 61 -7.62 66.49 -11.58
CA LYS A 61 -6.70 67.32 -12.37
C LYS A 61 -7.34 67.72 -13.70
N ASP A 62 -7.89 66.75 -14.42
CA ASP A 62 -8.51 67.03 -15.71
C ASP A 62 -9.62 66.02 -15.95
N SER A 63 -10.07 65.92 -17.19
CA SER A 63 -11.23 65.08 -17.51
C SER A 63 -10.95 63.61 -17.19
N ASN A 64 -9.76 63.12 -17.52
CA ASN A 64 -9.46 61.70 -17.41
C ASN A 64 -8.26 61.38 -16.54
N VAL A 65 -7.61 62.36 -15.94
CA VAL A 65 -6.43 62.13 -15.11
C VAL A 65 -6.68 62.74 -13.73
N LEU A 66 -6.46 61.95 -12.69
CA LEU A 66 -6.67 62.37 -11.32
C LEU A 66 -5.32 62.36 -10.59
N ALA A 67 -5.23 63.16 -9.54
CA ALA A 67 -4.03 63.21 -8.72
C ALA A 67 -4.33 62.63 -7.34
N ALA A 68 -3.52 61.68 -6.92
CA ALA A 68 -3.73 60.98 -5.65
C ALA A 68 -2.46 61.02 -4.82
N LYS A 69 -2.60 60.59 -3.56
CA LYS A 69 -1.48 60.50 -2.63
C LYS A 69 -1.92 59.72 -1.41
N VAL A 70 -1.06 58.83 -0.94
CA VAL A 70 -1.26 58.09 0.31
C VAL A 70 -0.13 58.49 1.24
N TRP A 71 -0.48 59.19 2.32
CA TRP A 71 0.50 59.68 3.29
C TRP A 71 0.01 59.37 4.70
N ASN A 72 0.85 59.70 5.69
CA ASN A 72 0.57 59.48 7.10
C ASN A 72 0.28 58.01 7.38
N GLY A 73 1.31 57.17 7.15
CA GLY A 73 1.17 55.74 7.32
C GLY A 73 1.59 55.29 8.70
N GLN A 74 0.72 54.51 9.34
CA GLN A 74 1.02 53.90 10.63
C GLN A 74 0.45 52.49 10.65
N TYR A 75 1.05 51.61 11.44
CA TYR A 75 0.62 50.23 11.49
C TYR A 75 1.01 49.63 12.83
N ALA A 76 0.33 48.55 13.20
CA ALA A 76 0.58 47.87 14.46
C ALA A 76 0.35 46.37 14.27
N ARG A 77 1.01 45.58 15.09
CA ARG A 77 0.91 44.13 15.06
C ARG A 77 0.22 43.63 16.32
N VAL A 78 -0.70 42.69 16.15
CA VAL A 78 -1.58 42.25 17.22
C VAL A 78 -1.50 40.73 17.35
N GLN A 79 -1.40 40.26 18.59
CA GLN A 79 -1.53 38.84 18.91
C GLN A 79 -2.20 38.76 20.28
N GLN A 80 -3.52 38.62 20.26
CA GLN A 80 -4.30 38.65 21.50
C GLN A 80 -5.63 37.96 21.27
N SER A 81 -6.31 37.66 22.37
CA SER A 81 -7.62 37.03 22.29
C SER A 81 -8.67 38.04 21.82
N MET A 82 -9.59 37.57 20.98
CA MET A 82 -10.67 38.40 20.44
C MET A 82 -11.99 37.69 20.69
N PRO A 83 -12.53 37.77 21.91
CA PRO A 83 -13.79 37.07 22.20
C PRO A 83 -14.95 37.53 21.35
N ASP A 84 -15.03 38.82 21.03
CA ASP A 84 -16.17 39.32 20.28
C ASP A 84 -16.10 38.92 18.81
N GLY A 85 -14.92 38.98 18.22
CA GLY A 85 -14.75 38.61 16.83
C GLY A 85 -13.65 39.40 16.18
N TRP A 86 -13.30 38.99 14.96
CA TRP A 86 -12.19 39.61 14.25
C TRP A 86 -12.52 41.02 13.77
N GLU A 87 -13.77 41.45 13.87
CA GLU A 87 -14.18 42.79 13.46
C GLU A 87 -14.25 43.76 14.64
N THR A 88 -13.73 43.36 15.79
CA THR A 88 -13.80 44.22 16.97
C THR A 88 -12.87 45.41 16.82
N GLU A 89 -13.40 46.60 17.08
CA GLU A 89 -12.59 47.81 17.05
C GLU A 89 -11.64 47.82 18.24
N ILE A 90 -10.37 48.12 18.00
CA ILE A 90 -9.36 48.18 19.04
C ILE A 90 -8.89 49.62 19.14
N SER A 91 -8.93 50.17 20.35
CA SER A 91 -8.54 51.56 20.56
C SER A 91 -7.05 51.74 20.31
N ASP A 92 -6.69 52.95 19.85
CA ASP A 92 -5.29 53.26 19.57
C ASP A 92 -4.44 53.24 20.82
N GLN A 93 -5.03 53.45 22.00
CA GLN A 93 -4.27 53.38 23.24
C GLN A 93 -3.78 51.97 23.50
N MET A 94 -4.63 50.96 23.23
CA MET A 94 -4.23 49.57 23.43
C MET A 94 -3.28 49.07 22.34
N LEU A 95 -3.17 49.79 21.24
CA LEU A 95 -2.31 49.39 20.14
C LEU A 95 -0.87 49.83 20.38
N GLU A 96 0.02 49.38 19.50
CA GLU A 96 1.43 49.78 19.51
C GLU A 96 1.76 50.22 18.08
N LEU A 97 1.48 51.49 17.79
CA LEU A 97 1.62 51.99 16.43
C LEU A 97 3.09 52.01 16.00
N ARG A 98 3.31 51.84 14.70
CA ARG A 98 4.64 51.91 14.12
C ARG A 98 4.62 52.83 12.91
N ASP A 99 5.72 52.87 12.16
CA ASP A 99 5.83 53.71 10.98
C ASP A 99 5.90 52.82 9.74
N LEU A 100 4.94 52.99 8.85
CA LEU A 100 4.88 52.17 7.64
C LEU A 100 5.90 52.68 6.63
N PRO A 101 6.77 51.82 6.10
CA PRO A 101 7.76 52.28 5.12
C PRO A 101 7.15 52.61 3.78
N ILE A 102 6.28 53.62 3.75
CA ILE A 102 5.58 53.99 2.54
C ILE A 102 6.28 55.20 1.92
N SER A 103 6.65 55.08 0.65
CA SER A 103 7.31 56.16 -0.07
C SER A 103 6.27 57.17 -0.55
N GLY A 104 5.80 57.98 0.40
CA GLY A 104 4.78 58.95 0.12
C GLY A 104 5.19 59.96 -0.92
N LYS A 105 4.66 59.83 -2.12
CA LYS A 105 4.98 60.72 -3.22
C LYS A 105 3.72 60.98 -4.04
N PRO A 106 3.64 62.12 -4.70
CA PRO A 106 2.42 62.42 -5.47
C PRO A 106 2.28 61.59 -6.73
N PHE A 107 1.82 60.35 -6.59
CA PHE A 107 1.52 59.55 -7.75
C PHE A 107 0.22 60.02 -8.40
N GLN A 108 -0.10 59.42 -9.54
CA GLN A 108 -1.24 59.84 -10.33
C GLN A 108 -2.06 58.63 -10.78
N ILE A 109 -3.34 58.88 -11.03
CA ILE A 109 -4.29 57.87 -11.44
C ILE A 109 -5.11 58.42 -12.61
N ARG A 110 -5.38 57.58 -13.59
CA ARG A 110 -6.08 57.99 -14.80
C ARG A 110 -7.34 57.16 -14.98
N MET A 111 -8.38 57.80 -15.52
CA MET A 111 -9.67 57.18 -15.74
C MET A 111 -9.89 56.98 -17.23
N LYS A 112 -10.51 55.87 -17.60
CA LYS A 112 -10.74 55.51 -19.00
C LYS A 112 -12.21 55.20 -19.21
N HIS A 113 -13.00 56.24 -19.52
CA HIS A 113 -14.40 56.08 -19.92
C HIS A 113 -15.19 55.25 -18.92
N GLY A 114 -15.03 55.58 -17.64
CA GLY A 114 -15.69 54.82 -16.59
C GLY A 114 -14.75 54.33 -15.51
N LEU A 115 -14.56 53.02 -15.43
CA LEU A 115 -13.75 52.43 -14.38
C LEU A 115 -12.29 52.88 -14.52
N ILE A 116 -11.52 52.63 -13.47
CA ILE A 116 -10.11 53.02 -13.44
C ILE A 116 -9.30 52.01 -14.26
N ARG A 117 -8.28 52.50 -14.96
CA ARG A 117 -7.51 51.69 -15.90
C ARG A 117 -6.08 51.43 -15.45
N ASP A 118 -5.31 52.49 -15.18
CA ASP A 118 -3.88 52.31 -14.92
C ASP A 118 -3.42 53.32 -13.88
N LEU A 119 -2.29 53.00 -13.25
CA LEU A 119 -1.68 53.85 -12.24
C LEU A 119 -0.30 54.30 -12.72
N ILE A 120 0.24 55.31 -12.04
CA ILE A 120 1.55 55.88 -12.33
C ILE A 120 2.35 55.94 -11.03
N VAL A 121 3.61 55.49 -11.09
CA VAL A 121 4.49 55.45 -9.94
C VAL A 121 5.83 56.07 -10.35
N ASP A 122 6.62 56.47 -9.36
CA ASP A 122 7.91 57.08 -9.55
C ASP A 122 9.03 56.06 -9.32
N ARG A 123 10.28 56.55 -9.27
CA ARG A 123 11.43 55.67 -9.12
C ARG A 123 11.39 54.91 -7.80
N ASP A 124 10.86 55.53 -6.75
CA ASP A 124 10.67 54.84 -5.47
C ASP A 124 9.51 53.87 -5.63
N VAL A 125 9.81 52.74 -6.25
CA VAL A 125 8.78 51.77 -6.64
C VAL A 125 9.10 50.39 -6.08
N PRO A 126 9.04 50.19 -4.77
CA PRO A 126 8.98 48.81 -4.25
C PRO A 126 7.63 48.21 -4.63
N THR A 127 7.67 47.05 -5.29
CA THR A 127 6.47 46.51 -5.91
C THR A 127 5.38 46.20 -4.89
N TRP A 128 5.77 45.83 -3.66
CA TRP A 128 4.76 45.59 -2.63
C TRP A 128 3.98 46.85 -2.29
N GLU A 129 4.65 47.99 -2.26
CA GLU A 129 3.96 49.26 -2.06
C GLU A 129 2.97 49.52 -3.19
N VAL A 130 3.38 49.21 -4.42
CA VAL A 130 2.48 49.38 -5.56
C VAL A 130 1.28 48.45 -5.44
N ASN A 131 1.48 47.24 -4.92
CA ASN A 131 0.36 46.33 -4.72
C ASN A 131 -0.62 46.87 -3.68
N ILE A 132 -0.11 47.41 -2.58
CA ILE A 132 -0.98 48.01 -1.57
C ILE A 132 -1.76 49.17 -2.17
N LEU A 133 -1.08 50.02 -2.94
CA LEU A 133 -1.75 51.14 -3.59
C LEU A 133 -2.81 50.64 -4.55
N LYS A 134 -2.53 49.55 -5.26
CA LYS A 134 -3.51 48.98 -6.18
C LYS A 134 -4.75 48.51 -5.43
N SER A 135 -4.55 47.90 -4.25
CA SER A 135 -5.71 47.48 -3.46
C SER A 135 -6.55 48.68 -3.04
N ILE A 136 -5.89 49.75 -2.57
CA ILE A 136 -6.63 50.94 -2.16
C ILE A 136 -7.40 51.53 -3.34
N VAL A 137 -6.75 51.59 -4.51
CA VAL A 137 -7.43 52.09 -5.71
C VAL A 137 -8.64 51.22 -6.06
N GLY A 138 -8.44 49.90 -6.12
CA GLY A 138 -9.51 49.02 -6.53
C GLY A 138 -10.65 48.97 -5.55
N GLN A 139 -10.43 49.40 -4.31
CA GLN A 139 -11.54 49.52 -3.37
C GLN A 139 -12.55 50.58 -3.81
N LEU A 140 -12.18 51.46 -4.75
CA LEU A 140 -13.08 52.44 -5.33
C LEU A 140 -13.75 51.96 -6.62
N GLN A 141 -13.54 50.71 -7.00
CA GLN A 141 -14.08 50.23 -8.27
C GLN A 141 -15.61 50.14 -8.20
N VAL A 142 -16.27 50.76 -9.18
CA VAL A 142 -17.72 50.78 -9.26
C VAL A 142 -18.12 50.63 -10.72
N ASP A 143 -19.37 50.20 -10.93
CA ASP A 143 -19.95 50.10 -12.27
C ASP A 143 -21.36 50.67 -12.20
N THR A 144 -21.49 51.97 -12.51
CA THR A 144 -22.79 52.61 -12.47
C THR A 144 -23.74 51.99 -13.49
N GLN A 145 -23.26 51.73 -14.69
CA GLN A 145 -24.08 51.18 -15.77
C GLN A 145 -23.74 49.71 -16.00
N GLY A 146 -24.56 49.05 -16.81
CA GLY A 146 -24.41 47.65 -17.10
C GLY A 146 -23.47 47.40 -18.27
N GLU A 147 -23.48 46.15 -18.73
CA GLU A 147 -22.64 45.74 -19.86
C GLU A 147 -23.46 45.67 -21.15
N ASP A 161 -36.64 57.68 -11.67
CA ASP A 161 -35.46 57.13 -12.30
C ASP A 161 -35.46 55.61 -12.25
N GLU A 162 -34.28 55.01 -12.15
CA GLU A 162 -34.12 53.55 -12.10
C GLU A 162 -33.23 53.21 -10.91
N PRO A 163 -33.78 53.29 -9.69
CA PRO A 163 -32.97 52.92 -8.51
C PRO A 163 -32.51 51.47 -8.53
N TYR A 164 -33.31 50.57 -9.08
CA TYR A 164 -32.97 49.15 -9.08
C TYR A 164 -32.17 48.80 -10.33
N ALA A 165 -31.23 47.87 -10.16
CA ALA A 165 -30.41 47.38 -11.25
C ALA A 165 -29.64 46.15 -10.76
N SER A 166 -29.35 45.24 -11.69
CA SER A 166 -28.64 44.03 -11.36
C SER A 166 -28.11 43.39 -12.63
N PHE A 167 -26.87 42.91 -12.58
CA PHE A 167 -26.22 42.24 -13.71
C PHE A 167 -24.93 41.62 -13.20
N LYS A 168 -24.16 41.06 -14.12
CA LYS A 168 -22.85 40.49 -13.81
C LYS A 168 -21.80 41.14 -14.70
N ALA A 169 -20.61 41.34 -14.13
CA ALA A 169 -19.52 41.98 -14.83
C ALA A 169 -18.24 41.18 -14.62
N MET A 170 -17.36 41.26 -15.61
CA MET A 170 -16.10 40.51 -15.58
C MET A 170 -14.99 41.38 -15.00
N GLU A 171 -15.24 41.89 -13.80
CA GLU A 171 -14.42 42.96 -13.22
C GLU A 171 -13.06 42.43 -12.77
N ASP A 172 -12.23 43.34 -12.26
CA ASP A 172 -10.88 43.02 -11.85
C ASP A 172 -10.57 43.65 -10.49
N SER A 173 -9.58 43.08 -9.81
CA SER A 173 -9.14 43.55 -8.51
C SER A 173 -7.72 43.06 -8.29
N VAL A 174 -7.24 43.16 -7.04
CA VAL A 174 -5.89 42.70 -6.72
C VAL A 174 -5.78 41.19 -6.91
N GLY A 175 -6.77 40.45 -6.43
CA GLY A 175 -6.73 39.00 -6.56
C GLY A 175 -6.72 38.55 -8.01
N GLY A 176 -7.40 39.28 -8.87
CA GLY A 176 -7.46 38.89 -10.27
C GLY A 176 -8.66 39.52 -10.95
N LYS A 177 -8.99 38.97 -12.12
CA LYS A 177 -10.07 39.48 -12.97
C LYS A 177 -11.31 38.61 -12.90
N CYS A 178 -11.60 38.01 -11.76
CA CYS A 178 -12.77 37.15 -11.62
C CYS A 178 -14.05 37.98 -11.68
N GLU A 179 -15.13 37.33 -12.13
CA GLU A 179 -16.39 38.01 -12.35
C GLU A 179 -17.09 38.32 -11.03
N VAL A 180 -17.93 39.35 -11.06
CA VAL A 180 -18.66 39.82 -9.88
C VAL A 180 -20.14 39.95 -10.23
N LEU A 181 -20.98 39.90 -9.20
CA LEU A 181 -22.42 40.05 -9.33
C LEU A 181 -22.86 41.32 -8.63
N TYR A 182 -23.58 42.17 -9.34
CA TYR A 182 -23.98 43.48 -8.83
C TYR A 182 -25.41 43.45 -8.30
N ASP A 183 -25.74 44.46 -7.50
CA ASP A 183 -27.07 44.65 -6.96
C ASP A 183 -27.18 46.07 -6.43
N ILE A 184 -28.17 46.81 -6.91
CA ILE A 184 -28.31 48.23 -6.59
C ILE A 184 -29.71 48.47 -6.06
N ALA A 185 -29.81 49.21 -4.95
CA ALA A 185 -31.10 49.55 -4.36
C ALA A 185 -30.90 50.72 -3.42
N PRO A 186 -31.89 51.59 -3.28
CA PRO A 186 -31.78 52.70 -2.34
C PRO A 186 -31.76 52.22 -0.90
N LEU A 187 -31.18 53.05 -0.04
CA LEU A 187 -31.00 52.72 1.37
C LEU A 187 -31.90 53.60 2.20
N SER A 188 -32.68 52.99 3.09
CA SER A 188 -33.71 53.72 3.84
C SER A 188 -33.09 54.66 4.85
N ASP A 189 -33.85 55.69 5.22
CA ASP A 189 -33.36 56.70 6.16
C ASP A 189 -33.24 56.16 7.57
N PHE A 190 -33.99 55.10 7.91
CA PHE A 190 -33.89 54.53 9.24
C PHE A 190 -32.49 53.96 9.50
N VAL A 191 -31.91 53.31 8.49
CA VAL A 191 -30.57 52.76 8.63
C VAL A 191 -29.56 53.89 8.85
N ILE A 192 -29.69 54.98 8.10
CA ILE A 192 -28.80 56.12 8.26
C ILE A 192 -28.92 56.69 9.66
N HIS A 193 -30.16 56.86 10.15
CA HIS A 193 -30.35 57.41 11.49
C HIS A 193 -29.78 56.50 12.55
N ARG A 194 -29.92 55.18 12.38
CA ARG A 194 -29.41 54.25 13.38
C ARG A 194 -27.87 54.25 13.40
N SER A 195 -27.26 54.16 12.22
CA SER A 195 -25.80 54.07 12.10
C SER A 195 -25.33 55.18 11.16
N PRO A 196 -24.99 56.35 11.72
CA PRO A 196 -24.62 57.49 10.87
C PRO A 196 -23.27 57.35 10.16
N GLU A 197 -22.48 56.34 10.50
CA GLU A 197 -21.14 56.26 9.93
C GLU A 197 -21.17 55.99 8.43
N LEU A 198 -22.19 55.27 7.94
CA LEU A 198 -22.28 54.99 6.51
C LEU A 198 -22.43 56.26 5.70
N VAL A 199 -23.04 57.29 6.27
CA VAL A 199 -23.22 58.57 5.61
C VAL A 199 -22.65 59.65 6.51
N PRO A 200 -21.34 59.93 6.43
CA PRO A 200 -20.74 60.95 7.30
C PRO A 200 -21.30 62.34 7.05
N MET A 201 -21.23 62.80 5.81
CA MET A 201 -21.75 64.11 5.43
C MET A 201 -22.78 63.95 4.31
N PRO A 202 -24.04 64.23 4.58
CA PRO A 202 -25.13 63.91 3.64
C PRO A 202 -25.59 65.04 2.73
N THR A 203 -24.89 66.17 2.68
CA THR A 203 -25.43 67.36 2.04
C THR A 203 -25.42 67.30 0.52
N LEU A 204 -25.20 66.14 -0.09
CA LEU A 204 -25.26 66.00 -1.55
C LEU A 204 -26.40 65.10 -2.01
N LYS A 205 -27.48 65.00 -1.22
CA LYS A 205 -28.66 64.29 -1.71
C LYS A 205 -29.25 64.99 -2.92
N GLY A 206 -29.36 66.32 -2.86
CA GLY A 206 -29.85 67.08 -4.00
C GLY A 206 -31.23 66.63 -4.43
N ASP A 207 -31.38 66.42 -5.74
CA ASP A 207 -32.60 65.87 -6.29
C ASP A 207 -32.62 64.35 -6.30
N GLY A 208 -31.51 63.71 -5.94
CA GLY A 208 -31.40 62.27 -5.87
C GLY A 208 -31.54 61.76 -4.45
N ARG A 209 -30.87 60.65 -4.17
CA ARG A 209 -30.93 60.02 -2.86
C ARG A 209 -29.68 59.17 -2.67
N HIS A 210 -29.67 58.37 -1.62
CA HIS A 210 -28.53 57.53 -1.26
C HIS A 210 -28.87 56.07 -1.56
N MET A 211 -27.99 55.41 -2.29
CA MET A 211 -28.17 54.01 -2.66
C MET A 211 -27.07 53.15 -2.03
N GLU A 212 -27.18 51.84 -2.22
CA GLU A 212 -26.17 50.90 -1.78
C GLU A 212 -25.95 49.86 -2.86
N VAL A 213 -24.71 49.41 -3.01
CA VAL A 213 -24.33 48.40 -3.97
C VAL A 213 -23.67 47.25 -3.25
N ILE A 214 -24.10 46.02 -3.56
CA ILE A 214 -23.52 44.82 -3.00
C ILE A 214 -22.92 44.01 -4.14
N LYS A 215 -21.63 43.74 -4.04
CA LYS A 215 -20.92 42.98 -5.05
C LYS A 215 -20.41 41.68 -4.44
N ILE A 216 -20.71 40.57 -5.09
CA ILE A 216 -20.25 39.25 -4.67
C ILE A 216 -19.44 38.65 -5.82
N LYS A 217 -18.21 38.23 -5.51
CA LYS A 217 -17.27 37.75 -6.51
C LYS A 217 -17.00 36.27 -6.30
N ASN A 218 -17.10 35.50 -7.37
CA ASN A 218 -16.72 34.10 -7.35
C ASN A 218 -15.36 33.92 -8.03
N PHE A 219 -14.62 32.90 -7.60
CA PHE A 219 -13.23 32.71 -8.01
C PHE A 219 -13.05 31.50 -8.93
N ASP A 220 -14.14 30.89 -9.41
CA ASP A 220 -14.04 29.73 -10.27
C ASP A 220 -14.06 30.10 -11.75
N ASN A 221 -14.11 31.39 -12.09
CA ASN A 221 -14.10 31.81 -13.49
C ASN A 221 -13.38 33.15 -13.52
N CYS A 222 -12.11 33.13 -13.93
CA CYS A 222 -11.28 34.33 -13.95
C CYS A 222 -10.48 34.35 -15.24
N ASP A 223 -9.75 35.46 -15.43
CA ASP A 223 -8.91 35.64 -16.61
C ASP A 223 -7.43 35.71 -16.25
N GLN A 224 -7.04 36.63 -15.36
CA GLN A 224 -5.67 36.78 -14.91
C GLN A 224 -5.58 36.40 -13.44
N ARG A 225 -4.68 35.48 -13.10
CA ARG A 225 -4.57 34.96 -11.75
C ARG A 225 -3.11 34.91 -11.35
N ILE A 226 -2.86 35.13 -10.06
CA ILE A 226 -1.52 35.04 -9.48
C ILE A 226 -1.54 33.89 -8.47
N ASN A 227 -0.64 32.94 -8.64
CA ASN A 227 -0.56 31.81 -7.73
C ASN A 227 0.78 31.10 -7.88
N TYR A 228 1.09 30.26 -6.89
CA TYR A 228 2.28 29.41 -6.90
C TYR A 228 1.87 28.06 -6.28
N HIS A 229 1.48 27.14 -7.15
CA HIS A 229 0.97 25.84 -6.71
C HIS A 229 1.97 24.75 -7.06
N PHE A 230 2.34 23.95 -6.06
CA PHE A 230 3.24 22.83 -6.24
C PHE A 230 2.87 21.72 -5.28
N GLY A 231 2.84 20.49 -5.80
CA GLY A 231 2.51 19.33 -4.99
C GLY A 231 1.15 18.75 -5.33
N GLY A 246 -13.74 22.87 -3.39
CA GLY A 246 -12.75 22.87 -4.45
C GLY A 246 -11.33 23.05 -3.95
N LYS A 247 -10.59 21.94 -3.86
CA LYS A 247 -9.22 21.94 -3.35
C LYS A 247 -9.13 22.54 -1.96
N PHE A 248 -10.15 22.26 -1.13
CA PHE A 248 -10.29 22.76 0.23
C PHE A 248 -9.89 24.22 0.36
N PHE A 249 -10.23 25.03 -0.63
CA PHE A 249 -9.92 26.45 -0.66
C PHE A 249 -11.22 27.21 -0.82
N SER A 250 -11.89 27.49 0.30
CA SER A 250 -13.16 28.20 0.28
C SER A 250 -12.88 29.70 0.36
N ARG A 251 -13.00 30.38 -0.77
CA ARG A 251 -12.79 31.82 -0.85
C ARG A 251 -14.11 32.55 -0.98
N SER A 252 -14.09 33.84 -0.67
CA SER A 252 -15.29 34.67 -0.74
C SER A 252 -14.87 36.13 -0.87
N SER A 253 -15.83 36.96 -1.27
CA SER A 253 -15.58 38.38 -1.45
C SER A 253 -16.92 39.12 -1.47
N THR A 254 -17.03 40.16 -0.65
CA THR A 254 -18.26 40.94 -0.54
C THR A 254 -17.88 42.41 -0.43
N SER A 255 -18.78 43.28 -0.91
CA SER A 255 -18.53 44.71 -0.90
C SER A 255 -19.81 45.46 -0.54
N ARG A 256 -19.65 46.72 -0.19
CA ARG A 256 -20.77 47.59 0.16
C ARG A 256 -20.35 49.03 -0.04
N ILE A 257 -21.02 49.74 -0.94
CA ILE A 257 -20.68 51.11 -1.29
C ILE A 257 -21.94 51.97 -1.24
N VAL A 258 -21.83 53.16 -0.62
CA VAL A 258 -22.92 54.12 -0.58
C VAL A 258 -22.69 55.18 -1.63
N ILE A 259 -23.79 55.78 -2.10
CA ILE A 259 -23.82 56.54 -3.35
C ILE A 259 -24.71 57.77 -3.15
N SER A 260 -24.67 58.67 -4.14
CA SER A 260 -25.57 59.82 -4.25
C SER A 260 -26.29 59.76 -5.59
N GLU A 261 -26.95 60.85 -5.99
CA GLU A 261 -27.81 60.90 -7.17
C GLU A 261 -27.19 60.19 -8.36
N SER A 262 -27.87 59.16 -8.85
CA SER A 262 -27.26 58.17 -9.71
C SER A 262 -26.98 58.71 -11.12
N LEU A 263 -25.88 58.24 -11.71
CA LEU A 263 -25.56 58.43 -13.12
C LEU A 263 -25.23 59.87 -13.50
N LYS A 264 -25.36 60.79 -12.55
CA LYS A 264 -24.96 62.19 -12.80
C LYS A 264 -24.15 62.81 -11.68
N HIS A 265 -24.24 62.32 -10.45
CA HIS A 265 -23.39 62.78 -9.35
C HIS A 265 -23.20 61.58 -8.43
N PHE A 266 -22.11 60.84 -8.67
CA PHE A 266 -21.96 59.52 -8.04
C PHE A 266 -21.54 59.68 -6.58
N THR A 267 -20.36 60.28 -6.35
CA THR A 267 -19.90 60.71 -5.03
C THR A 267 -19.85 59.54 -4.04
N ILE A 268 -18.89 58.64 -4.31
CA ILE A 268 -18.57 57.58 -3.37
C ILE A 268 -18.42 58.16 -1.97
N GLN A 269 -19.00 57.48 -0.98
CA GLN A 269 -18.95 57.95 0.40
C GLN A 269 -18.52 56.90 1.41
N SER A 270 -18.53 55.61 1.05
CA SER A 270 -17.95 54.57 1.89
C SER A 270 -17.76 53.32 1.05
N SER A 271 -16.91 52.42 1.54
CA SER A 271 -16.65 51.16 0.86
C SER A 271 -15.97 50.20 1.82
N VAL A 272 -16.54 49.02 2.00
CA VAL A 272 -16.02 47.99 2.89
C VAL A 272 -15.99 46.67 2.15
N THR A 273 -14.84 45.99 2.20
CA THR A 273 -14.65 44.70 1.56
C THR A 273 -14.25 43.68 2.61
N THR A 274 -14.85 42.48 2.55
CA THR A 274 -14.57 41.41 3.49
C THR A 274 -14.26 40.14 2.73
N SER A 275 -13.17 39.46 3.12
CA SER A 275 -12.76 38.23 2.48
C SER A 275 -12.42 37.19 3.53
N LYS A 276 -12.63 35.92 3.18
CA LYS A 276 -12.31 34.79 4.03
C LYS A 276 -11.58 33.73 3.22
N MET A 277 -10.82 32.90 3.92
CA MET A 277 -10.13 31.76 3.31
C MET A 277 -10.14 30.62 4.32
N MET A 278 -10.87 29.57 4.02
CA MET A 278 -11.03 28.43 4.92
C MET A 278 -10.25 27.26 4.34
N VAL A 279 -9.34 26.70 5.14
CA VAL A 279 -8.45 25.64 4.66
C VAL A 279 -8.19 24.65 5.78
N SER A 280 -8.02 23.38 5.41
CA SER A 280 -7.76 22.29 6.34
C SER A 280 -6.26 22.11 6.54
N PRO A 281 -5.77 22.09 7.78
CA PRO A 281 -4.32 22.05 8.02
C PRO A 281 -3.62 20.80 7.50
N ARG A 282 -4.04 19.62 7.94
CA ARG A 282 -3.33 18.38 7.62
C ARG A 282 -4.03 17.54 6.57
N LEU A 283 -4.85 18.17 5.72
CA LEU A 283 -5.49 17.53 4.58
C LEU A 283 -6.54 16.50 5.00
N TYR A 284 -6.66 16.24 6.30
CA TYR A 284 -7.76 15.45 6.84
C TYR A 284 -8.16 16.12 8.15
N ASP A 285 -9.05 17.11 8.06
CA ASP A 285 -9.40 17.94 9.20
C ASP A 285 -10.81 18.46 9.00
N ARG A 286 -11.19 19.45 9.81
CA ARG A 286 -12.52 20.04 9.76
C ARG A 286 -12.45 21.54 9.50
N GLN A 287 -11.43 21.99 8.77
CA GLN A 287 -11.29 23.37 8.32
C GLN A 287 -11.28 24.34 9.51
N ASN A 288 -10.20 24.23 10.29
CA ASN A 288 -9.96 25.15 11.39
C ASN A 288 -8.95 26.23 11.05
N GLY A 289 -8.53 26.33 9.79
CA GLY A 289 -7.56 27.31 9.37
C GLY A 289 -8.23 28.49 8.69
N LEU A 290 -8.12 29.66 9.30
CA LEU A 290 -8.78 30.87 8.83
C LEU A 290 -7.76 31.94 8.50
N VAL A 291 -7.97 32.62 7.37
CA VAL A 291 -7.25 33.84 7.03
C VAL A 291 -8.29 34.86 6.60
N LEU A 292 -8.39 35.97 7.32
CA LEU A 292 -9.45 36.95 7.13
C LEU A 292 -8.85 38.31 6.80
N SER A 293 -9.61 39.13 6.07
CA SER A 293 -9.11 40.41 5.61
C SER A 293 -10.26 41.41 5.49
N ARG A 294 -9.91 42.68 5.42
CA ARG A 294 -10.88 43.76 5.29
C ARG A 294 -10.18 45.05 4.91
N MET A 295 -10.86 45.86 4.11
CA MET A 295 -10.40 47.20 3.74
C MET A 295 -11.55 48.19 3.91
N ASN A 296 -11.24 49.38 4.40
CA ASN A 296 -12.21 50.41 4.73
C ASN A 296 -11.84 51.74 4.11
N LEU A 297 -12.81 52.39 3.48
CA LEU A 297 -12.69 53.76 3.03
C LEU A 297 -13.93 54.53 3.47
N THR A 298 -13.73 55.78 3.87
CA THR A 298 -14.84 56.62 4.33
C THR A 298 -14.51 58.07 4.06
N LEU A 299 -15.48 58.80 3.51
CA LEU A 299 -15.25 60.18 3.10
C LEU A 299 -15.04 61.07 4.31
N ALA A 300 -14.11 62.02 4.20
CA ALA A 300 -13.80 62.94 5.27
C ALA A 300 -14.02 64.39 4.89
N LYS A 301 -13.53 64.82 3.72
CA LYS A 301 -13.63 66.21 3.30
C LYS A 301 -14.10 66.29 1.86
N MET A 302 -14.72 67.42 1.54
CA MET A 302 -15.32 67.67 0.22
C MET A 302 -15.27 69.18 0.01
N GLU A 303 -14.25 69.65 -0.69
CA GLU A 303 -14.05 71.09 -0.81
C GLU A 303 -13.11 71.38 -1.98
N LYS A 304 -12.99 72.66 -2.28
CA LYS A 304 -12.30 73.11 -3.48
C LYS A 304 -10.78 72.88 -3.38
N THR A 305 -10.17 72.57 -4.51
CA THR A 305 -8.73 72.41 -4.56
C THR A 305 -8.03 73.74 -4.27
N SER A 306 -6.87 73.65 -3.63
CA SER A 306 -6.08 74.82 -3.28
C SER A 306 -4.77 74.90 -4.06
N LYS A 307 -3.94 73.86 -3.99
CA LYS A 307 -2.69 73.79 -4.74
C LYS A 307 -2.64 72.46 -5.48
N PRO A 308 -2.37 72.47 -6.78
CA PRO A 308 -2.25 71.20 -7.52
C PRO A 308 -1.09 70.37 -6.99
N LEU A 309 -1.27 69.06 -7.01
CA LEU A 309 -0.22 68.17 -6.56
C LEU A 309 0.91 68.15 -7.58
N PRO A 310 2.16 68.02 -7.14
CA PRO A 310 3.30 68.03 -8.08
C PRO A 310 3.20 66.90 -9.08
N MET A 311 3.55 67.21 -10.33
CA MET A 311 3.56 66.21 -11.38
C MET A 311 4.66 65.19 -11.14
N VAL A 312 4.35 63.92 -11.41
CA VAL A 312 5.35 62.86 -11.30
C VAL A 312 6.38 63.03 -12.42
N ASP A 313 7.66 62.99 -12.05
CA ASP A 313 8.73 63.24 -13.00
C ASP A 313 9.32 61.98 -13.60
N ASN A 314 8.92 60.80 -13.13
CA ASN A 314 9.42 59.52 -13.65
C ASN A 314 8.26 58.58 -13.89
N PRO A 315 7.50 58.78 -15.00
CA PRO A 315 6.44 57.82 -15.34
C PRO A 315 6.83 56.36 -15.25
N GLU A 316 6.11 55.59 -14.44
CA GLU A 316 6.26 54.14 -14.34
C GLU A 316 4.85 53.55 -14.36
N SER A 317 4.33 53.28 -15.55
CA SER A 317 3.02 52.65 -15.65
C SER A 317 3.04 51.27 -15.03
N THR A 318 2.04 50.98 -14.21
CA THR A 318 1.95 49.71 -13.50
C THR A 318 0.81 48.83 -13.99
N GLY A 319 0.15 49.23 -15.08
CA GLY A 319 -0.89 48.38 -15.62
C GLY A 319 -2.13 48.34 -14.74
N ASN A 320 -2.87 47.25 -14.88
CA ASN A 320 -4.14 47.08 -14.19
C ASN A 320 -3.89 46.74 -12.72
N LEU A 321 -4.96 46.39 -12.00
CA LEU A 321 -4.92 46.30 -10.55
C LEU A 321 -4.46 44.94 -10.03
N VAL A 322 -4.20 43.96 -10.90
CA VAL A 322 -3.80 42.64 -10.44
C VAL A 322 -2.40 42.70 -9.86
N TYR A 323 -2.01 41.65 -9.13
CA TYR A 323 -0.67 41.57 -8.55
C TYR A 323 0.37 41.43 -9.65
N ILE A 324 1.53 42.06 -9.44
CA ILE A 324 2.63 42.02 -10.39
C ILE A 324 3.89 41.56 -9.67
N TYR A 325 4.68 40.72 -10.35
CA TYR A 325 5.89 40.17 -9.75
C TYR A 325 7.04 41.17 -9.86
N ASN A 326 8.23 40.73 -9.44
CA ASN A 326 9.43 41.55 -9.49
C ASN A 326 10.64 40.62 -9.58
N ASN A 327 11.84 41.20 -9.41
CA ASN A 327 13.08 40.45 -9.45
C ASN A 327 13.64 40.41 -8.04
N PRO A 328 13.77 39.23 -7.43
CA PRO A 328 14.23 39.16 -6.03
C PRO A 328 15.73 39.37 -5.84
N PHE A 329 16.51 39.50 -6.91
CA PHE A 329 17.96 39.59 -6.79
C PHE A 329 18.55 40.89 -7.30
N SER A 330 17.83 41.65 -8.12
CA SER A 330 18.38 42.87 -8.69
C SER A 330 18.61 43.92 -7.61
N ASP A 331 19.79 44.54 -7.63
CA ASP A 331 20.08 45.63 -6.70
C ASP A 331 19.21 46.84 -6.98
N VAL A 332 18.97 47.14 -8.25
CA VAL A 332 18.06 48.22 -8.64
C VAL A 332 16.68 47.62 -8.85
N GLU A 333 15.67 48.24 -8.25
CA GLU A 333 14.32 47.70 -8.30
C GLU A 333 13.82 47.62 -9.74
N GLU A 334 13.28 46.46 -10.11
CA GLU A 334 12.73 46.24 -11.43
C GLU A 334 11.39 45.52 -11.29
N ARG A 335 10.48 45.82 -12.20
CA ARG A 335 9.14 45.26 -12.16
C ARG A 335 8.73 44.79 -13.55
N ARG A 336 7.84 43.80 -13.59
CA ARG A 336 7.32 43.23 -14.83
C ARG A 336 5.85 43.61 -14.93
N VAL A 337 5.58 44.78 -15.49
CA VAL A 337 4.23 45.28 -15.67
C VAL A 337 3.88 45.24 -17.15
N SER A 338 2.78 44.58 -17.48
CA SER A 338 2.34 44.42 -18.86
C SER A 338 1.16 45.33 -19.13
N LYS A 339 1.25 46.11 -20.20
CA LYS A 339 0.19 47.03 -20.62
C LYS A 339 -0.31 46.57 -21.98
N THR A 340 -1.41 45.80 -21.98
CA THR A 340 -1.96 45.30 -23.23
C THR A 340 -2.45 46.44 -24.12
N ALA A 341 -3.13 47.42 -23.54
CA ALA A 341 -3.65 48.58 -24.28
C ALA A 341 -4.53 48.14 -25.44
N MET A 342 -5.35 47.12 -25.19
CA MET A 342 -6.24 46.61 -26.23
C MET A 342 -7.34 47.60 -26.54
N ASN A 343 -7.68 47.72 -27.83
CA ASN A 343 -8.75 48.61 -28.24
C ASN A 343 -10.09 48.16 -27.68
N SER A 344 -10.34 46.85 -27.70
CA SER A 344 -11.58 46.24 -27.20
C SER A 344 -12.75 46.83 -27.97
N ASN A 345 -13.71 47.48 -27.33
CA ASN A 345 -14.87 48.08 -27.99
C ASN A 345 -15.67 47.03 -28.77
N GLN A 346 -16.54 47.50 -29.67
CA GLN A 346 -17.39 46.65 -30.50
C GLN A 346 -18.24 45.79 -29.56
N ILE A 347 -18.27 44.47 -29.72
CA ILE A 347 -19.05 43.61 -28.84
C ILE A 347 -18.17 43.06 -27.72
N SER A 379 -0.43 25.89 -24.12
CA SER A 379 -1.26 27.07 -24.30
C SER A 379 -0.88 27.81 -25.58
N SER A 380 -1.80 28.64 -26.08
CA SER A 380 -1.55 29.41 -27.28
C SER A 380 -0.48 30.47 -27.01
N SER A 381 0.35 30.74 -28.01
CA SER A 381 1.42 31.72 -27.90
C SER A 381 0.82 33.12 -27.98
N GLU A 382 0.80 33.82 -26.85
CA GLU A 382 0.26 35.17 -26.80
C GLU A 382 0.89 35.89 -25.61
N GLU A 383 0.79 37.23 -25.64
CA GLU A 383 1.33 38.03 -24.55
C GLU A 383 0.61 37.72 -23.24
N ASN A 384 -0.73 37.65 -23.28
CA ASN A 384 -1.56 37.32 -22.13
C ASN A 384 -1.24 38.20 -20.93
N ASP A 385 -0.49 37.65 -19.98
CA ASP A 385 -0.11 38.37 -18.77
C ASP A 385 1.39 38.24 -18.56
N PHE A 386 1.95 39.18 -17.81
CA PHE A 386 3.38 39.17 -17.52
C PHE A 386 3.70 38.03 -16.56
N TRP A 387 4.76 37.27 -16.88
CA TRP A 387 5.21 36.16 -16.06
C TRP A 387 6.70 36.31 -15.80
N GLN A 388 7.16 35.71 -14.70
CA GLN A 388 8.57 35.73 -14.38
C GLN A 388 9.35 34.87 -15.38
N PRO A 389 10.57 35.28 -15.74
CA PRO A 389 11.34 34.50 -16.71
C PRO A 389 11.75 33.14 -16.17
N LYS A 390 11.90 32.19 -17.08
CA LYS A 390 12.31 30.84 -16.69
C LYS A 390 13.80 30.84 -16.33
N PRO A 391 14.17 30.31 -15.17
CA PRO A 391 15.58 30.33 -14.77
C PRO A 391 16.41 29.33 -15.56
N THR A 392 17.72 29.56 -15.54
CA THR A 392 18.68 28.67 -16.19
C THR A 392 19.25 27.68 -15.18
N LEU A 393 20.21 26.88 -15.64
CA LEU A 393 20.80 25.86 -14.80
C LEU A 393 21.83 26.40 -13.81
N GLU A 394 22.29 27.63 -14.00
CA GLU A 394 23.24 28.23 -13.07
C GLU A 394 22.59 29.25 -12.14
N ASP A 395 21.60 30.00 -12.61
CA ASP A 395 20.94 31.01 -11.82
C ASP A 395 19.80 30.41 -11.02
N ALA A 396 19.55 31.00 -9.85
CA ALA A 396 18.49 30.52 -8.98
C ALA A 396 17.12 30.88 -9.55
N PRO A 397 16.10 30.06 -9.28
CA PRO A 397 14.75 30.40 -9.73
C PRO A 397 14.23 31.64 -9.02
N GLN A 398 13.31 32.33 -9.68
CA GLN A 398 12.77 33.60 -9.19
C GLN A 398 11.29 33.43 -8.88
N ASN A 399 10.96 33.47 -7.58
CA ASN A 399 9.59 33.46 -7.11
C ASN A 399 9.32 34.73 -6.32
N SER A 400 8.09 35.22 -6.38
CA SER A 400 7.73 36.51 -5.79
C SER A 400 6.72 36.38 -4.66
N LEU A 401 6.52 35.18 -4.12
CA LEU A 401 5.55 34.97 -3.05
C LEU A 401 6.08 34.19 -1.86
N LEU A 402 7.13 33.40 -2.00
CA LEU A 402 7.63 32.60 -0.89
C LEU A 402 8.33 33.49 0.13
N PRO A 403 8.31 33.08 1.41
CA PRO A 403 8.94 33.92 2.45
C PRO A 403 10.42 34.18 2.21
N ASN A 404 11.15 33.19 1.70
CA ASN A 404 12.60 33.35 1.55
C ASN A 404 12.97 34.23 0.36
N PHE A 405 12.11 34.30 -0.65
CA PHE A 405 12.47 35.00 -1.88
C PHE A 405 12.11 36.48 -1.86
N VAL A 406 11.05 36.87 -1.14
CA VAL A 406 10.63 38.27 -1.11
C VAL A 406 10.45 38.73 0.33
N GLY A 407 11.13 38.09 1.26
CA GLY A 407 11.04 38.50 2.65
C GLY A 407 11.64 39.86 2.90
N TYR A 408 12.82 40.11 2.34
CA TYR A 408 13.54 41.37 2.57
C TYR A 408 13.09 42.41 1.54
N LYS A 409 11.94 43.02 1.83
CA LYS A 409 11.42 44.14 1.05
C LYS A 409 11.31 43.77 -0.43
N GLY A 410 10.80 42.58 -0.68
CA GLY A 410 10.63 42.10 -2.04
C GLY A 410 11.88 41.53 -2.68
N LYS A 411 12.93 41.29 -1.90
CA LYS A 411 14.20 40.80 -2.44
C LYS A 411 14.63 39.55 -1.70
N HIS A 412 15.70 38.94 -2.20
CA HIS A 412 16.19 37.68 -1.66
C HIS A 412 16.74 37.88 -0.24
N ILE A 413 16.65 36.82 0.56
CA ILE A 413 16.84 36.95 2.01
C ILE A 413 18.29 37.33 2.34
N GLY A 414 19.25 36.76 1.62
CA GLY A 414 20.65 37.02 1.91
C GLY A 414 21.15 38.39 1.48
N LYS A 415 20.33 39.15 0.77
CA LYS A 415 20.73 40.50 0.37
C LYS A 415 20.94 41.39 1.57
N SER A 416 20.33 41.06 2.71
CA SER A 416 20.41 41.91 3.88
C SER A 416 21.86 42.08 4.35
N GLY A 417 22.62 40.99 4.34
CA GLY A 417 23.96 41.00 4.86
C GLY A 417 24.08 40.64 6.32
N LYS A 418 22.98 40.68 7.07
CA LYS A 418 22.99 40.18 8.43
C LYS A 418 23.11 38.66 8.48
N VAL A 419 22.82 37.98 7.38
CA VAL A 419 23.00 36.54 7.26
C VAL A 419 23.84 36.26 6.02
N ASP A 420 24.83 35.39 6.17
CA ASP A 420 25.60 34.89 5.04
C ASP A 420 25.10 33.50 4.69
N VAL A 421 24.80 33.30 3.41
CA VAL A 421 24.13 32.08 2.99
C VAL A 421 25.03 30.87 3.22
N ILE A 422 26.30 30.97 2.78
CA ILE A 422 27.21 29.84 2.86
C ILE A 422 27.48 29.46 4.31
N ASN A 423 27.76 30.47 5.15
CA ASN A 423 28.06 30.18 6.55
C ASN A 423 26.86 29.59 7.26
N ALA A 424 25.66 30.11 6.96
CA ALA A 424 24.45 29.57 7.59
C ALA A 424 24.24 28.11 7.19
N ALA A 425 24.44 27.79 5.91
CA ALA A 425 24.34 26.41 5.49
C ALA A 425 25.37 25.53 6.19
N LYS A 426 26.59 26.04 6.36
CA LYS A 426 27.63 25.27 7.02
C LYS A 426 27.26 24.95 8.46
N GLU A 427 26.80 25.96 9.21
CA GLU A 427 26.39 25.72 10.59
C GLU A 427 25.22 24.76 10.66
N LEU A 428 24.25 24.90 9.75
CA LEU A 428 23.10 23.99 9.78
C LEU A 428 23.52 22.55 9.51
N ILE A 429 24.38 22.34 8.52
CA ILE A 429 24.81 20.97 8.21
C ILE A 429 25.62 20.39 9.36
N PHE A 430 26.50 21.19 9.96
CA PHE A 430 27.27 20.70 11.09
C PHE A 430 26.36 20.33 12.26
N GLN A 431 25.37 21.17 12.56
CA GLN A 431 24.45 20.87 13.65
C GLN A 431 23.67 19.59 13.39
N ILE A 432 23.15 19.45 12.16
CA ILE A 432 22.37 18.26 11.83
C ILE A 432 23.22 17.01 11.94
N ALA A 433 24.46 17.07 11.43
CA ALA A 433 25.33 15.91 11.50
C ALA A 433 25.67 15.55 12.94
N ASN A 434 26.01 16.55 13.76
CA ASN A 434 26.37 16.27 15.14
C ASN A 434 25.20 15.69 15.92
N GLU A 435 23.99 16.24 15.74
CA GLU A 435 22.85 15.78 16.50
C GLU A 435 22.30 14.44 16.02
N LEU A 436 22.75 13.96 14.87
CA LEU A 436 22.23 12.72 14.32
C LEU A 436 22.91 11.49 14.89
N GLU A 437 23.87 11.66 15.79
CA GLU A 437 24.51 10.55 16.48
C GLU A 437 23.79 10.21 17.78
N ASP A 438 23.41 11.21 18.56
CA ASP A 438 22.61 11.01 19.76
C ASP A 438 21.14 10.99 19.34
N ALA A 439 20.69 9.80 18.93
CA ALA A 439 19.36 9.66 18.37
C ALA A 439 18.25 9.77 19.41
N SER A 440 18.56 9.50 20.68
CA SER A 440 17.53 9.53 21.72
C SER A 440 17.00 10.93 21.96
N ASN A 441 17.72 11.97 21.52
CA ASN A 441 17.30 13.35 21.71
C ASN A 441 16.96 14.03 20.40
N ILE A 442 16.57 13.26 19.39
CA ILE A 442 16.12 13.86 18.13
C ILE A 442 14.87 14.71 18.31
N PRO A 443 13.82 14.25 19.00
CA PRO A 443 12.63 15.10 19.15
C PRO A 443 12.88 16.41 19.87
N VAL A 444 13.80 16.45 20.84
CA VAL A 444 13.98 17.66 21.63
C VAL A 444 14.84 18.70 20.92
N HIS A 445 15.59 18.30 19.89
CA HIS A 445 16.44 19.22 19.16
C HIS A 445 15.81 19.71 17.85
N ALA A 446 14.70 19.11 17.43
CA ALA A 446 14.04 19.47 16.17
C ALA A 446 15.00 19.40 14.99
N THR A 447 15.65 18.24 14.85
CA THR A 447 16.62 18.06 13.78
C THR A 447 15.96 18.04 12.41
N LEU A 448 14.82 17.36 12.28
CA LEU A 448 14.17 17.25 10.97
C LEU A 448 13.68 18.60 10.47
N GLU A 449 13.15 19.42 11.37
CA GLU A 449 12.78 20.78 10.99
C GLU A 449 13.99 21.58 10.54
N LYS A 450 15.14 21.36 11.18
CA LYS A 450 16.37 21.99 10.75
C LYS A 450 16.73 21.54 9.34
N PHE A 451 16.51 20.27 9.03
CA PHE A 451 16.75 19.78 7.68
C PHE A 451 15.87 20.50 6.67
N MET A 452 14.61 20.69 7.00
CA MET A 452 13.72 21.42 6.10
C MET A 452 14.17 22.86 5.92
N ILE A 453 14.60 23.50 7.00
CA ILE A 453 15.08 24.88 6.89
C ILE A 453 16.31 24.95 5.99
N LEU A 454 17.22 23.98 6.14
CA LEU A 454 18.41 23.94 5.30
C LEU A 454 18.04 23.76 3.83
N CYS A 455 17.07 22.90 3.55
CA CYS A 455 16.65 22.71 2.16
C CYS A 455 16.05 24.00 1.59
N ASN A 456 15.22 24.68 2.37
CA ASN A 456 14.65 25.95 1.92
C ASN A 456 15.75 26.96 1.66
N LEU A 457 16.75 27.02 2.53
CA LEU A 457 17.86 27.96 2.34
C LEU A 457 18.63 27.66 1.07
N MET A 458 18.95 26.39 0.82
CA MET A 458 19.71 26.04 -0.37
C MET A 458 18.89 26.13 -1.65
N ARG A 459 17.57 26.22 -1.56
CA ARG A 459 16.80 26.48 -2.76
C ARG A 459 17.10 27.85 -3.38
N THR A 460 17.76 28.74 -2.65
CA THR A 460 18.04 30.08 -3.14
C THR A 460 19.45 30.27 -3.65
N MET A 461 20.36 29.33 -3.39
CA MET A 461 21.74 29.47 -3.80
C MET A 461 21.87 29.34 -5.31
N ASN A 462 23.04 29.74 -5.82
CA ASN A 462 23.46 29.53 -7.19
C ASN A 462 24.61 28.53 -7.23
N ARG A 463 25.05 28.20 -8.45
CA ARG A 463 26.00 27.11 -8.63
C ARG A 463 27.34 27.41 -7.96
N LYS A 464 27.83 28.64 -8.12
CA LYS A 464 29.12 28.99 -7.54
C LYS A 464 29.09 28.88 -6.02
N GLN A 465 27.98 29.25 -5.41
CA GLN A 465 27.89 29.21 -3.94
C GLN A 465 27.91 27.78 -3.43
N ILE A 466 27.16 26.87 -4.05
CA ILE A 466 27.19 25.48 -3.59
C ILE A 466 28.55 24.86 -3.87
N SER A 467 29.19 25.22 -4.99
CA SER A 467 30.54 24.73 -5.24
C SER A 467 31.51 25.22 -4.17
N GLU A 468 31.39 26.49 -3.78
CA GLU A 468 32.26 27.05 -2.75
C GLU A 468 32.01 26.38 -1.41
N LEU A 469 30.75 26.10 -1.08
CA LEU A 469 30.46 25.39 0.17
C LEU A 469 31.03 23.98 0.15
N GLU A 470 30.91 23.29 -0.99
CA GLU A 470 31.48 21.95 -1.11
C GLU A 470 32.99 21.99 -0.92
N SER A 471 33.65 22.99 -1.49
CA SER A 471 35.08 23.15 -1.28
C SER A 471 35.41 23.46 0.18
N ASN A 472 34.59 24.28 0.82
CA ASN A 472 34.88 24.72 2.19
C ASN A 472 34.66 23.60 3.19
N MET A 473 33.73 22.68 2.91
CA MET A 473 33.48 21.58 3.84
C MET A 473 34.68 20.65 3.97
N GLN A 474 35.59 20.65 3.00
CA GLN A 474 36.77 19.80 3.01
C GLN A 474 36.39 18.33 3.17
N ILE A 475 35.38 17.92 2.40
CA ILE A 475 34.84 16.57 2.51
C ILE A 475 34.91 15.89 1.15
N SER A 476 35.32 14.63 1.17
CA SER A 476 35.34 13.78 -0.02
C SER A 476 35.20 12.35 0.45
N PRO A 477 34.01 11.75 0.31
CA PRO A 477 33.78 10.40 0.87
C PRO A 477 34.66 9.33 0.26
N ASN A 478 35.26 9.57 -0.91
CA ASN A 478 36.16 8.59 -1.49
C ASN A 478 37.37 8.33 -0.60
N GLU A 479 37.95 9.40 -0.04
CA GLU A 479 39.08 9.25 0.86
C GLU A 479 38.67 8.75 2.23
N LEU A 480 37.38 8.83 2.58
CA LEU A 480 36.92 8.39 3.88
C LEU A 480 36.98 6.86 3.99
N LYS A 481 37.14 6.38 5.22
CA LYS A 481 37.14 4.95 5.47
C LYS A 481 35.72 4.48 5.66
N PRO A 482 35.19 3.59 4.81
CA PRO A 482 33.77 3.23 4.90
C PRO A 482 33.36 2.60 6.23
N ASN A 483 34.24 1.82 6.86
CA ASN A 483 33.87 1.07 8.05
C ASN A 483 34.54 1.58 9.31
N ASP A 484 35.13 2.78 9.28
CA ASP A 484 35.78 3.32 10.46
C ASP A 484 34.75 3.86 11.45
N LYS A 485 35.13 3.84 12.72
CA LYS A 485 34.31 4.38 13.79
C LYS A 485 34.68 5.82 14.15
N SER A 486 35.88 6.27 13.78
CA SER A 486 36.30 7.62 14.13
C SER A 486 35.56 8.67 13.31
N GLN A 487 35.44 8.46 12.00
CA GLN A 487 34.90 9.50 11.13
C GLN A 487 33.38 9.40 10.96
N VAL A 488 32.70 9.21 12.10
CA VAL A 488 31.25 9.14 12.08
C VAL A 488 30.65 10.50 11.73
N ILE A 489 31.17 11.56 12.34
CA ILE A 489 30.64 12.90 12.08
C ILE A 489 30.91 13.31 10.63
N LYS A 490 32.07 12.94 10.09
CA LYS A 490 32.37 13.28 8.71
C LYS A 490 31.45 12.52 7.74
N GLN A 491 31.23 11.23 7.99
CA GLN A 491 30.32 10.48 7.14
C GLN A 491 28.91 11.05 7.23
N ASN A 492 28.50 11.47 8.43
CA ASN A 492 27.19 12.07 8.59
C ASN A 492 27.08 13.39 7.85
N THR A 493 28.16 14.18 7.86
CA THR A 493 28.19 15.43 7.10
C THR A 493 27.97 15.16 5.62
N TRP A 494 28.68 14.17 5.08
CA TRP A 494 28.49 13.82 3.67
C TRP A 494 27.07 13.38 3.41
N THR A 495 26.50 12.55 4.29
CA THR A 495 25.17 12.03 4.09
C THR A 495 24.13 13.15 4.08
N VAL A 496 24.22 14.08 5.05
CA VAL A 496 23.23 15.14 5.14
C VAL A 496 23.37 16.10 3.97
N PHE A 497 24.60 16.40 3.56
CA PHE A 497 24.79 17.27 2.39
C PHE A 497 24.21 16.64 1.14
N ARG A 498 24.44 15.34 0.95
CA ARG A 498 23.90 14.65 -0.21
C ARG A 498 22.38 14.65 -0.19
N ASP A 499 21.78 14.39 0.98
CA ASP A 499 20.32 14.38 1.07
C ASP A 499 19.74 15.76 0.78
N ALA A 500 20.37 16.81 1.30
CA ALA A 500 19.89 18.15 1.03
C ALA A 500 19.97 18.49 -0.45
N ILE A 501 21.06 18.08 -1.11
CA ILE A 501 21.18 18.32 -2.54
C ILE A 501 20.07 17.58 -3.30
N THR A 502 19.77 16.35 -2.89
CA THR A 502 18.68 15.62 -3.54
C THR A 502 17.34 16.32 -3.36
N GLN A 503 17.08 16.84 -2.16
CA GLN A 503 15.77 17.42 -1.87
C GLN A 503 15.65 18.88 -2.30
N THR A 504 16.74 19.54 -2.73
CA THR A 504 16.64 20.94 -3.11
C THR A 504 15.80 21.11 -4.37
N GLY A 505 16.06 20.31 -5.39
CA GLY A 505 15.28 20.38 -6.61
C GLY A 505 15.42 21.65 -7.43
N THR A 506 16.65 22.13 -7.62
CA THR A 506 16.92 23.28 -8.46
C THR A 506 17.99 22.92 -9.48
N GLY A 507 18.23 23.83 -10.42
CA GLY A 507 19.20 23.64 -11.47
C GLY A 507 20.61 23.43 -10.97
N PRO A 508 21.08 24.32 -10.08
CA PRO A 508 22.39 24.11 -9.47
C PRO A 508 22.55 22.77 -8.78
N ALA A 509 21.50 22.28 -8.13
CA ALA A 509 21.58 20.97 -7.48
C ALA A 509 21.83 19.86 -8.51
N PHE A 510 21.14 19.92 -9.64
CA PHE A 510 21.36 18.90 -10.66
C PHE A 510 22.74 19.03 -11.28
N LEU A 511 23.24 20.25 -11.47
CA LEU A 511 24.61 20.41 -11.96
C LEU A 511 25.61 19.79 -10.99
N THR A 512 25.39 19.98 -9.69
CA THR A 512 26.26 19.36 -8.69
C THR A 512 26.20 17.84 -8.77
N ILE A 513 25.00 17.28 -8.96
CA ILE A 513 24.88 15.82 -9.03
C ILE A 513 25.57 15.29 -10.29
N LYS A 514 25.45 16.00 -11.40
CA LYS A 514 26.15 15.62 -12.62
C LYS A 514 27.66 15.65 -12.42
N GLU A 515 28.16 16.69 -11.76
CA GLU A 515 29.59 16.77 -11.45
C GLU A 515 30.03 15.63 -10.55
N TRP A 516 29.20 15.26 -9.57
CA TRP A 516 29.53 14.16 -8.67
C TRP A 516 29.65 12.85 -9.44
N ILE A 517 28.63 12.51 -10.23
CA ILE A 517 28.62 11.21 -10.89
C ILE A 517 29.67 11.13 -11.99
N GLU A 518 29.83 12.20 -12.77
CA GLU A 518 30.77 12.15 -13.88
C GLU A 518 32.21 11.95 -13.41
N ARG A 519 32.61 12.66 -12.36
CA ARG A 519 33.95 12.49 -11.82
C ARG A 519 34.06 11.29 -10.89
N GLY A 520 32.94 10.74 -10.45
CA GLY A 520 32.97 9.49 -9.70
C GLY A 520 33.11 9.62 -8.20
N THR A 521 32.18 10.33 -7.56
CA THR A 521 32.10 10.36 -6.11
C THR A 521 31.04 9.42 -5.53
N THR A 522 29.99 9.13 -6.30
CA THR A 522 29.00 8.13 -5.94
C THR A 522 28.93 7.11 -7.06
N LYS A 523 29.24 5.85 -6.75
CA LYS A 523 29.49 4.89 -7.82
C LYS A 523 28.23 4.25 -8.37
N SER A 524 27.56 3.40 -7.59
CA SER A 524 26.36 2.75 -8.11
C SER A 524 25.12 2.96 -7.24
N MET A 525 25.20 2.52 -5.99
CA MET A 525 24.02 2.49 -5.15
C MET A 525 23.61 3.89 -4.71
N GLU A 526 24.58 4.71 -4.30
CA GLU A 526 24.27 6.08 -3.92
C GLU A 526 23.68 6.85 -5.09
N ALA A 527 24.25 6.70 -6.28
CA ALA A 527 23.75 7.44 -7.43
C ALA A 527 22.34 7.00 -7.80
N ALA A 528 22.08 5.70 -7.79
CA ALA A 528 20.75 5.22 -8.13
C ALA A 528 19.73 5.66 -7.08
N ASN A 529 20.11 5.61 -5.80
CA ASN A 529 19.20 6.09 -4.77
C ASN A 529 18.94 7.59 -4.91
N ILE A 530 19.95 8.36 -5.34
CA ILE A 530 19.77 9.79 -5.55
C ILE A 530 18.78 10.03 -6.68
N MET A 531 18.94 9.32 -7.80
CA MET A 531 18.03 9.55 -8.92
C MET A 531 16.68 8.88 -8.75
N SER A 532 16.51 8.01 -7.76
CA SER A 532 15.18 7.48 -7.49
C SER A 532 14.27 8.52 -6.84
N LYS A 533 14.84 9.59 -6.29
CA LYS A 533 14.05 10.61 -5.60
C LYS A 533 13.88 11.88 -6.41
N LEU A 534 14.60 12.02 -7.52
CA LEU A 534 14.49 13.24 -8.32
C LEU A 534 13.10 13.47 -8.93
N PRO A 535 12.41 12.49 -9.51
CA PRO A 535 11.14 12.80 -10.20
C PRO A 535 10.08 13.39 -9.31
N LYS A 536 10.20 13.25 -7.99
CA LYS A 536 9.18 13.73 -7.06
C LYS A 536 9.70 14.83 -6.15
N THR A 537 10.75 15.54 -6.58
CA THR A 537 11.31 16.63 -5.79
C THR A 537 11.49 17.87 -6.63
N VAL A 538 11.73 17.70 -7.94
CA VAL A 538 12.01 18.83 -8.81
C VAL A 538 10.81 19.78 -8.83
N ARG A 539 11.10 21.07 -8.81
CA ARG A 539 10.06 22.10 -8.76
C ARG A 539 9.65 22.55 -10.15
N THR A 540 10.59 23.04 -10.95
CA THR A 540 10.32 23.60 -12.27
C THR A 540 11.13 22.82 -13.30
N PRO A 541 10.57 21.76 -13.87
CA PRO A 541 11.28 21.06 -14.95
C PRO A 541 11.32 21.89 -16.23
N THR A 542 12.49 22.43 -16.55
CA THR A 542 12.69 23.26 -17.72
C THR A 542 13.25 22.41 -18.86
N ASP A 543 13.37 23.03 -20.04
CA ASP A 543 13.85 22.31 -21.21
C ASP A 543 15.35 22.03 -21.11
N SER A 544 16.13 23.03 -20.72
CA SER A 544 17.57 22.84 -20.59
C SER A 544 17.92 21.88 -19.46
N TYR A 545 17.12 21.85 -18.40
CA TYR A 545 17.29 20.87 -17.34
C TYR A 545 17.19 19.45 -17.89
N ILE A 546 16.15 19.18 -18.68
CA ILE A 546 15.96 17.85 -19.25
C ILE A 546 17.05 17.54 -20.28
N ARG A 547 17.49 18.55 -21.04
CA ARG A 547 18.57 18.33 -21.98
C ARG A 547 19.85 17.92 -21.27
N SER A 548 20.17 18.59 -20.16
CA SER A 548 21.34 18.20 -19.37
C SER A 548 21.18 16.79 -18.81
N PHE A 549 19.98 16.45 -18.36
CA PHE A 549 19.74 15.11 -17.83
C PHE A 549 19.97 14.05 -18.89
N PHE A 550 19.50 14.32 -20.11
CA PHE A 550 19.72 13.40 -21.23
C PHE A 550 21.20 13.29 -21.57
N GLU A 551 21.91 14.41 -21.55
CA GLU A 551 23.35 14.37 -21.81
C GLU A 551 24.07 13.51 -20.78
N LEU A 552 23.64 13.59 -19.52
CA LEU A 552 24.19 12.70 -18.50
C LEU A 552 23.83 11.26 -18.78
N LEU A 553 22.60 11.01 -19.24
CA LEU A 553 22.18 9.66 -19.57
C LEU A 553 23.00 9.07 -20.71
N GLN A 554 23.58 9.91 -21.57
CA GLN A 554 24.44 9.45 -22.66
C GLN A 554 25.91 9.37 -22.26
N ASN A 555 26.20 9.18 -20.97
CA ASN A 555 27.59 9.11 -20.51
C ASN A 555 28.00 7.66 -20.27
N PRO A 556 29.23 7.31 -20.65
CA PRO A 556 29.69 5.91 -20.46
C PRO A 556 29.74 5.46 -19.01
N LYS A 557 29.81 6.37 -18.06
CA LYS A 557 29.88 5.96 -16.66
C LYS A 557 28.52 5.60 -16.08
N VAL A 558 27.44 5.83 -16.81
CA VAL A 558 26.10 5.48 -16.36
C VAL A 558 25.51 4.34 -17.17
N SER A 559 25.76 4.33 -18.49
CA SER A 559 25.20 3.30 -19.35
C SER A 559 25.78 1.92 -19.03
N ASN A 560 27.09 1.85 -18.80
CA ASN A 560 27.74 0.56 -18.62
C ASN A 560 27.24 -0.16 -17.38
N GLU A 561 27.07 0.56 -16.27
CA GLU A 561 26.49 -0.04 -15.08
C GLU A 561 25.02 -0.34 -15.33
N GLN A 562 24.45 -1.21 -14.49
CA GLN A 562 23.09 -1.68 -14.68
C GLN A 562 22.08 -0.96 -13.79
N PHE A 563 22.28 -1.02 -12.47
CA PHE A 563 21.26 -0.54 -11.55
C PHE A 563 21.12 0.98 -11.63
N LEU A 564 22.25 1.68 -11.73
CA LEU A 564 22.22 3.12 -11.94
C LEU A 564 21.55 3.46 -13.27
N ASN A 565 21.82 2.68 -14.32
CA ASN A 565 21.25 2.97 -15.62
C ASN A 565 19.74 2.83 -15.62
N THR A 566 19.22 1.74 -15.03
CA THR A 566 17.77 1.57 -14.99
C THR A 566 17.11 2.66 -14.15
N ALA A 567 17.72 3.01 -13.00
CA ALA A 567 17.15 4.08 -12.19
C ALA A 567 17.10 5.39 -12.96
N ALA A 568 18.20 5.72 -13.65
CA ALA A 568 18.27 6.99 -14.37
C ALA A 568 17.25 7.03 -15.51
N THR A 569 17.14 5.95 -16.28
CA THR A 569 16.21 5.96 -17.40
C THR A 569 14.77 6.08 -16.92
N LEU A 570 14.41 5.37 -15.85
CA LEU A 570 13.05 5.49 -15.34
C LEU A 570 12.76 6.90 -14.84
N SER A 571 13.73 7.52 -14.15
CA SER A 571 13.52 8.89 -13.70
C SER A 571 13.36 9.84 -14.89
N PHE A 572 14.16 9.65 -15.93
CA PHE A 572 14.04 10.47 -17.14
C PHE A 572 12.64 10.38 -17.72
N CYS A 573 12.15 9.15 -17.89
CA CYS A 573 10.83 8.97 -18.49
C CYS A 573 9.73 9.58 -17.62
N GLU A 574 9.82 9.38 -16.30
CA GLU A 574 8.80 9.93 -15.41
C GLU A 574 8.78 11.45 -15.47
N MET A 575 9.96 12.08 -15.42
CA MET A 575 10.00 13.53 -15.45
C MET A 575 9.51 14.07 -16.79
N ILE A 576 9.85 13.41 -17.89
CA ILE A 576 9.33 13.82 -19.19
C ILE A 576 7.81 13.76 -19.20
N HIS A 577 7.25 12.66 -18.70
CA HIS A 577 5.80 12.51 -18.69
C HIS A 577 5.13 13.61 -17.90
N ASN A 578 5.58 13.82 -16.66
CA ASN A 578 4.99 14.85 -15.81
C ASN A 578 5.13 16.23 -16.44
N ALA A 579 6.30 16.54 -17.01
CA ALA A 579 6.57 17.89 -17.45
C ALA A 579 5.81 18.24 -18.73
N GLN A 580 5.67 17.28 -19.64
CA GLN A 580 5.08 17.67 -20.93
C GLN A 580 3.91 16.81 -21.35
N VAL A 581 3.96 15.50 -21.08
CA VAL A 581 3.03 14.57 -21.71
C VAL A 581 1.59 14.86 -21.28
N ASN A 582 1.37 15.04 -19.99
CA ASN A 582 0.04 15.26 -19.45
C ASN A 582 -0.18 16.74 -19.17
N LYS A 583 -1.15 17.34 -19.86
CA LYS A 583 -1.46 18.74 -19.64
C LYS A 583 -2.08 18.97 -18.26
N ARG A 584 -2.84 18.00 -17.76
CA ARG A 584 -3.39 18.12 -16.40
C ARG A 584 -2.28 18.14 -15.37
N SER A 585 -1.25 17.31 -15.55
CA SER A 585 -0.10 17.34 -14.65
C SER A 585 0.61 18.69 -14.73
N ILE A 586 0.69 19.27 -15.92
CA ILE A 586 1.31 20.59 -16.07
C ILE A 586 0.50 21.64 -15.31
N HIS A 587 -0.83 21.60 -15.45
CA HIS A 587 -1.67 22.64 -14.87
C HIS A 587 -1.77 22.51 -13.36
N ASN A 588 -1.82 21.29 -12.85
CA ASN A 588 -2.08 21.09 -11.42
C ASN A 588 -0.80 20.98 -10.59
N ASN A 589 0.11 20.08 -10.99
CA ASN A 589 1.30 19.81 -10.19
C ASN A 589 2.39 20.86 -10.34
N TYR A 590 2.25 21.79 -11.27
CA TYR A 590 3.29 22.79 -11.48
C TYR A 590 2.67 24.18 -11.54
N PRO A 591 3.42 25.21 -11.10
CA PRO A 591 2.90 26.60 -11.11
C PRO A 591 3.03 27.29 -12.46
N VAL A 592 2.07 27.02 -13.34
CA VAL A 592 2.09 27.60 -14.68
C VAL A 592 1.81 29.10 -14.63
N HIS A 593 0.96 29.54 -13.69
CA HIS A 593 0.57 30.95 -13.66
C HIS A 593 1.75 31.86 -13.35
N THR A 594 2.62 31.46 -12.43
CA THR A 594 3.76 32.29 -12.05
C THR A 594 4.93 32.19 -13.02
N PHE A 595 4.88 31.28 -13.99
CA PHE A 595 5.99 31.10 -14.91
C PHE A 595 5.55 30.94 -16.37
N GLY A 596 4.28 31.15 -16.67
CA GLY A 596 3.80 31.02 -18.04
C GLY A 596 3.70 29.58 -18.50
N THR A 599 7.41 24.07 -21.41
CA THR A 599 7.48 23.30 -22.65
C THR A 599 6.66 23.95 -23.74
N SER A 600 7.33 24.66 -24.65
CA SER A 600 6.65 25.33 -25.74
C SER A 600 6.09 24.31 -26.73
N LYS A 601 5.02 24.71 -27.43
CA LYS A 601 4.45 23.85 -28.46
C LYS A 601 5.43 23.65 -29.61
N HIS A 602 6.17 24.69 -29.97
CA HIS A 602 7.15 24.59 -31.04
C HIS A 602 8.35 23.73 -30.66
N ASP A 603 8.53 23.43 -29.37
CA ASP A 603 9.64 22.60 -28.91
C ASP A 603 9.26 21.14 -29.10
N ASN A 604 9.38 20.67 -30.34
CA ASN A 604 9.11 19.29 -30.70
C ASN A 604 10.30 18.38 -30.46
N SER A 605 11.23 18.80 -29.60
CA SER A 605 12.43 18.02 -29.37
C SER A 605 12.15 16.68 -28.72
N LEU A 606 11.02 16.55 -28.01
CA LEU A 606 10.72 15.32 -27.30
C LEU A 606 10.75 14.11 -28.22
N TYR A 607 9.86 14.10 -29.21
CA TYR A 607 9.72 12.94 -30.08
C TYR A 607 11.05 12.59 -30.74
N ASP A 608 11.55 13.50 -31.59
CA ASP A 608 12.72 13.21 -32.41
C ASP A 608 13.94 12.90 -31.55
N GLU A 609 14.15 13.67 -30.48
CA GLU A 609 15.36 13.53 -29.69
C GLU A 609 15.33 12.30 -28.78
N TYR A 610 14.17 11.93 -28.23
CA TYR A 610 14.11 10.94 -27.17
C TYR A 610 13.54 9.60 -27.60
N ILE A 611 12.44 9.58 -28.35
CA ILE A 611 11.82 8.29 -28.70
C ILE A 611 12.76 7.41 -29.53
N PRO A 612 13.45 7.91 -30.55
CA PRO A 612 14.43 7.05 -31.24
C PRO A 612 15.51 6.52 -30.34
N PHE A 613 15.92 7.26 -29.31
CA PHE A 613 16.93 6.76 -28.40
C PHE A 613 16.47 5.48 -27.71
N LEU A 614 15.29 5.53 -27.09
CA LEU A 614 14.77 4.36 -26.41
C LEU A 614 14.46 3.24 -27.40
N GLU A 615 13.96 3.58 -28.58
CA GLU A 615 13.69 2.55 -29.59
C GLU A 615 14.95 1.81 -29.98
N ARG A 616 16.00 2.55 -30.35
CA ARG A 616 17.24 1.93 -30.78
C ARG A 616 17.86 1.11 -29.66
N GLU A 617 17.84 1.63 -28.43
CA GLU A 617 18.51 0.90 -27.37
C GLU A 617 17.71 -0.32 -26.94
N LEU A 618 16.38 -0.27 -27.03
CA LEU A 618 15.58 -1.47 -26.81
C LEU A 618 15.84 -2.52 -27.87
N ARG A 619 15.96 -2.10 -29.14
CA ARG A 619 16.29 -3.05 -30.19
C ARG A 619 17.65 -3.69 -29.95
N LYS A 620 18.64 -2.89 -29.56
CA LYS A 620 19.96 -3.43 -29.27
C LYS A 620 19.93 -4.39 -28.10
N ALA A 621 19.16 -4.06 -27.06
CA ALA A 621 19.04 -4.95 -25.91
C ALA A 621 18.37 -6.26 -26.30
N HIS A 622 17.36 -6.20 -27.16
CA HIS A 622 16.70 -7.41 -27.63
C HIS A 622 17.66 -8.28 -28.44
N GLN A 623 18.50 -7.66 -29.27
CA GLN A 623 19.49 -8.42 -30.02
C GLN A 623 20.45 -9.15 -29.09
N GLU A 624 20.94 -8.46 -28.06
CA GLU A 624 21.91 -9.04 -27.15
C GLU A 624 21.30 -10.11 -26.25
N LYS A 625 19.97 -10.17 -26.18
CA LYS A 625 19.26 -11.13 -25.34
C LYS A 625 19.62 -10.95 -23.87
N ASP A 626 19.36 -9.74 -23.37
CA ASP A 626 19.66 -9.35 -22.00
C ASP A 626 18.35 -8.98 -21.33
N SER A 627 17.87 -9.83 -20.42
CA SER A 627 16.54 -9.66 -19.86
C SER A 627 16.38 -8.37 -19.03
N PRO A 628 17.26 -8.03 -18.09
CA PRO A 628 17.05 -6.79 -17.31
C PRO A 628 16.94 -5.55 -18.18
N ARG A 629 17.75 -5.45 -19.23
CA ARG A 629 17.68 -4.29 -20.10
C ARG A 629 16.33 -4.22 -20.81
N ILE A 630 15.85 -5.37 -21.29
CA ILE A 630 14.57 -5.39 -21.99
C ILE A 630 13.44 -4.97 -21.04
N GLN A 631 13.45 -5.52 -19.82
CA GLN A 631 12.41 -5.16 -18.86
C GLN A 631 12.45 -3.67 -18.54
N THR A 632 13.65 -3.13 -18.30
CA THR A 632 13.78 -1.73 -17.96
C THR A 632 13.27 -0.83 -19.08
N TYR A 633 13.65 -1.13 -20.32
CA TYR A 633 13.32 -0.22 -21.40
C TYR A 633 11.85 -0.34 -21.81
N ILE A 634 11.28 -1.55 -21.72
CA ILE A 634 9.83 -1.68 -21.93
C ILE A 634 9.08 -0.89 -20.87
N MET A 635 9.50 -0.97 -19.61
CA MET A 635 8.82 -0.23 -18.55
C MET A 635 8.95 1.27 -18.77
N ALA A 636 10.12 1.74 -19.20
CA ALA A 636 10.30 3.16 -19.45
C ALA A 636 9.41 3.65 -20.60
N LEU A 637 9.43 2.95 -21.72
CA LEU A 637 8.60 3.36 -22.85
C LEU A 637 7.12 3.30 -22.50
N GLY A 638 6.72 2.37 -21.64
CA GLY A 638 5.35 2.38 -21.16
C GLY A 638 5.08 3.58 -20.26
N MET A 639 6.06 3.97 -19.45
CA MET A 639 5.87 5.03 -18.47
C MET A 639 5.89 6.41 -19.09
N ILE A 640 6.40 6.56 -20.31
CA ILE A 640 6.34 7.86 -20.97
C ILE A 640 4.88 8.26 -21.23
N GLY A 641 4.03 7.28 -21.54
CA GLY A 641 2.60 7.50 -21.64
C GLY A 641 2.08 8.34 -22.79
N GLU A 642 2.50 8.03 -24.01
CA GLU A 642 2.04 8.72 -25.21
C GLU A 642 1.57 7.70 -26.24
N PRO A 643 0.68 8.10 -27.14
CA PRO A 643 0.21 7.16 -28.17
C PRO A 643 1.30 6.66 -29.11
N LYS A 644 2.44 7.35 -29.22
CA LYS A 644 3.51 6.90 -30.10
C LYS A 644 4.10 5.57 -29.63
N ILE A 645 3.94 5.23 -28.36
CA ILE A 645 4.43 3.94 -27.89
C ILE A 645 3.68 2.79 -28.55
N LEU A 646 2.46 3.02 -29.03
CA LEU A 646 1.76 1.98 -29.77
C LEU A 646 2.47 1.68 -31.09
N SER A 647 2.88 2.72 -31.82
CA SER A 647 3.67 2.50 -33.02
C SER A 647 5.04 1.93 -32.69
N VAL A 648 5.56 2.24 -31.50
CA VAL A 648 6.82 1.65 -31.06
C VAL A 648 6.66 0.15 -30.86
N PHE A 649 5.58 -0.27 -30.22
CA PHE A 649 5.38 -1.66 -29.82
C PHE A 649 4.78 -2.53 -30.92
N GLU A 650 4.12 -1.94 -31.92
CA GLU A 650 3.41 -2.76 -32.90
C GLU A 650 4.30 -3.71 -33.70
N PRO A 651 5.60 -3.47 -33.88
CA PRO A 651 6.46 -4.53 -34.42
C PRO A 651 6.89 -5.57 -33.41
N TYR A 652 6.38 -5.51 -32.17
CA TYR A 652 6.69 -6.48 -31.13
C TYR A 652 5.51 -7.34 -30.75
N LEU A 653 4.39 -6.71 -30.40
CA LEU A 653 3.21 -7.45 -29.96
C LEU A 653 2.64 -8.30 -31.10
N GLU A 654 2.65 -7.77 -32.32
CA GLU A 654 2.00 -8.45 -33.44
C GLU A 654 2.64 -9.82 -33.70
N GLY A 655 3.96 -9.89 -33.68
CA GLY A 655 4.62 -11.16 -33.87
C GLY A 655 5.80 -11.11 -34.83
N LYS A 656 6.11 -9.91 -35.33
CA LYS A 656 7.25 -9.76 -36.22
C LYS A 656 8.57 -10.01 -35.52
N GLN A 657 8.61 -9.91 -34.20
CA GLN A 657 9.82 -10.18 -33.43
C GLN A 657 9.49 -11.17 -32.32
N GLN A 658 10.35 -12.17 -32.16
CA GLN A 658 10.13 -13.18 -31.15
C GLN A 658 10.23 -12.57 -29.76
N MET A 659 9.44 -13.10 -28.83
CA MET A 659 9.36 -12.52 -27.50
C MET A 659 8.78 -13.56 -26.55
N THR A 660 9.31 -13.63 -25.33
CA THR A 660 8.85 -14.57 -24.35
C THR A 660 7.51 -14.12 -23.73
N VAL A 661 6.91 -15.01 -22.95
CA VAL A 661 5.64 -14.69 -22.31
C VAL A 661 5.83 -13.64 -21.23
N PHE A 662 6.95 -13.69 -20.50
CA PHE A 662 7.22 -12.68 -19.48
C PHE A 662 7.32 -11.30 -20.08
N GLN A 663 8.05 -11.19 -21.18
CA GLN A 663 8.19 -9.91 -21.86
C GLN A 663 6.86 -9.44 -22.45
N ARG A 664 6.07 -10.38 -22.98
CA ARG A 664 4.76 -10.01 -23.52
C ARG A 664 3.83 -9.49 -22.43
N THR A 665 3.79 -10.16 -21.27
CA THR A 665 2.91 -9.68 -20.22
C THR A 665 3.39 -8.36 -19.64
N LEU A 666 4.71 -8.15 -19.58
CA LEU A 666 5.20 -6.84 -19.16
C LEU A 666 4.82 -5.75 -20.16
N MET A 667 4.92 -6.03 -21.46
CA MET A 667 4.52 -5.05 -22.46
C MET A 667 3.03 -4.74 -22.36
N VAL A 668 2.19 -5.75 -22.16
CA VAL A 668 0.75 -5.50 -22.04
C VAL A 668 0.47 -4.68 -20.79
N GLY A 669 1.09 -5.02 -19.67
CA GLY A 669 0.87 -4.27 -18.45
C GLY A 669 1.41 -2.85 -18.48
N SER A 670 2.39 -2.58 -19.35
CA SER A 670 2.95 -1.25 -19.44
C SER A 670 2.00 -0.23 -20.02
N LEU A 671 0.87 -0.65 -20.59
CA LEU A 671 -0.10 0.26 -21.18
C LEU A 671 -1.02 0.90 -20.16
N GLY A 672 -0.67 0.86 -18.87
CA GLY A 672 -1.55 1.43 -17.86
C GLY A 672 -1.70 2.93 -17.99
N LYS A 673 -0.60 3.63 -18.26
CA LYS A 673 -0.64 5.10 -18.33
C LYS A 673 -1.39 5.59 -19.56
N LEU A 674 -1.49 4.79 -20.61
CA LEU A 674 -2.21 5.25 -21.81
C LEU A 674 -3.70 5.25 -21.59
N THR A 675 -4.22 4.39 -20.71
CA THR A 675 -5.65 4.37 -20.44
C THR A 675 -6.11 5.63 -19.71
N GLU A 676 -5.26 6.19 -18.85
CA GLU A 676 -5.63 7.39 -18.09
C GLU A 676 -5.53 8.67 -18.91
N THR A 677 -4.96 8.63 -20.10
CA THR A 677 -4.85 9.80 -20.96
C THR A 677 -5.75 9.71 -22.18
N ASN A 678 -5.73 8.59 -22.90
CA ASN A 678 -6.57 8.37 -24.08
C ASN A 678 -7.32 7.07 -23.86
N PRO A 679 -8.40 7.08 -23.08
CA PRO A 679 -9.05 5.82 -22.69
C PRO A 679 -9.57 4.99 -23.85
N LYS A 680 -10.07 5.64 -24.90
CA LYS A 680 -10.73 4.89 -25.96
C LYS A 680 -9.76 4.03 -26.76
N LEU A 681 -8.62 4.60 -27.15
CA LEU A 681 -7.66 3.85 -27.95
C LEU A 681 -7.08 2.67 -27.18
N ALA A 682 -6.72 2.91 -25.91
CA ALA A 682 -6.21 1.84 -25.07
C ALA A 682 -7.28 0.76 -24.87
N ARG A 683 -8.54 1.17 -24.69
CA ARG A 683 -9.60 0.19 -24.56
C ARG A 683 -9.73 -0.66 -25.81
N SER A 684 -9.64 -0.04 -26.99
CA SER A 684 -9.72 -0.79 -28.23
C SER A 684 -8.58 -1.82 -28.33
N VAL A 685 -7.36 -1.38 -28.02
CA VAL A 685 -6.22 -2.30 -28.13
C VAL A 685 -6.36 -3.45 -27.13
N LEU A 686 -6.75 -3.14 -25.90
CA LEU A 686 -6.88 -4.18 -24.88
C LEU A 686 -7.99 -5.16 -25.23
N TYR A 687 -9.12 -4.67 -25.76
CA TYR A 687 -10.18 -5.56 -26.17
C TYR A 687 -9.73 -6.48 -27.30
N LYS A 688 -9.04 -5.92 -28.29
CA LYS A 688 -8.55 -6.73 -29.41
C LYS A 688 -7.58 -7.79 -28.92
N ILE A 689 -6.77 -7.48 -27.92
CA ILE A 689 -5.91 -8.49 -27.32
C ILE A 689 -6.74 -9.55 -26.64
N TYR A 690 -7.81 -9.15 -25.93
CA TYR A 690 -8.63 -10.10 -25.20
C TYR A 690 -9.31 -11.10 -26.11
N LEU A 691 -9.82 -10.65 -27.26
CA LEU A 691 -10.57 -11.54 -28.14
C LEU A 691 -9.79 -12.81 -28.47
N ASN A 692 -8.51 -12.68 -28.77
CA ASN A 692 -7.70 -13.84 -29.16
C ASN A 692 -7.63 -14.86 -28.03
N THR A 693 -7.74 -16.13 -28.39
CA THR A 693 -7.70 -17.22 -27.43
C THR A 693 -6.40 -18.02 -27.47
N MET A 694 -5.76 -18.10 -28.65
CA MET A 694 -4.51 -18.86 -28.77
C MET A 694 -3.38 -18.25 -27.96
N GLU A 695 -3.51 -17.01 -27.51
CA GLU A 695 -2.46 -16.39 -26.72
C GLU A 695 -2.42 -16.98 -25.32
N SER A 696 -1.36 -16.65 -24.59
CA SER A 696 -1.19 -17.14 -23.23
C SER A 696 -2.25 -16.52 -22.31
N HIS A 697 -2.55 -17.23 -21.23
CA HIS A 697 -3.63 -16.80 -20.35
C HIS A 697 -3.25 -15.61 -19.49
N GLU A 698 -1.95 -15.46 -19.14
CA GLU A 698 -1.55 -14.30 -18.35
C GLU A 698 -1.74 -13.01 -19.11
N VAL A 699 -1.40 -13.01 -20.41
CA VAL A 699 -1.59 -11.82 -21.23
C VAL A 699 -3.07 -11.44 -21.29
N ARG A 700 -3.93 -12.44 -21.52
CA ARG A 700 -5.36 -12.18 -21.58
C ARG A 700 -5.89 -11.65 -20.26
N CYS A 701 -5.43 -12.23 -19.15
CA CYS A 701 -5.89 -11.75 -17.85
C CYS A 701 -5.51 -10.29 -17.64
N THR A 702 -4.23 -9.96 -17.82
CA THR A 702 -3.78 -8.58 -17.64
C THR A 702 -4.56 -7.63 -18.56
N ALA A 703 -4.84 -8.08 -19.79
CA ALA A 703 -5.66 -7.27 -20.68
C ALA A 703 -7.05 -7.03 -20.09
N VAL A 704 -7.63 -8.05 -19.46
CA VAL A 704 -8.95 -7.89 -18.85
C VAL A 704 -8.91 -6.84 -17.74
N PHE A 705 -7.91 -6.95 -16.85
CA PHE A 705 -7.85 -6.00 -15.74
C PHE A 705 -7.62 -4.57 -16.22
N LEU A 706 -6.77 -4.39 -17.23
CA LEU A 706 -6.61 -3.04 -17.77
C LEU A 706 -7.84 -2.58 -18.54
N LEU A 707 -8.60 -3.53 -19.11
CA LEU A 707 -9.78 -3.18 -19.90
C LEU A 707 -10.89 -2.65 -19.02
N MET A 708 -11.07 -3.23 -17.84
CA MET A 708 -12.17 -2.77 -16.98
C MET A 708 -11.72 -1.72 -15.97
N LYS A 709 -10.78 -0.86 -16.36
CA LYS A 709 -10.49 0.39 -15.68
C LYS A 709 -10.67 1.57 -16.63
N THR A 710 -11.53 1.40 -17.62
CA THR A 710 -11.68 2.37 -18.71
C THR A 710 -13.12 2.87 -18.82
N ASN A 711 -14.04 2.40 -17.98
CA ASN A 711 -15.46 2.73 -18.03
C ASN A 711 -16.05 2.34 -19.38
N PRO A 712 -16.17 1.05 -19.67
CA PRO A 712 -16.72 0.62 -20.96
C PRO A 712 -18.23 0.77 -20.97
N PRO A 713 -18.86 0.69 -22.15
CA PRO A 713 -20.33 0.75 -22.21
C PRO A 713 -20.94 -0.60 -21.87
N LEU A 714 -22.26 -0.66 -21.93
CA LEU A 714 -22.98 -1.87 -21.52
C LEU A 714 -22.78 -3.01 -22.50
N SER A 715 -22.64 -2.71 -23.79
CA SER A 715 -22.48 -3.76 -24.79
C SER A 715 -21.22 -4.57 -24.54
N MET A 716 -20.13 -3.90 -24.18
CA MET A 716 -18.86 -4.58 -23.92
C MET A 716 -19.02 -5.59 -22.79
N LEU A 717 -19.63 -5.17 -21.68
CA LEU A 717 -19.79 -6.08 -20.54
C LEU A 717 -20.78 -7.19 -20.85
N GLN A 718 -21.82 -6.91 -21.63
CA GLN A 718 -22.74 -7.97 -22.04
C GLN A 718 -22.01 -9.04 -22.84
N ARG A 719 -21.16 -8.61 -23.78
CA ARG A 719 -20.37 -9.58 -24.54
C ARG A 719 -19.38 -10.32 -23.64
N MET A 720 -18.81 -9.63 -22.66
CA MET A 720 -17.93 -10.29 -21.69
C MET A 720 -18.66 -11.43 -21.00
N ALA A 721 -19.82 -11.13 -20.44
CA ALA A 721 -20.57 -12.13 -19.70
C ALA A 721 -21.01 -13.28 -20.60
N GLU A 722 -21.45 -12.96 -21.81
CA GLU A 722 -21.83 -14.02 -22.75
C GLU A 722 -20.64 -14.93 -23.05
N PHE A 723 -19.45 -14.35 -23.26
CA PHE A 723 -18.27 -15.14 -23.56
C PHE A 723 -17.81 -15.96 -22.37
N THR A 724 -18.15 -15.54 -21.14
CA THR A 724 -17.74 -16.31 -19.96
C THR A 724 -18.21 -17.76 -20.04
N LYS A 725 -19.47 -17.98 -20.46
CA LYS A 725 -20.03 -19.32 -20.46
C LYS A 725 -19.32 -20.24 -21.45
N LEU A 726 -19.02 -19.74 -22.65
CA LEU A 726 -18.51 -20.57 -23.73
C LEU A 726 -16.99 -20.61 -23.81
N ASP A 727 -16.28 -19.98 -22.86
CA ASP A 727 -14.83 -19.92 -22.92
C ASP A 727 -14.23 -21.10 -22.17
N THR A 728 -13.28 -21.79 -22.83
CA THR A 728 -12.70 -22.99 -22.26
C THR A 728 -11.66 -22.69 -21.17
N ASN A 729 -10.90 -21.60 -21.32
CA ASN A 729 -9.79 -21.32 -20.42
C ASN A 729 -10.30 -21.02 -19.02
N ARG A 730 -9.90 -21.84 -18.06
CA ARG A 730 -10.37 -21.66 -16.69
C ARG A 730 -9.88 -20.36 -16.09
N GLN A 731 -8.61 -20.00 -16.34
CA GLN A 731 -8.02 -18.84 -15.70
C GLN A 731 -8.71 -17.55 -16.15
N VAL A 732 -8.94 -17.40 -17.45
CA VAL A 732 -9.58 -16.19 -17.96
C VAL A 732 -11.01 -16.10 -17.45
N ASN A 733 -11.72 -17.23 -17.41
CA ASN A 733 -13.08 -17.24 -16.90
C ASN A 733 -13.11 -16.80 -15.45
N SER A 734 -12.19 -17.33 -14.64
CA SER A 734 -12.13 -16.94 -13.24
C SER A 734 -11.87 -15.45 -13.11
N ALA A 735 -10.92 -14.94 -13.90
CA ALA A 735 -10.59 -13.52 -13.83
C ALA A 735 -11.78 -12.64 -14.17
N VAL A 736 -12.45 -12.93 -15.30
CA VAL A 736 -13.54 -12.07 -15.74
C VAL A 736 -14.71 -12.15 -14.78
N LYS A 737 -15.03 -13.35 -14.29
CA LYS A 737 -16.14 -13.49 -13.36
C LYS A 737 -15.86 -12.74 -12.06
N SER A 738 -14.64 -12.89 -11.52
CA SER A 738 -14.33 -12.21 -10.27
C SER A 738 -14.34 -10.70 -10.45
N THR A 739 -13.77 -10.20 -11.56
CA THR A 739 -13.74 -8.76 -11.75
C THR A 739 -15.14 -8.19 -11.93
N ILE A 740 -16.00 -8.89 -12.67
CA ILE A 740 -17.37 -8.42 -12.83
C ILE A 740 -18.10 -8.42 -11.48
N GLN A 741 -17.95 -9.50 -10.71
CA GLN A 741 -18.66 -9.61 -9.45
C GLN A 741 -18.12 -8.66 -8.38
N SER A 742 -16.89 -8.18 -8.52
CA SER A 742 -16.31 -7.33 -7.48
C SER A 742 -16.73 -5.87 -7.60
N LEU A 743 -17.48 -5.49 -8.63
CA LEU A 743 -17.86 -4.10 -8.85
C LEU A 743 -19.26 -3.79 -8.33
N MET A 744 -19.64 -4.37 -7.19
CA MET A 744 -21.01 -4.34 -6.73
C MET A 744 -21.18 -3.58 -5.42
N LYS A 745 -20.38 -3.90 -4.41
CA LYS A 745 -20.46 -3.31 -3.08
C LYS A 745 -19.99 -1.87 -3.05
N LEU A 746 -19.68 -1.27 -4.19
CA LEU A 746 -19.18 0.09 -4.23
C LEU A 746 -20.33 1.09 -4.21
N LYS A 747 -20.13 2.20 -3.49
CA LYS A 747 -21.09 3.30 -3.49
C LYS A 747 -20.29 4.58 -3.23
N SER A 748 -19.91 5.26 -4.30
CA SER A 748 -19.05 6.44 -4.21
C SER A 748 -19.08 7.15 -5.55
N PRO A 749 -19.02 8.50 -5.59
CA PRO A 749 -19.18 9.23 -6.85
C PRO A 749 -17.94 9.22 -7.73
N GLU A 750 -17.31 8.05 -7.85
CA GLU A 750 -16.25 7.82 -8.83
C GLU A 750 -16.38 6.50 -9.57
N TRP A 751 -17.02 5.49 -8.99
CA TRP A 751 -17.38 4.26 -9.69
C TRP A 751 -18.88 4.08 -9.80
N LYS A 752 -19.66 5.12 -9.49
CA LYS A 752 -21.11 4.96 -9.39
C LYS A 752 -21.72 4.53 -10.71
N ASP A 753 -21.29 5.14 -11.82
CA ASP A 753 -21.91 4.85 -13.11
C ASP A 753 -21.68 3.42 -13.57
N LEU A 754 -20.69 2.72 -13.00
CA LEU A 754 -20.41 1.36 -13.38
C LEU A 754 -21.12 0.33 -12.51
N ALA A 755 -21.61 0.74 -11.34
CA ALA A 755 -22.29 -0.20 -10.45
C ALA A 755 -23.57 -0.73 -11.06
N LYS A 756 -24.35 0.13 -11.70
CA LYS A 756 -25.58 -0.32 -12.33
C LYS A 756 -25.29 -1.30 -13.46
N LYS A 757 -24.27 -1.01 -14.27
CA LYS A 757 -23.91 -1.92 -15.34
C LYS A 757 -23.41 -3.25 -14.79
N ALA A 758 -22.69 -3.22 -13.66
CA ALA A 758 -22.25 -4.46 -13.04
C ALA A 758 -23.45 -5.28 -12.54
N ARG A 759 -24.42 -4.62 -11.91
CA ARG A 759 -25.62 -5.31 -11.46
C ARG A 759 -26.45 -5.84 -12.62
N SER A 760 -26.35 -5.22 -13.79
CA SER A 760 -27.12 -5.65 -14.96
C SER A 760 -26.42 -6.76 -15.74
N VAL A 761 -25.54 -7.53 -15.10
CA VAL A 761 -24.80 -8.58 -15.78
C VAL A 761 -24.96 -9.96 -15.14
N ASN A 762 -25.27 -10.05 -13.85
CA ASN A 762 -25.26 -11.33 -13.13
C ASN A 762 -26.09 -12.39 -13.85
N HIS A 763 -27.24 -12.00 -14.37
CA HIS A 763 -28.13 -12.94 -15.03
C HIS A 763 -27.56 -13.52 -16.30
N LEU A 764 -26.33 -13.17 -16.64
CA LEU A 764 -25.63 -13.75 -17.78
C LEU A 764 -24.38 -14.52 -17.37
N LEU A 765 -24.00 -14.49 -16.09
CA LEU A 765 -22.77 -15.11 -15.65
C LEU A 765 -22.93 -16.63 -15.52
N THR A 766 -21.80 -17.32 -15.63
CA THR A 766 -21.78 -18.76 -15.45
C THR A 766 -22.01 -19.12 -13.99
N HIS A 767 -22.78 -20.20 -13.77
CA HIS A 767 -23.04 -20.65 -12.41
C HIS A 767 -21.83 -21.33 -11.77
N HIS A 768 -20.87 -21.78 -12.58
CA HIS A 768 -19.72 -22.48 -12.04
C HIS A 768 -18.87 -21.54 -11.17
N GLU A 769 -18.47 -22.04 -10.01
CA GLU A 769 -17.65 -21.28 -9.07
C GLU A 769 -16.25 -21.88 -9.03
N TYR A 770 -15.25 -21.02 -9.21
CA TYR A 770 -13.86 -21.44 -9.32
C TYR A 770 -13.15 -21.31 -7.98
N ASP A 771 -11.99 -21.98 -7.89
CA ASP A 771 -11.20 -21.97 -6.67
C ASP A 771 -10.40 -20.68 -6.59
N TYR A 772 -9.45 -20.62 -5.65
CA TYR A 772 -8.68 -19.40 -5.44
C TYR A 772 -7.33 -19.42 -6.15
N GLU A 773 -6.85 -20.58 -6.57
CA GLU A 773 -5.57 -20.65 -7.26
C GLU A 773 -5.61 -20.00 -8.63
N LEU A 774 -6.80 -19.66 -9.14
CA LEU A 774 -6.93 -19.05 -10.44
C LEU A 774 -6.95 -17.53 -10.32
N SER A 775 -7.06 -16.86 -11.46
CA SER A 775 -7.02 -15.40 -11.49
C SER A 775 -8.29 -14.81 -10.91
N ARG A 776 -8.14 -13.74 -10.13
CA ARG A 776 -9.25 -13.09 -9.46
C ARG A 776 -9.02 -11.59 -9.39
N GLY A 777 -10.04 -10.88 -8.93
CA GLY A 777 -9.94 -9.45 -8.73
C GLY A 777 -10.74 -9.03 -7.50
N TYR A 778 -10.37 -7.90 -6.94
CA TYR A 778 -10.98 -7.45 -5.69
C TYR A 778 -10.81 -5.95 -5.56
N ILE A 779 -11.91 -5.23 -5.41
CA ILE A 779 -11.92 -3.80 -5.18
C ILE A 779 -12.56 -3.54 -3.82
N ASP A 780 -11.87 -2.77 -2.99
CA ASP A 780 -12.34 -2.46 -1.65
C ASP A 780 -12.69 -0.98 -1.54
N GLU A 781 -13.72 -0.70 -0.76
CA GLU A 781 -14.22 0.66 -0.56
C GLU A 781 -14.36 0.92 0.93
N LYS A 782 -14.00 2.14 1.34
CA LYS A 782 -14.15 2.53 2.74
C LYS A 782 -14.46 4.03 2.76
N ILE A 783 -15.75 4.34 2.85
CA ILE A 783 -16.22 5.72 2.87
C ILE A 783 -16.55 6.11 4.30
N LEU A 784 -16.15 7.32 4.68
CA LEU A 784 -16.45 7.90 5.99
C LEU A 784 -17.15 9.23 5.74
N GLU A 785 -18.48 9.19 5.72
CA GLU A 785 -19.27 10.39 5.43
C GLU A 785 -19.04 11.49 6.46
N ASN A 786 -18.59 11.14 7.67
CA ASN A 786 -18.30 12.16 8.67
C ASN A 786 -17.16 13.08 8.22
N GLN A 787 -16.14 12.51 7.58
CA GLN A 787 -14.98 13.27 7.14
C GLN A 787 -14.84 13.33 5.63
N ASN A 788 -15.78 12.73 4.88
CA ASN A 788 -15.73 12.69 3.42
C ASN A 788 -14.40 12.10 2.93
N ILE A 789 -14.04 10.95 3.50
CA ILE A 789 -12.80 10.26 3.19
C ILE A 789 -13.13 9.01 2.38
N ILE A 790 -12.49 8.87 1.22
CA ILE A 790 -12.66 7.72 0.35
C ILE A 790 -11.32 6.99 0.28
N THR A 791 -11.33 5.71 0.65
CA THR A 791 -10.13 4.89 0.66
C THR A 791 -10.38 3.64 -0.15
N HIS A 792 -9.47 3.32 -1.06
CA HIS A 792 -9.62 2.21 -1.99
C HIS A 792 -8.48 1.22 -1.81
N MET A 793 -8.57 0.13 -2.57
CA MET A 793 -7.51 -0.88 -2.64
C MET A 793 -7.78 -1.81 -3.82
N ILE A 794 -6.79 -2.02 -4.67
CA ILE A 794 -6.91 -2.89 -5.83
C ILE A 794 -5.85 -3.96 -5.72
N LEU A 795 -6.27 -5.22 -5.82
CA LEU A 795 -5.35 -6.36 -5.71
C LEU A 795 -5.72 -7.37 -6.77
N ASN A 796 -4.77 -7.69 -7.64
CA ASN A 796 -4.99 -8.60 -8.74
C ASN A 796 -3.85 -9.60 -8.81
N TYR A 797 -4.15 -10.80 -9.31
CA TYR A 797 -3.13 -11.82 -9.48
C TYR A 797 -3.53 -12.77 -10.59
N VAL A 798 -2.54 -13.21 -11.36
CA VAL A 798 -2.73 -14.21 -12.40
C VAL A 798 -2.26 -15.56 -11.87
N GLY A 799 -3.12 -16.56 -11.94
CA GLY A 799 -2.79 -17.85 -11.38
C GLY A 799 -1.64 -18.52 -12.11
N SER A 800 -0.90 -19.34 -11.36
CA SER A 800 0.25 -20.05 -11.90
C SER A 800 -0.16 -21.43 -12.39
N GLU A 801 0.57 -21.92 -13.40
CA GLU A 801 0.30 -23.21 -14.00
C GLU A 801 1.24 -24.30 -13.51
N ASP A 802 2.03 -24.03 -12.46
CA ASP A 802 2.98 -25.03 -11.99
C ASP A 802 2.87 -25.25 -10.48
N SER A 803 2.40 -24.25 -9.74
CA SER A 803 2.37 -24.33 -8.29
C SER A 803 1.25 -23.44 -7.77
N VAL A 804 1.08 -23.47 -6.44
CA VAL A 804 -0.02 -22.74 -5.81
C VAL A 804 0.23 -21.23 -5.87
N ILE A 805 1.46 -20.80 -5.63
CA ILE A 805 1.75 -19.36 -5.51
C ILE A 805 1.52 -18.68 -6.85
N PRO A 806 0.74 -17.60 -6.91
CA PRO A 806 0.52 -16.91 -8.18
C PRO A 806 1.76 -16.18 -8.66
N ARG A 807 1.76 -15.88 -9.96
CA ARG A 807 2.92 -15.25 -10.60
C ARG A 807 2.93 -13.73 -10.39
N ILE A 808 1.91 -13.05 -10.89
CA ILE A 808 1.89 -11.59 -10.94
C ILE A 808 1.02 -11.06 -9.80
N LEU A 809 1.31 -9.83 -9.38
CA LEU A 809 0.58 -9.19 -8.29
C LEU A 809 0.54 -7.68 -8.52
N TYR A 810 -0.59 -7.08 -8.17
CA TYR A 810 -0.77 -5.63 -8.21
C TYR A 810 -1.35 -5.16 -6.89
N LEU A 811 -1.06 -3.91 -6.53
CA LEU A 811 -1.53 -3.36 -5.27
C LEU A 811 -1.50 -1.84 -5.35
N THR A 812 -2.67 -1.21 -5.24
CA THR A 812 -2.79 0.24 -5.30
C THR A 812 -3.67 0.72 -4.15
N TRP A 813 -3.26 1.79 -3.49
CA TRP A 813 -3.95 2.31 -2.31
C TRP A 813 -4.39 3.76 -2.51
N TYR A 814 -4.88 4.11 -3.68
CA TYR A 814 -5.23 5.50 -3.96
C TYR A 814 -6.42 5.91 -3.09
N SER A 815 -6.24 6.98 -2.33
CA SER A 815 -7.29 7.52 -1.46
C SER A 815 -7.46 9.00 -1.77
N SER A 816 -8.70 9.41 -2.04
CA SER A 816 -9.01 10.78 -2.41
C SER A 816 -10.09 11.33 -1.49
N ASN A 817 -9.86 12.52 -0.95
CA ASN A 817 -10.84 13.25 -0.15
C ASN A 817 -10.85 14.69 -0.65
N GLY A 818 -11.67 14.96 -1.64
CA GLY A 818 -11.71 16.26 -2.29
C GLY A 818 -10.98 16.27 -3.62
N ASP A 819 -10.65 17.48 -4.06
CA ASP A 819 -9.96 17.65 -5.34
C ASP A 819 -8.46 17.43 -5.24
N ILE A 820 -7.90 17.37 -4.04
CA ILE A 820 -6.47 17.13 -3.84
C ILE A 820 -6.31 15.90 -2.97
N LYS A 821 -5.44 14.98 -3.40
CA LYS A 821 -5.27 13.71 -2.72
C LYS A 821 -3.79 13.38 -2.61
N VAL A 822 -3.47 12.53 -1.64
CA VAL A 822 -2.11 12.02 -1.48
C VAL A 822 -1.74 11.20 -2.70
N PRO A 823 -0.50 11.25 -3.20
CA PRO A 823 -0.14 10.47 -4.38
C PRO A 823 -0.28 8.98 -4.13
N SER A 824 -0.54 8.25 -5.23
CA SER A 824 -0.85 6.84 -5.16
C SER A 824 0.38 6.01 -4.82
N THR A 825 0.13 4.81 -4.28
CA THR A 825 1.17 3.84 -3.96
C THR A 825 0.92 2.57 -4.75
N LYS A 826 1.93 2.11 -5.48
CA LYS A 826 1.79 0.97 -6.38
C LYS A 826 2.89 -0.05 -6.14
N VAL A 827 2.55 -1.32 -6.33
CA VAL A 827 3.49 -2.44 -6.26
C VAL A 827 3.22 -3.35 -7.44
N LEU A 828 4.29 -3.95 -7.97
CA LEU A 828 4.18 -4.87 -9.09
C LEU A 828 5.28 -5.91 -8.97
N ALA A 829 4.89 -7.15 -8.70
CA ALA A 829 5.82 -8.28 -8.62
C ALA A 829 5.51 -9.27 -9.73
N MET A 830 6.55 -9.78 -10.36
CA MET A 830 6.39 -10.69 -11.50
C MET A 830 7.47 -11.75 -11.44
N ILE A 831 7.16 -12.93 -12.00
CA ILE A 831 8.10 -14.06 -12.00
C ILE A 831 7.73 -14.99 -13.14
N SER A 832 8.76 -15.56 -13.78
CA SER A 832 8.52 -16.43 -14.93
C SER A 832 7.93 -17.77 -14.51
N SER A 833 8.50 -18.38 -13.46
CA SER A 833 8.02 -19.67 -12.98
C SER A 833 8.45 -19.83 -11.54
N VAL A 834 7.48 -20.09 -10.65
CA VAL A 834 7.78 -20.20 -9.24
C VAL A 834 8.67 -21.42 -8.97
N LYS A 835 8.35 -22.55 -9.61
CA LYS A 835 9.10 -23.77 -9.37
C LYS A 835 10.54 -23.64 -9.82
N SER A 836 10.77 -23.08 -11.01
CA SER A 836 12.13 -22.91 -11.51
C SER A 836 12.91 -21.94 -10.63
N PHE A 837 12.24 -20.86 -10.18
CA PHE A 837 12.90 -19.90 -9.31
C PHE A 837 13.33 -20.55 -8.00
N MET A 838 12.45 -21.36 -7.40
CA MET A 838 12.81 -22.03 -6.16
C MET A 838 13.93 -23.05 -6.39
N GLU A 839 13.88 -23.77 -7.50
CA GLU A 839 14.93 -24.76 -7.78
C GLU A 839 16.29 -24.10 -7.93
N LEU A 840 16.34 -22.96 -8.64
CA LEU A 840 17.62 -22.27 -8.79
C LEU A 840 18.08 -21.64 -7.48
N SER A 841 17.16 -21.04 -6.73
CA SER A 841 17.54 -20.40 -5.47
C SER A 841 18.05 -21.42 -4.47
N LEU A 842 17.41 -22.58 -4.38
CA LEU A 842 17.80 -23.61 -3.42
C LEU A 842 18.97 -24.45 -3.90
N ARG A 843 19.55 -24.12 -5.06
CA ARG A 843 20.69 -24.88 -5.57
C ARG A 843 21.90 -24.77 -4.65
N SER A 844 21.97 -23.75 -3.80
CA SER A 844 23.10 -23.59 -2.90
C SER A 844 23.00 -24.60 -1.76
N VAL A 845 23.13 -25.88 -2.09
CA VAL A 845 23.12 -26.95 -1.10
C VAL A 845 24.29 -27.87 -1.40
N LYS A 846 24.92 -27.68 -2.56
CA LYS A 846 26.06 -28.48 -2.99
C LYS A 846 25.72 -29.97 -3.02
N ASP A 847 24.53 -30.29 -3.53
CA ASP A 847 24.07 -31.67 -3.60
C ASP A 847 23.45 -31.91 -4.98
N ARG A 848 24.26 -32.44 -5.90
CA ARG A 848 23.79 -32.85 -7.21
C ARG A 848 23.54 -34.35 -7.19
N GLU A 849 22.37 -34.77 -7.68
CA GLU A 849 22.01 -36.18 -7.66
C GLU A 849 22.95 -36.98 -8.55
N THR A 850 23.35 -38.16 -8.08
CA THR A 850 24.23 -39.03 -8.84
C THR A 850 23.66 -40.43 -8.94
N ILE A 851 22.89 -40.84 -7.93
CA ILE A 851 22.32 -42.19 -7.90
C ILE A 851 21.23 -42.30 -8.95
N ILE A 852 21.29 -43.36 -9.75
CA ILE A 852 20.31 -43.63 -10.80
C ILE A 852 19.43 -44.78 -10.36
N SER A 853 18.12 -44.59 -10.47
CA SER A 853 17.14 -45.62 -10.12
C SER A 853 16.46 -46.12 -11.38
N ALA A 854 15.47 -47.01 -11.19
CA ALA A 854 14.76 -47.59 -12.32
C ALA A 854 13.96 -46.54 -13.09
N ALA A 855 13.68 -45.39 -12.47
CA ALA A 855 12.88 -44.38 -13.12
C ALA A 855 13.54 -43.86 -14.38
N GLU A 856 14.85 -43.63 -14.34
CA GLU A 856 15.53 -43.12 -15.52
C GLU A 856 15.60 -44.17 -16.61
N LYS A 857 15.77 -45.45 -16.24
CA LYS A 857 15.71 -46.52 -17.24
C LYS A 857 14.35 -46.56 -17.91
N ILE A 858 13.28 -46.45 -17.12
CA ILE A 858 11.93 -46.44 -17.67
C ILE A 858 11.76 -45.27 -18.62
N ALA A 859 12.23 -44.09 -18.22
CA ALA A 859 12.09 -42.92 -19.07
C ALA A 859 12.89 -43.06 -20.36
N GLU A 860 14.10 -43.60 -20.27
CA GLU A 860 14.96 -43.74 -21.45
C GLU A 860 14.38 -44.75 -22.43
N GLU A 861 13.88 -45.88 -21.94
CA GLU A 861 13.35 -46.88 -22.86
C GLU A 861 12.09 -46.39 -23.55
N LEU A 862 11.28 -45.57 -22.86
CA LEU A 862 10.15 -44.92 -23.50
C LEU A 862 10.56 -43.74 -24.36
N LYS A 863 11.81 -43.28 -24.23
CA LYS A 863 12.32 -42.14 -24.98
C LYS A 863 11.49 -40.89 -24.73
N ILE A 864 11.49 -40.45 -23.47
CA ILE A 864 10.75 -39.26 -23.06
C ILE A 864 11.63 -38.03 -23.27
N VAL A 865 11.11 -37.08 -24.03
CA VAL A 865 11.79 -35.80 -24.26
C VAL A 865 11.13 -34.74 -23.39
N PRO A 866 11.89 -34.00 -22.60
CA PRO A 866 11.29 -32.95 -21.75
C PRO A 866 10.92 -31.72 -22.57
N GLU A 867 10.11 -30.88 -21.94
CA GLU A 867 9.70 -29.63 -22.58
C GLU A 867 10.87 -28.65 -22.65
N GLU A 868 10.77 -27.73 -23.60
CA GLU A 868 11.82 -26.72 -23.79
C GLU A 868 11.81 -25.77 -22.60
N LEU A 869 12.93 -25.71 -21.87
CA LEU A 869 12.98 -24.92 -20.66
C LEU A 869 12.90 -23.43 -20.97
N VAL A 870 12.34 -22.68 -20.03
CA VAL A 870 12.11 -21.25 -20.22
C VAL A 870 13.03 -20.46 -19.30
N PRO A 871 13.54 -19.31 -19.75
CA PRO A 871 14.43 -18.52 -18.89
C PRO A 871 13.70 -17.95 -17.69
N LEU A 872 14.45 -17.72 -16.62
CA LEU A 872 13.91 -17.19 -15.37
C LEU A 872 14.08 -15.67 -15.35
N GLU A 873 12.98 -14.96 -15.16
CA GLU A 873 12.98 -13.50 -15.11
C GLU A 873 12.04 -13.03 -14.01
N GLY A 874 12.30 -11.83 -13.49
CA GLY A 874 11.49 -11.30 -12.43
C GLY A 874 11.64 -9.80 -12.28
N ASN A 875 10.60 -9.18 -11.72
CA ASN A 875 10.56 -7.75 -11.48
C ASN A 875 10.10 -7.48 -10.06
N LEU A 876 10.39 -6.27 -9.58
CA LEU A 876 9.84 -5.79 -8.32
C LEU A 876 9.90 -4.27 -8.33
N MET A 877 8.74 -3.63 -8.35
CA MET A 877 8.65 -2.17 -8.44
C MET A 877 7.85 -1.63 -7.27
N ILE A 878 8.41 -0.61 -6.62
CA ILE A 878 7.73 0.14 -5.56
C ILE A 878 7.64 1.59 -5.99
N ASN A 879 6.48 2.20 -5.76
CA ASN A 879 6.22 3.58 -6.16
C ASN A 879 5.35 4.23 -5.12
N ASN A 880 5.82 5.33 -4.55
CA ASN A 880 5.08 6.03 -3.50
C ASN A 880 5.43 7.52 -3.59
N LYS A 881 5.14 8.26 -2.52
CA LYS A 881 5.39 9.70 -2.52
C LYS A 881 6.86 10.03 -2.71
N TYR A 882 7.75 9.18 -2.19
CA TYR A 882 9.16 9.53 -2.11
C TYR A 882 9.96 9.07 -3.33
N ALA A 883 9.98 7.78 -3.61
CA ALA A 883 10.92 7.23 -4.59
C ALA A 883 10.21 6.28 -5.54
N LEU A 884 10.84 6.08 -6.70
CA LEU A 884 10.41 5.12 -7.71
C LEU A 884 11.56 4.15 -7.96
N LYS A 885 11.35 2.88 -7.63
CA LYS A 885 12.40 1.89 -7.69
C LYS A 885 12.01 0.72 -8.59
N PHE A 886 13.03 0.05 -9.12
CA PHE A 886 12.85 -1.03 -10.08
C PHE A 886 14.04 -1.99 -9.98
N PHE A 887 13.75 -3.28 -9.92
CA PHE A 887 14.79 -4.29 -9.74
C PHE A 887 14.55 -5.44 -10.73
N PRO A 888 15.06 -5.33 -11.94
CA PRO A 888 14.92 -6.44 -12.90
C PRO A 888 15.84 -7.60 -12.55
N PHE A 889 15.28 -8.82 -12.58
CA PHE A 889 16.00 -10.02 -12.23
C PHE A 889 16.67 -10.62 -13.46
N ASP A 890 17.34 -11.75 -13.26
CA ASP A 890 17.98 -12.53 -14.32
C ASP A 890 18.53 -13.80 -13.70
N LYS A 891 18.93 -14.74 -14.56
CA LYS A 891 19.61 -15.94 -14.08
C LYS A 891 20.95 -15.60 -13.45
N HIS A 892 21.67 -14.66 -14.05
CA HIS A 892 23.01 -14.31 -13.57
C HIS A 892 22.97 -13.74 -12.16
N ILE A 893 21.95 -12.94 -11.85
CA ILE A 893 21.85 -12.35 -10.52
C ILE A 893 21.68 -13.44 -9.47
N LEU A 894 20.79 -14.40 -9.74
CA LEU A 894 20.59 -15.50 -8.81
C LEU A 894 21.83 -16.39 -8.74
N ASP A 895 22.58 -16.51 -9.83
CA ASP A 895 23.83 -17.25 -9.79
C ASP A 895 24.86 -16.55 -8.92
N LYS A 896 24.89 -15.22 -8.97
CA LYS A 896 25.83 -14.44 -8.18
C LYS A 896 25.43 -14.37 -6.70
N LEU A 897 24.16 -14.55 -6.39
CA LEU A 897 23.70 -14.45 -5.01
C LEU A 897 24.49 -15.30 -4.02
N PRO A 898 24.76 -16.59 -4.27
CA PRO A 898 25.57 -17.36 -3.30
C PRO A 898 26.97 -16.79 -3.10
N THR A 899 27.59 -16.27 -4.16
CA THR A 899 28.93 -15.71 -4.01
C THR A 899 28.94 -14.50 -3.09
N LEU A 900 27.98 -13.59 -3.28
CA LEU A 900 27.87 -12.43 -2.41
C LEU A 900 27.53 -12.85 -0.99
N ILE A 901 26.68 -13.85 -0.84
CA ILE A 901 26.34 -14.35 0.50
C ILE A 901 27.58 -14.86 1.20
N SER A 902 28.39 -15.68 0.50
CA SER A 902 29.61 -16.21 1.10
C SER A 902 30.59 -15.09 1.43
N ASN A 903 30.76 -14.13 0.51
CA ASN A 903 31.70 -13.04 0.77
C ASN A 903 31.30 -12.25 2.00
N TYR A 904 30.01 -11.94 2.13
CA TYR A 904 29.52 -11.29 3.35
C TYR A 904 29.74 -12.20 4.56
N ILE A 905 29.69 -13.52 4.36
CA ILE A 905 29.88 -14.45 5.47
C ILE A 905 31.28 -14.32 6.06
N GLU A 906 32.31 -14.35 5.21
CA GLU A 906 33.64 -14.13 5.79
C GLU A 906 33.89 -12.66 6.11
N ALA A 907 33.10 -11.74 5.56
CA ALA A 907 33.26 -10.34 5.92
C ALA A 907 32.84 -10.09 7.36
N VAL A 908 31.78 -10.77 7.82
CA VAL A 908 31.28 -10.57 9.17
C VAL A 908 31.90 -11.59 10.11
N LYS A 909 32.99 -12.24 9.67
CA LYS A 909 33.60 -13.28 10.48
C LYS A 909 34.16 -12.73 11.78
N GLU A 910 34.84 -11.58 11.73
CA GLU A 910 35.45 -11.00 12.91
C GLU A 910 34.67 -9.81 13.44
N GLY A 911 34.27 -8.89 12.56
CA GLY A 911 33.50 -7.73 12.97
C GLY A 911 33.30 -6.76 11.83
N LYS A 912 32.25 -5.95 11.90
CA LYS A 912 31.95 -5.01 10.83
C LYS A 912 31.04 -3.93 11.37
N PHE A 913 31.53 -2.70 11.39
CA PHE A 913 30.73 -1.55 11.78
C PHE A 913 29.96 -1.01 10.58
N MET A 914 28.87 -0.30 10.86
CA MET A 914 28.05 0.25 9.79
C MET A 914 27.34 1.50 10.30
N ASN A 915 26.87 2.31 9.34
CA ASN A 915 26.15 3.54 9.66
C ASN A 915 25.25 3.84 8.46
N VAL A 916 23.94 3.66 8.63
CA VAL A 916 22.99 3.80 7.55
C VAL A 916 21.92 4.79 7.96
N ASN A 917 21.71 5.82 7.13
CA ASN A 917 20.69 6.84 7.36
C ASN A 917 19.91 7.08 6.07
N MET A 918 18.59 7.14 6.20
CA MET A 918 17.70 7.53 5.10
C MET A 918 16.87 8.72 5.55
N LEU A 919 16.79 9.73 4.68
CA LEU A 919 16.00 10.93 4.93
C LEU A 919 15.22 11.27 3.68
N ASP A 920 13.91 11.06 3.70
CA ASP A 920 13.04 11.41 2.60
C ASP A 920 11.87 12.27 3.09
N THR A 921 11.42 13.19 2.24
CA THR A 921 10.44 14.19 2.62
C THR A 921 9.39 14.36 1.52
N TYR A 922 8.28 14.98 1.90
CA TYR A 922 7.21 15.33 0.97
C TYR A 922 6.86 16.80 1.19
N GLU A 923 6.53 17.49 0.10
CA GLU A 923 6.29 18.93 0.15
C GLU A 923 5.07 19.30 -0.68
N SER A 924 4.42 20.39 -0.27
CA SER A 924 3.29 20.95 -1.02
C SER A 924 3.10 22.38 -0.57
N VAL A 925 3.15 23.32 -1.51
CA VAL A 925 2.98 24.74 -1.23
C VAL A 925 1.94 25.30 -2.18
N HIS A 926 0.99 26.07 -1.64
CA HIS A 926 -0.02 26.75 -2.43
C HIS A 926 -0.09 28.21 -1.99
N SER A 927 -0.13 29.13 -2.95
CA SER A 927 -0.11 30.55 -2.64
C SER A 927 -0.93 31.34 -3.65
N PHE A 928 -1.45 32.48 -3.19
CA PHE A 928 -2.19 33.45 -4.02
C PHE A 928 -2.43 34.72 -3.23
N PRO A 929 -2.48 35.88 -3.89
CA PRO A 929 -2.60 37.14 -3.15
C PRO A 929 -3.95 37.27 -2.46
N THR A 930 -3.93 37.96 -1.32
CA THR A 930 -5.14 38.28 -0.58
C THR A 930 -5.77 39.55 -1.14
N GLU A 931 -6.95 39.89 -0.61
CA GLU A 931 -7.65 41.09 -1.04
C GLU A 931 -7.09 42.36 -0.40
N THR A 932 -6.20 42.23 0.57
CA THR A 932 -5.54 43.38 1.16
C THR A 932 -4.21 43.71 0.49
N GLY A 933 -3.76 42.90 -0.47
CA GLY A 933 -2.52 43.14 -1.17
C GLY A 933 -1.30 42.53 -0.50
N LEU A 934 -1.42 41.29 -0.03
CA LEU A 934 -0.33 40.57 0.60
C LEU A 934 -0.37 39.11 0.18
N PRO A 935 0.78 38.44 0.12
CA PRO A 935 0.79 37.02 -0.25
C PRO A 935 0.21 36.14 0.85
N PHE A 936 -0.36 35.01 0.44
CA PHE A 936 -0.91 34.01 1.34
C PHE A 936 -0.27 32.68 0.99
N VAL A 937 0.38 32.04 1.95
CA VAL A 937 1.17 30.83 1.71
C VAL A 937 0.71 29.73 2.65
N TYR A 938 0.53 28.52 2.10
CA TYR A 938 0.13 27.33 2.85
C TYR A 938 1.12 26.21 2.55
N THR A 939 1.51 25.48 3.59
CA THR A 939 2.53 24.45 3.48
C THR A 939 2.08 23.17 4.18
N PHE A 940 2.66 22.05 3.75
CA PHE A 940 2.39 20.75 4.36
C PHE A 940 3.63 19.89 4.18
N ASN A 941 4.32 19.61 5.27
CA ASN A 941 5.59 18.90 5.24
C ASN A 941 5.51 17.61 6.06
N VAL A 942 6.17 16.57 5.58
CA VAL A 942 6.40 15.36 6.37
C VAL A 942 7.83 14.89 6.14
N ILE A 943 8.52 14.54 7.23
CA ILE A 943 9.93 14.20 7.21
C ILE A 943 10.11 12.85 7.90
N LYS A 944 10.81 11.92 7.25
CA LYS A 944 10.89 10.54 7.70
C LYS A 944 12.36 10.12 7.77
N LEU A 945 12.76 9.58 8.92
CA LEU A 945 14.14 9.20 9.19
C LEU A 945 14.22 7.73 9.57
N THR A 946 15.28 7.06 9.09
CA THR A 946 15.56 5.67 9.42
C THR A 946 17.04 5.53 9.68
N LYS A 947 17.42 5.06 10.86
CA LYS A 947 18.83 5.02 11.24
C LYS A 947 19.18 3.69 11.88
N THR A 948 20.30 3.11 11.44
CA THR A 948 20.88 1.92 12.03
C THR A 948 22.36 2.15 12.25
N SER A 949 22.89 1.58 13.33
CA SER A 949 24.31 1.73 13.64
C SER A 949 24.71 0.66 14.63
N GLY A 950 25.89 0.08 14.42
CA GLY A 950 26.42 -0.90 15.34
C GLY A 950 27.36 -1.85 14.63
N THR A 951 27.81 -2.85 15.38
CA THR A 951 28.73 -3.87 14.88
C THR A 951 28.04 -5.23 14.90
N VAL A 952 28.07 -5.94 13.77
CA VAL A 952 27.45 -7.24 13.63
C VAL A 952 28.53 -8.26 13.32
N GLN A 953 28.50 -9.39 14.02
CA GLN A 953 29.48 -10.46 13.85
C GLN A 953 28.76 -11.80 13.76
N ALA A 954 29.22 -12.65 12.85
CA ALA A 954 28.63 -13.96 12.65
C ALA A 954 29.72 -15.00 12.44
N GLN A 955 29.35 -16.25 12.67
CA GLN A 955 30.27 -17.38 12.42
C GLN A 955 29.43 -18.56 11.97
N ILE A 956 29.60 -18.97 10.72
CA ILE A 956 28.81 -20.03 10.10
C ILE A 956 29.65 -21.29 10.01
N ASN A 957 29.04 -22.42 10.37
CA ASN A 957 29.70 -23.71 10.38
C ASN A 957 29.02 -24.65 9.39
N PRO A 958 29.74 -25.68 8.91
CA PRO A 958 29.11 -26.62 7.96
C PRO A 958 27.88 -27.32 8.52
N ASP A 959 27.84 -27.55 9.84
CA ASP A 959 26.66 -28.11 10.48
C ASP A 959 25.58 -27.08 10.74
N PHE A 960 25.65 -25.93 10.05
CA PHE A 960 24.68 -24.84 10.17
C PHE A 960 24.62 -24.29 11.59
N ALA A 961 25.75 -24.31 12.29
CA ALA A 961 25.86 -23.71 13.63
C ALA A 961 25.95 -22.19 13.44
N PHE A 962 24.81 -21.58 13.18
CA PHE A 962 24.73 -20.18 12.81
C PHE A 962 24.72 -19.33 14.08
N ILE A 963 25.87 -18.78 14.43
CA ILE A 963 26.05 -17.98 15.65
C ILE A 963 26.21 -16.53 15.23
N VAL A 964 25.39 -15.65 15.80
CA VAL A 964 25.40 -14.23 15.47
C VAL A 964 25.36 -13.41 16.75
N ASN A 965 26.24 -12.42 16.84
CA ASN A 965 26.23 -11.43 17.92
C ASN A 965 26.14 -10.05 17.29
N SER A 966 25.22 -9.23 17.81
CA SER A 966 24.96 -7.91 17.24
C SER A 966 24.91 -6.87 18.36
N ASN A 967 25.28 -5.64 18.01
CA ASN A 967 25.35 -4.52 18.93
C ASN A 967 24.71 -3.28 18.31
N LEU A 968 23.51 -3.46 17.77
CA LEU A 968 22.87 -2.44 16.95
C LEU A 968 22.07 -1.43 17.79
N ARG A 969 21.71 -0.32 17.15
CA ARG A 969 20.79 0.67 17.65
C ARG A 969 19.79 0.99 16.54
N LEU A 970 18.50 1.04 16.89
CA LEU A 970 17.45 1.27 15.91
C LEU A 970 16.61 2.47 16.31
N THR A 971 16.30 3.32 15.33
CA THR A 971 15.54 4.53 15.57
C THR A 971 14.66 4.83 14.37
N PHE A 972 13.45 5.32 14.63
CA PHE A 972 12.53 5.75 13.59
C PHE A 972 11.76 6.96 14.08
N SER A 973 11.76 8.02 13.27
CA SER A 973 11.08 9.26 13.63
C SER A 973 10.29 9.78 12.45
N LYS A 974 9.23 10.52 12.75
CA LYS A 974 8.39 11.12 11.73
C LYS A 974 7.86 12.45 12.25
N ASN A 975 7.74 13.42 11.36
CA ASN A 975 7.30 14.77 11.71
C ASN A 975 6.44 15.31 10.58
N VAL A 976 5.17 15.53 10.85
CA VAL A 976 4.24 16.10 9.87
C VAL A 976 3.75 17.44 10.41
N GLN A 977 3.75 18.45 9.54
CA GLN A 977 3.37 19.79 9.95
C GLN A 977 2.71 20.52 8.79
N GLY A 978 1.55 21.09 9.04
CA GLY A 978 0.86 21.92 8.08
C GLY A 978 0.61 23.30 8.66
N ARG A 979 0.77 24.33 7.84
CA ARG A 979 0.74 25.70 8.31
C ARG A 979 0.03 26.59 7.31
N VAL A 980 -0.70 27.59 7.81
CA VAL A 980 -1.41 28.55 7.00
C VAL A 980 -1.17 29.94 7.56
N GLY A 981 -0.96 30.91 6.67
CA GLY A 981 -0.73 32.27 7.11
C GLY A 981 -0.42 33.18 5.96
N PHE A 982 0.22 34.32 6.25
CA PHE A 982 0.57 35.29 5.24
C PHE A 982 1.89 35.94 5.59
N VAL A 983 2.49 36.60 4.59
CA VAL A 983 3.80 37.23 4.73
C VAL A 983 3.70 38.71 4.33
N THR A 984 4.31 39.57 5.13
CA THR A 984 4.30 41.00 4.87
C THR A 984 5.68 41.45 4.41
N PRO A 985 5.87 41.82 3.15
CA PRO A 985 7.22 42.13 2.68
C PRO A 985 7.88 43.30 3.39
N PHE A 986 7.12 44.32 3.80
CA PHE A 986 7.73 45.54 4.29
C PHE A 986 8.34 45.39 5.68
N GLU A 987 8.10 44.26 6.36
CA GLU A 987 8.64 44.04 7.69
C GLU A 987 9.37 42.72 7.82
N HIS A 988 9.48 41.95 6.74
CA HIS A 988 10.03 40.60 6.74
C HIS A 988 9.57 39.79 7.95
N ARG A 989 8.25 39.59 8.03
CA ARG A 989 7.65 38.83 9.11
C ARG A 989 6.68 37.80 8.53
N HIS A 990 6.29 36.86 9.38
CA HIS A 990 5.52 35.70 8.95
C HIS A 990 4.61 35.27 10.09
N PHE A 991 3.30 35.28 9.86
CA PHE A 991 2.32 34.89 10.86
C PHE A 991 1.71 33.56 10.46
N ILE A 992 1.69 32.61 11.40
CA ILE A 992 1.36 31.21 11.11
C ILE A 992 0.39 30.67 12.14
N SER A 993 -0.56 29.86 11.68
CA SER A 993 -1.38 29.01 12.54
C SER A 993 -1.35 27.59 11.97
N GLY A 994 -1.09 26.61 12.84
CA GLY A 994 -1.03 25.24 12.38
C GLY A 994 -0.87 24.27 13.52
N ILE A 995 -0.80 22.99 13.17
CA ILE A 995 -0.63 21.89 14.11
C ILE A 995 0.47 20.98 13.59
N ASP A 996 1.32 20.49 14.49
CA ASP A 996 2.41 19.59 14.13
C ASP A 996 2.48 18.42 15.10
N SER A 997 2.97 17.28 14.61
CA SER A 997 3.02 16.06 15.39
C SER A 997 4.38 15.37 15.22
N ASN A 998 4.82 14.68 16.27
CA ASN A 998 6.12 14.01 16.30
C ASN A 998 5.96 12.57 16.76
N LEU A 999 6.62 11.65 16.06
CA LEU A 999 6.66 10.24 16.43
C LEU A 999 8.11 9.81 16.52
N HIS A 1000 8.40 8.91 17.46
CA HIS A 1000 9.79 8.54 17.74
C HIS A 1000 9.84 7.22 18.48
N VAL A 1001 10.69 6.31 18.01
CA VAL A 1001 10.93 5.03 18.66
C VAL A 1001 12.43 4.76 18.66
N TYR A 1002 12.93 4.20 19.75
CA TYR A 1002 14.36 3.93 19.92
C TYR A 1002 14.54 2.51 20.44
N ALA A 1003 15.53 1.80 19.89
CA ALA A 1003 15.77 0.40 20.23
C ALA A 1003 17.25 0.17 20.55
N PRO A 1004 17.66 0.49 21.78
CA PRO A 1004 19.05 0.19 22.22
C PRO A 1004 19.20 -1.22 22.79
N LEU A 1005 19.38 -2.19 21.90
CA LEU A 1005 19.31 -3.59 22.26
C LEU A 1005 20.50 -4.37 21.69
N LYS A 1006 20.88 -5.42 22.42
CA LYS A 1006 21.88 -6.38 22.00
C LYS A 1006 21.23 -7.74 21.78
N ILE A 1007 21.70 -8.46 20.77
CA ILE A 1007 21.09 -9.71 20.36
C ILE A 1007 22.17 -10.78 20.19
N SER A 1008 21.93 -11.95 20.76
CA SER A 1008 22.74 -13.14 20.49
C SER A 1008 21.82 -14.23 19.96
N LEU A 1009 22.16 -14.79 18.81
CA LEU A 1009 21.32 -15.76 18.13
C LEU A 1009 22.12 -17.02 17.86
N ASP A 1010 21.66 -18.15 18.40
CA ASP A 1010 22.26 -19.46 18.17
C ASP A 1010 21.20 -20.37 17.56
N VAL A 1011 21.38 -20.71 16.29
CA VAL A 1011 20.43 -21.56 15.57
C VAL A 1011 21.16 -22.83 15.15
N ASN A 1012 20.62 -23.98 15.56
CA ASN A 1012 21.18 -25.29 15.25
C ASN A 1012 20.09 -26.08 14.53
N THR A 1013 20.09 -26.01 13.20
CA THR A 1013 18.96 -26.51 12.43
C THR A 1013 18.77 -28.04 12.45
N PRO A 1014 19.80 -28.87 12.57
CA PRO A 1014 19.50 -30.32 12.65
C PRO A 1014 18.69 -30.69 13.88
N LYS A 1015 18.90 -29.99 14.99
CA LYS A 1015 18.14 -30.23 16.22
C LYS A 1015 16.96 -29.28 16.37
N GLY A 1016 16.71 -28.41 15.39
CA GLY A 1016 15.55 -27.55 15.43
C GLY A 1016 15.59 -26.46 16.47
N ASN A 1017 16.69 -26.29 17.18
CA ASN A 1017 16.77 -25.28 18.23
C ASN A 1017 16.90 -23.88 17.63
N MET A 1018 16.22 -22.92 18.25
CA MET A 1018 16.30 -21.51 17.85
C MET A 1018 16.37 -20.70 19.15
N GLN A 1019 17.60 -20.45 19.61
CA GLN A 1019 17.83 -19.78 20.88
C GLN A 1019 18.23 -18.34 20.63
N TRP A 1020 17.43 -17.40 21.15
CA TRP A 1020 17.73 -15.98 21.12
C TRP A 1020 18.13 -15.52 22.52
N LYS A 1021 18.97 -14.49 22.57
CA LYS A 1021 19.27 -13.79 23.82
C LYS A 1021 19.25 -12.30 23.54
N ILE A 1022 18.47 -11.55 24.31
CA ILE A 1022 18.31 -10.11 24.13
C ILE A 1022 18.73 -9.42 25.41
N TRP A 1023 19.52 -8.36 25.28
CA TRP A 1023 20.10 -7.64 26.40
C TRP A 1023 19.73 -6.16 26.34
N PRO A 1024 19.69 -5.48 27.47
CA PRO A 1024 19.63 -4.01 27.47
C PRO A 1024 21.03 -3.43 27.27
N MET A 1025 21.21 -2.68 26.19
CA MET A 1025 22.54 -2.25 25.78
C MET A 1025 23.14 -1.33 26.84
N LYS A 1026 24.45 -1.51 27.08
CA LYS A 1026 25.13 -0.75 28.13
C LYS A 1026 25.17 0.72 27.79
N GLY A 1027 25.01 1.56 28.81
CA GLY A 1027 25.01 3.00 28.63
C GLY A 1027 23.66 3.59 28.26
N GLU A 1028 22.65 2.77 28.04
CA GLU A 1028 21.31 3.21 27.72
C GLU A 1028 20.33 2.79 28.81
N GLU A 1029 20.75 2.96 30.06
CA GLU A 1029 19.91 2.55 31.18
C GLU A 1029 18.62 3.36 31.23
N LYS A 1030 18.70 4.66 30.99
CA LYS A 1030 17.54 5.55 31.02
C LYS A 1030 17.53 6.38 29.74
N SER A 1031 16.85 5.88 28.72
CA SER A 1031 16.74 6.58 27.46
C SER A 1031 15.29 6.54 26.99
N ARG A 1032 14.92 7.51 26.17
CA ARG A 1032 13.56 7.56 25.65
C ARG A 1032 13.34 6.43 24.66
N LEU A 1033 12.17 5.79 24.77
CA LEU A 1033 11.77 4.73 23.85
C LEU A 1033 10.59 5.10 22.98
N PHE A 1034 9.69 5.94 23.45
CA PHE A 1034 8.52 6.35 22.68
C PHE A 1034 8.21 7.81 22.98
N HIS A 1035 7.70 8.51 21.97
CA HIS A 1035 7.28 9.90 22.14
C HIS A 1035 6.31 10.28 21.04
N TYR A 1036 5.06 10.56 21.41
CA TYR A 1036 4.07 11.08 20.47
C TYR A 1036 3.52 12.37 21.04
N SER A 1037 3.55 13.43 20.24
CA SER A 1037 3.08 14.73 20.69
C SER A 1037 2.45 15.48 19.53
N VAL A 1038 1.24 15.98 19.74
CA VAL A 1038 0.54 16.82 18.77
C VAL A 1038 0.30 18.16 19.44
N VAL A 1039 0.79 19.23 18.82
CA VAL A 1039 0.78 20.55 19.44
C VAL A 1039 0.29 21.60 18.46
N PRO A 1040 -0.83 22.28 18.73
CA PRO A 1040 -1.24 23.42 17.91
C PRO A 1040 -0.73 24.73 18.49
N PHE A 1041 -0.54 25.71 17.60
CA PHE A 1041 0.18 26.92 17.98
C PHE A 1041 -0.18 28.05 17.04
N VAL A 1042 0.15 29.27 17.46
CA VAL A 1042 0.18 30.45 16.60
C VAL A 1042 1.54 31.10 16.77
N SER A 1043 2.10 31.59 15.67
CA SER A 1043 3.47 32.07 15.66
C SER A 1043 3.58 33.39 14.92
N ASN A 1044 4.63 34.13 15.27
CA ASN A 1044 4.91 35.46 14.70
C ASN A 1044 6.44 35.60 14.68
N HIS A 1045 7.04 35.24 13.55
CA HIS A 1045 8.49 35.07 13.51
C HIS A 1045 9.10 35.81 12.32
N ASP A 1046 10.33 36.29 12.52
CA ASP A 1046 11.12 36.89 11.46
C ASP A 1046 11.51 35.83 10.43
N ILE A 1047 11.72 36.29 9.20
CA ILE A 1047 12.14 35.37 8.15
C ILE A 1047 13.66 35.28 8.06
N LEU A 1048 14.37 36.35 8.44
CA LEU A 1048 15.83 36.33 8.36
C LEU A 1048 16.42 35.28 9.28
N ASN A 1049 15.90 35.17 10.50
CA ASN A 1049 16.33 34.13 11.42
C ASN A 1049 15.96 32.76 10.86
N LEU A 1050 16.89 31.81 10.94
CA LEU A 1050 16.70 30.46 10.42
C LEU A 1050 16.78 29.51 11.62
N ARG A 1051 15.67 29.34 12.30
CA ARG A 1051 15.61 28.50 13.49
C ARG A 1051 14.25 27.85 13.56
N PRO A 1052 14.13 26.71 14.25
CA PRO A 1052 12.81 26.09 14.41
C PRO A 1052 11.87 27.00 15.18
N LEU A 1053 10.61 27.01 14.75
CA LEU A 1053 9.63 27.91 15.34
C LEU A 1053 9.32 27.57 16.79
N SER A 1054 9.58 26.34 17.22
CA SER A 1054 9.32 25.98 18.61
C SER A 1054 10.20 26.77 19.56
N MET A 1055 11.40 27.14 19.12
CA MET A 1055 12.31 27.93 19.95
C MET A 1055 12.21 29.43 19.69
N GLU A 1056 11.33 29.86 18.78
CA GLU A 1056 11.11 31.28 18.59
C GLU A 1056 10.34 31.86 19.77
N LYS A 1057 10.52 33.16 20.00
CA LYS A 1057 9.84 33.81 21.11
C LYS A 1057 8.38 34.08 20.82
N GLY A 1058 8.03 34.38 19.56
CA GLY A 1058 6.67 34.74 19.24
C GLY A 1058 5.70 33.57 19.24
N THR A 1059 6.20 32.36 19.12
CA THR A 1059 5.33 31.20 19.07
C THR A 1059 4.68 30.96 20.42
N ARG A 1060 3.36 30.79 20.41
CA ARG A 1060 2.59 30.55 21.63
C ARG A 1060 1.81 29.25 21.50
N PRO A 1061 2.16 28.22 22.25
CA PRO A 1061 1.33 27.00 22.26
C PRO A 1061 0.01 27.25 22.96
N MET A 1062 -0.89 26.29 22.83
CA MET A 1062 -2.26 26.42 23.32
C MET A 1062 -2.61 25.27 24.26
N ILE A 1063 -1.74 25.08 25.25
CA ILE A 1063 -2.02 24.19 26.38
C ILE A 1063 -3.42 24.47 26.90
N PRO A 1064 -4.30 23.48 26.95
CA PRO A 1064 -5.66 23.71 27.43
C PRO A 1064 -5.67 24.15 28.89
N ASP A 1065 -6.74 24.87 29.25
CA ASP A 1065 -6.82 25.47 30.58
C ASP A 1065 -6.82 24.42 31.68
N ASP A 1066 -7.56 23.33 31.50
CA ASP A 1066 -7.68 22.28 32.51
C ASP A 1066 -6.74 21.14 32.14
N ASN A 1067 -5.47 21.31 32.47
CA ASN A 1067 -4.42 20.35 32.13
C ASN A 1067 -3.92 19.67 33.40
N THR A 1068 -3.79 18.35 33.32
CA THR A 1068 -3.29 17.56 34.44
C THR A 1068 -2.31 16.52 33.92
N SER A 1069 -1.24 16.30 34.69
CA SER A 1069 -0.25 15.29 34.34
C SER A 1069 -0.67 13.93 34.90
N LEU A 1070 0.09 12.89 34.54
CA LEU A 1070 -0.23 11.54 34.96
C LEU A 1070 1.01 10.66 34.83
N ALA A 1071 1.31 9.91 35.88
CA ALA A 1071 2.39 8.93 35.87
C ALA A 1071 1.74 7.54 35.90
N LEU A 1072 1.78 6.85 34.75
CA LEU A 1072 1.06 5.58 34.63
C LEU A 1072 1.56 4.51 35.60
N PRO A 1073 2.87 4.22 35.72
CA PRO A 1073 3.28 3.15 36.64
C PRO A 1073 3.09 3.55 38.09
N LYS A 1074 2.13 2.91 38.76
CA LYS A 1074 1.90 3.20 40.18
C LYS A 1074 3.04 2.71 41.05
N ASN A 1075 3.76 1.68 40.59
CA ASN A 1075 4.93 1.17 41.28
C ASN A 1075 6.15 1.31 40.39
N GLU A 1076 7.33 1.35 41.02
CA GLU A 1076 8.57 1.61 40.30
C GLU A 1076 8.97 0.40 39.46
N GLY A 1077 8.23 0.17 38.37
CA GLY A 1077 8.53 -0.93 37.49
C GLY A 1077 9.65 -0.61 36.53
N PRO A 1078 9.94 -1.56 35.65
CA PRO A 1078 11.01 -1.35 34.65
C PRO A 1078 10.70 -0.25 33.65
N PHE A 1079 9.44 0.16 33.52
CA PHE A 1079 9.03 1.14 32.52
C PHE A 1079 8.32 2.30 33.19
N ARG A 1080 8.49 3.48 32.62
CA ARG A 1080 7.79 4.69 33.05
C ARG A 1080 7.03 5.28 31.87
N LEU A 1081 5.81 5.75 32.14
CA LEU A 1081 5.01 6.42 31.13
C LEU A 1081 4.41 7.68 31.74
N ASN A 1082 4.48 8.77 30.99
CA ASN A 1082 4.10 10.09 31.50
C ASN A 1082 3.20 10.75 30.46
N VAL A 1083 1.90 10.64 30.63
CA VAL A 1083 0.93 11.16 29.67
C VAL A 1083 0.23 12.36 30.29
N GLU A 1084 0.26 13.49 29.58
CA GLU A 1084 -0.40 14.71 30.04
C GLU A 1084 -1.25 15.26 28.92
N THR A 1085 -2.43 15.76 29.27
CA THR A 1085 -3.39 16.31 28.33
C THR A 1085 -4.46 17.05 29.12
N ALA A 1086 -5.52 17.48 28.45
CA ALA A 1086 -6.59 18.20 29.11
C ALA A 1086 -7.39 17.25 30.01
N LYS A 1087 -8.15 17.84 30.94
CA LYS A 1087 -9.04 17.06 31.78
C LYS A 1087 -10.12 16.38 30.95
N THR A 1088 -10.55 17.00 29.87
CA THR A 1088 -11.49 16.41 28.93
C THR A 1088 -10.65 15.45 28.07
N ASN A 1089 -11.17 15.00 26.92
CA ASN A 1089 -10.55 13.95 26.12
C ASN A 1089 -10.60 12.63 26.89
N GLU A 1090 -11.79 12.32 27.40
CA GLU A 1090 -11.99 11.08 28.13
C GLU A 1090 -11.65 9.87 27.28
N GLU A 1091 -11.72 10.00 25.96
CA GLU A 1091 -11.33 8.91 25.07
C GLU A 1091 -9.90 8.45 25.38
N MET A 1092 -8.93 9.34 25.21
CA MET A 1092 -7.55 8.98 25.51
C MET A 1092 -7.34 8.80 27.01
N TRP A 1093 -8.09 9.53 27.84
CA TRP A 1093 -7.90 9.43 29.28
C TRP A 1093 -8.33 8.07 29.82
N GLU A 1094 -9.17 7.36 29.07
CA GLU A 1094 -9.55 6.01 29.46
C GLU A 1094 -8.75 4.96 28.70
N LEU A 1095 -8.46 5.20 27.43
CA LEU A 1095 -7.74 4.23 26.63
C LEU A 1095 -6.34 3.98 27.16
N ILE A 1096 -5.64 5.04 27.56
CA ILE A 1096 -4.21 4.92 27.83
C ILE A 1096 -3.96 4.27 29.18
N ASP A 1097 -4.40 4.91 30.25
CA ASP A 1097 -3.99 4.49 31.59
C ASP A 1097 -4.89 3.43 32.20
N THR A 1098 -6.17 3.37 31.83
CA THR A 1098 -7.10 2.49 32.53
C THR A 1098 -6.87 1.03 32.20
N GLU A 1099 -6.09 0.35 33.04
CA GLU A 1099 -5.91 -1.09 32.89
C GLU A 1099 -7.12 -1.89 33.38
N LYS A 1100 -7.99 -1.28 34.19
CA LYS A 1100 -9.18 -1.95 34.69
C LYS A 1100 -10.15 -2.25 33.56
N LEU A 1101 -10.58 -1.21 32.84
CA LEU A 1101 -11.51 -1.39 31.73
C LEU A 1101 -10.76 -1.78 30.47
N THR A 1102 -9.94 -2.83 30.55
CA THR A 1102 -9.17 -3.29 29.41
C THR A 1102 -10.02 -4.21 28.54
N ASP A 1103 -11.11 -3.68 27.98
CA ASP A 1103 -11.99 -4.44 27.12
C ASP A 1103 -12.64 -3.49 26.12
N ARG A 1104 -12.65 -3.91 24.87
CA ARG A 1104 -13.15 -3.09 23.77
C ARG A 1104 -12.43 -1.75 23.72
N LEU A 1105 -11.20 -1.73 24.23
CA LEU A 1105 -10.41 -0.51 24.36
C LEU A 1105 -9.79 -0.08 23.02
N PRO A 1106 -9.08 -0.96 22.28
CA PRO A 1106 -8.39 -0.49 21.07
C PRO A 1106 -9.31 0.18 20.06
N TYR A 1107 -10.29 -0.58 19.54
CA TYR A 1107 -11.34 -0.09 18.62
C TYR A 1107 -10.81 0.98 17.68
N PRO A 1108 -9.90 0.63 16.75
CA PRO A 1108 -9.16 1.65 15.98
C PRO A 1108 -10.01 2.78 15.45
N TRP A 1109 -9.77 4.00 15.95
CA TRP A 1109 -10.47 5.20 15.54
C TRP A 1109 -9.45 6.30 15.23
N THR A 1110 -9.92 7.51 14.98
CA THR A 1110 -9.05 8.64 14.70
C THR A 1110 -8.39 9.22 15.95
N MET A 1111 -8.95 8.96 17.14
CA MET A 1111 -8.41 9.45 18.41
C MET A 1111 -8.23 10.97 18.37
N ASP A 1112 -9.23 11.66 17.81
CA ASP A 1112 -9.37 13.13 17.82
C ASP A 1112 -8.01 13.83 17.77
N ASN A 1113 -7.27 13.53 16.71
CA ASN A 1113 -5.87 13.94 16.58
C ASN A 1113 -5.66 15.45 16.43
N GLU A 1114 -6.75 16.23 16.51
CA GLU A 1114 -6.66 17.68 16.38
C GLU A 1114 -6.61 18.38 17.73
N ARG A 1115 -6.22 17.69 18.79
CA ARG A 1115 -6.14 18.30 20.10
C ARG A 1115 -4.82 17.94 20.77
N TYR A 1116 -4.43 18.79 21.73
CA TYR A 1116 -3.12 18.71 22.35
C TYR A 1116 -2.93 17.38 23.09
N VAL A 1117 -1.74 16.82 22.95
CA VAL A 1117 -1.38 15.54 23.56
C VAL A 1117 0.13 15.40 23.51
N LYS A 1118 0.69 14.84 24.57
CA LYS A 1118 2.10 14.46 24.54
C LYS A 1118 2.34 13.32 25.52
N VAL A 1119 3.09 12.31 25.06
CA VAL A 1119 3.40 11.12 25.82
C VAL A 1119 4.89 10.84 25.68
N ASP A 1120 5.42 10.07 26.62
CA ASP A 1120 6.81 9.63 26.53
C ASP A 1120 7.04 8.44 27.46
N MET A 1121 7.73 7.43 26.97
CA MET A 1121 7.99 6.20 27.71
C MET A 1121 9.50 6.00 27.83
N TYR A 1122 10.01 6.13 29.06
CA TYR A 1122 11.42 5.91 29.34
C TYR A 1122 11.66 4.46 29.72
N MET A 1123 12.92 4.13 29.99
CA MET A 1123 13.31 2.84 30.57
C MET A 1123 13.87 3.10 31.95
N ASN A 1124 13.32 2.42 32.95
CA ASN A 1124 13.70 2.60 34.34
C ASN A 1124 14.76 1.62 34.80
N LEU A 1125 15.34 0.83 33.88
CA LEU A 1125 16.33 -0.17 34.24
C LEU A 1125 17.60 0.52 34.70
N GLU A 1126 17.92 0.39 35.99
CA GLU A 1126 19.14 0.93 36.57
C GLU A 1126 19.91 -0.20 37.26
N GLY A 1127 21.19 0.03 37.48
CA GLY A 1127 22.03 -1.03 38.02
C GLY A 1127 22.25 -2.12 36.99
N GLU A 1128 23.05 -1.82 35.97
CA GLU A 1128 23.21 -2.63 34.77
C GLU A 1128 23.17 -4.12 35.07
N GLN A 1129 22.30 -4.83 34.36
CA GLN A 1129 22.01 -6.23 34.62
C GLN A 1129 22.58 -7.11 33.50
N LYS A 1130 23.03 -8.30 33.89
CA LYS A 1130 23.65 -9.25 32.97
C LYS A 1130 22.77 -10.48 32.74
N ASP A 1131 21.48 -10.40 33.06
CA ASP A 1131 20.58 -11.53 32.89
C ASP A 1131 19.81 -11.39 31.59
N PRO A 1132 20.02 -12.26 30.61
CA PRO A 1132 19.36 -12.11 29.32
C PRO A 1132 17.88 -12.41 29.40
N VAL A 1133 17.15 -11.88 28.42
CA VAL A 1133 15.80 -12.34 28.11
C VAL A 1133 15.93 -13.37 26.99
N ILE A 1134 15.53 -14.61 27.27
CA ILE A 1134 15.80 -15.75 26.40
C ILE A 1134 14.50 -16.20 25.75
N PHE A 1135 14.63 -16.77 24.55
CA PHE A 1135 13.48 -17.27 23.79
C PHE A 1135 13.94 -18.53 23.06
N SER A 1136 13.48 -19.69 23.51
CA SER A 1136 13.89 -20.97 22.98
C SER A 1136 12.75 -21.61 22.19
N THR A 1137 13.13 -22.56 21.34
CA THR A 1137 12.16 -23.31 20.54
C THR A 1137 12.80 -24.66 20.20
N SER A 1138 11.96 -25.63 19.86
CA SER A 1138 12.43 -26.97 19.49
C SER A 1138 11.45 -27.59 18.49
N PHE A 1139 11.71 -28.84 18.13
CA PHE A 1139 10.93 -29.58 17.15
C PHE A 1139 11.42 -31.02 17.13
N ASP A 1140 10.51 -31.94 16.86
CA ASP A 1140 10.86 -33.36 16.80
C ASP A 1140 9.75 -34.11 16.08
N SER A 1141 10.05 -35.37 15.73
CA SER A 1141 9.07 -36.26 15.12
C SER A 1141 9.43 -37.70 15.45
N LYS A 1142 8.44 -38.57 15.33
CA LYS A 1142 8.63 -39.99 15.60
C LYS A 1142 7.55 -40.77 14.87
N VAL A 1143 7.81 -42.07 14.69
CA VAL A 1143 6.85 -43.02 14.13
C VAL A 1143 6.63 -44.10 15.16
N MET A 1144 5.37 -44.38 15.46
CA MET A 1144 5.03 -45.22 16.60
C MET A 1144 5.34 -46.69 16.31
N THR A 1145 5.86 -47.38 17.33
CA THR A 1145 6.36 -48.73 17.16
C THR A 1145 5.20 -49.74 17.21
N ARG A 1146 5.55 -51.03 17.34
CA ARG A 1146 4.54 -52.07 17.17
C ARG A 1146 3.58 -52.17 18.35
N PRO A 1147 4.02 -52.42 19.59
CA PRO A 1147 3.04 -52.70 20.65
C PRO A 1147 2.20 -51.51 21.06
N ASP A 1148 2.62 -50.28 20.72
CA ASP A 1148 1.83 -49.12 21.12
C ASP A 1148 0.51 -49.05 20.36
N THR A 1149 0.54 -49.38 19.07
CA THR A 1149 -0.65 -49.35 18.23
C THR A 1149 -1.32 -50.73 18.17
N ASP A 1150 -1.67 -51.23 19.35
CA ASP A 1150 -2.33 -52.53 19.46
C ASP A 1150 -3.81 -52.48 19.13
N SER A 1151 -4.36 -51.29 18.90
CA SER A 1151 -5.77 -51.02 18.57
C SER A 1151 -6.71 -51.28 19.74
N GLU A 1152 -6.21 -51.78 20.87
CA GLU A 1152 -7.02 -51.97 22.06
C GLU A 1152 -6.90 -50.80 23.03
N ASN A 1153 -6.15 -49.76 22.67
CA ASN A 1153 -5.89 -48.64 23.55
C ASN A 1153 -6.77 -47.43 23.24
N TRP A 1154 -7.77 -47.58 22.37
CA TRP A 1154 -8.62 -46.46 21.98
C TRP A 1154 -9.90 -46.49 22.79
N THR A 1155 -9.90 -45.74 23.90
CA THR A 1155 -11.08 -45.49 24.72
C THR A 1155 -11.85 -44.31 24.14
N PRO A 1156 -13.18 -44.36 24.10
CA PRO A 1156 -13.95 -43.29 23.46
C PRO A 1156 -13.70 -41.91 24.04
N LYS A 1157 -13.42 -41.79 25.33
CA LYS A 1157 -13.18 -40.51 25.96
C LYS A 1157 -11.76 -40.45 26.51
N MET A 1158 -11.10 -39.32 26.30
CA MET A 1158 -9.72 -39.12 26.74
C MET A 1158 -9.67 -38.35 28.06
N MET A 1159 -8.48 -38.33 28.64
CA MET A 1159 -8.18 -37.53 29.82
C MET A 1159 -6.85 -36.84 29.61
N ALA A 1160 -6.76 -35.60 30.09
CA ALA A 1160 -5.52 -34.85 29.96
C ALA A 1160 -4.43 -35.49 30.82
N VAL A 1161 -3.24 -35.59 30.26
CA VAL A 1161 -2.13 -36.25 30.92
C VAL A 1161 -1.28 -35.20 31.63
N GLU A 1162 -0.86 -35.50 32.86
CA GLU A 1162 0.00 -34.62 33.61
C GLU A 1162 1.43 -35.15 33.55
N PRO A 1163 2.33 -34.51 32.83
CA PRO A 1163 3.70 -35.03 32.72
C PRO A 1163 4.42 -35.02 34.05
N THR A 1164 5.34 -35.96 34.21
CA THR A 1164 6.12 -36.04 35.45
C THR A 1164 7.15 -34.93 35.53
N ASP A 1165 7.67 -34.47 34.39
CA ASP A 1165 8.68 -33.43 34.35
C ASP A 1165 8.07 -32.14 33.84
N LYS A 1166 8.29 -31.05 34.56
CA LYS A 1166 7.71 -29.75 34.22
C LYS A 1166 8.77 -28.69 33.92
N GLN A 1167 10.01 -29.09 33.70
CA GLN A 1167 11.08 -28.13 33.42
C GLN A 1167 10.96 -27.63 31.98
N ALA A 1168 11.93 -26.85 31.54
CA ALA A 1168 11.90 -26.20 30.23
C ALA A 1168 12.78 -26.97 29.26
N ASN A 1169 12.23 -27.23 28.06
CA ASN A 1169 12.92 -27.95 27.00
C ASN A 1169 13.46 -29.29 27.50
N SER A 1170 12.54 -30.16 27.89
CA SER A 1170 12.86 -31.47 28.44
C SER A 1170 12.53 -32.55 27.41
N LYS A 1171 13.47 -33.46 27.18
CA LYS A 1171 13.24 -34.55 26.24
C LYS A 1171 12.19 -35.54 26.76
N THR A 1172 12.16 -35.74 28.08
CA THR A 1172 11.23 -36.71 28.66
C THR A 1172 9.79 -36.33 28.39
N ARG A 1173 9.45 -35.05 28.57
CA ARG A 1173 8.09 -34.60 28.30
C ARG A 1173 7.73 -34.77 26.83
N ARG A 1174 8.68 -34.47 25.94
CA ARG A 1174 8.44 -34.65 24.52
C ARG A 1174 8.15 -36.11 24.20
N GLN A 1175 8.97 -37.02 24.71
CA GLN A 1175 8.75 -38.44 24.45
C GLN A 1175 7.40 -38.90 25.01
N GLU A 1176 7.06 -38.47 26.23
CA GLU A 1176 5.81 -38.91 26.83
C GLU A 1176 4.60 -38.41 26.04
N MET A 1177 4.60 -37.14 25.65
CA MET A 1177 3.48 -36.61 24.87
C MET A 1177 3.39 -37.29 23.51
N MET A 1178 4.52 -37.50 22.85
CA MET A 1178 4.53 -38.14 21.54
C MET A 1178 4.00 -39.57 21.63
N ARG A 1179 4.36 -40.28 22.71
CA ARG A 1179 3.83 -41.63 22.92
C ARG A 1179 2.34 -41.60 23.16
N GLU A 1180 1.87 -40.78 24.10
CA GLU A 1180 0.47 -40.76 24.45
C GLU A 1180 -0.42 -40.17 23.35
N ALA A 1181 0.17 -39.54 22.33
CA ALA A 1181 -0.62 -38.93 21.28
C ALA A 1181 -0.89 -39.85 20.12
N GLY A 1182 -0.20 -40.98 20.00
CA GLY A 1182 -0.35 -41.81 18.83
C GLY A 1182 -0.72 -43.25 19.10
N ARG A 1183 -0.89 -43.60 20.37
CA ARG A 1183 -1.23 -44.97 20.71
C ARG A 1183 -2.63 -45.32 20.20
N GLY A 1184 -2.80 -46.56 19.79
CA GLY A 1184 -4.07 -47.05 19.30
C GLY A 1184 -4.39 -46.71 17.86
N ILE A 1185 -3.48 -46.03 17.16
CA ILE A 1185 -3.67 -45.67 15.77
C ILE A 1185 -2.60 -46.38 14.95
N GLU A 1186 -3.02 -47.18 13.99
CA GLU A 1186 -2.06 -47.89 13.16
C GLU A 1186 -1.35 -46.92 12.22
N SER A 1187 -0.03 -47.08 12.12
CA SER A 1187 0.79 -46.28 11.21
C SER A 1187 0.63 -44.79 11.47
N ALA A 1188 0.74 -44.42 12.74
CA ALA A 1188 0.50 -43.05 13.19
C ALA A 1188 1.81 -42.33 13.42
N LYS A 1189 1.86 -41.06 13.02
CA LYS A 1189 3.02 -40.20 13.24
C LYS A 1189 2.65 -39.10 14.23
N SER A 1190 3.47 -38.93 15.26
CA SER A 1190 3.24 -37.92 16.27
C SER A 1190 4.26 -36.79 16.12
N TYR A 1191 3.81 -35.55 16.33
CA TYR A 1191 4.62 -34.35 16.20
C TYR A 1191 4.63 -33.60 17.52
N VAL A 1192 5.58 -32.67 17.66
CA VAL A 1192 5.73 -31.91 18.90
C VAL A 1192 6.46 -30.61 18.59
N VAL A 1193 6.06 -29.54 19.28
CA VAL A 1193 6.67 -28.23 19.16
C VAL A 1193 6.78 -27.63 20.56
N ASP A 1194 8.01 -27.35 21.00
CA ASP A 1194 8.28 -26.90 22.35
C ASP A 1194 8.87 -25.50 22.32
N VAL A 1195 8.32 -24.62 23.15
CA VAL A 1195 8.69 -23.20 23.18
C VAL A 1195 8.99 -22.80 24.62
N ARG A 1196 10.02 -21.97 24.78
CA ARG A 1196 10.37 -21.44 26.09
C ARG A 1196 10.60 -19.94 26.02
N VAL A 1197 10.05 -19.21 26.99
CA VAL A 1197 10.24 -17.77 27.10
C VAL A 1197 10.65 -17.45 28.53
N HIS A 1198 11.68 -16.63 28.69
CA HIS A 1198 12.25 -16.33 29.99
C HIS A 1198 12.49 -14.83 30.10
N VAL A 1199 11.98 -14.22 31.16
CA VAL A 1199 12.15 -12.78 31.37
C VAL A 1199 12.62 -12.55 32.80
N PRO A 1200 13.86 -12.14 33.01
CA PRO A 1200 14.36 -11.93 34.38
C PRO A 1200 14.01 -10.56 34.93
N GLY A 1201 14.55 -10.25 36.10
CA GLY A 1201 14.36 -8.95 36.70
C GLY A 1201 13.96 -9.01 38.16
N GLU A 1202 13.28 -7.97 38.64
CA GLU A 1202 12.78 -7.98 40.01
C GLU A 1202 11.70 -9.03 40.19
N SER A 1203 11.09 -9.52 39.11
CA SER A 1203 10.10 -10.58 39.18
C SER A 1203 10.27 -11.45 37.93
N GLU A 1204 10.95 -12.58 38.09
CA GLU A 1204 11.17 -13.48 36.96
C GLU A 1204 9.86 -14.07 36.47
N SER A 1205 9.83 -14.42 35.18
CA SER A 1205 8.63 -14.97 34.55
C SER A 1205 9.07 -16.07 33.58
N GLU A 1206 9.07 -17.31 34.07
CA GLU A 1206 9.34 -18.45 33.20
C GLU A 1206 8.07 -18.85 32.47
N THR A 1207 8.24 -19.54 31.34
CA THR A 1207 7.13 -19.95 30.51
C THR A 1207 7.48 -21.22 29.76
N VAL A 1208 6.57 -22.20 29.78
CA VAL A 1208 6.73 -23.45 29.06
C VAL A 1208 5.48 -23.71 28.24
N LEU A 1209 5.67 -24.08 26.98
CA LEU A 1209 4.55 -24.38 26.09
C LEU A 1209 4.91 -25.56 25.20
N THR A 1210 4.03 -26.56 25.15
CA THR A 1210 4.23 -27.73 24.32
C THR A 1210 2.94 -28.06 23.59
N LEU A 1211 3.06 -28.51 22.34
CA LEU A 1211 1.93 -28.97 21.55
C LEU A 1211 2.27 -30.33 20.96
N ALA A 1212 1.23 -31.10 20.66
CA ALA A 1212 1.42 -32.43 20.08
C ALA A 1212 0.17 -32.79 19.29
N TRP A 1213 0.37 -33.49 18.17
CA TRP A 1213 -0.75 -33.98 17.39
C TRP A 1213 -0.33 -35.21 16.62
N SER A 1214 -1.33 -35.99 16.19
CA SER A 1214 -1.10 -37.25 15.50
C SER A 1214 -2.01 -37.35 14.30
N GLU A 1215 -1.58 -38.15 13.33
CA GLU A 1215 -2.38 -38.42 12.13
C GLU A 1215 -1.85 -39.69 11.48
N SER A 1216 -2.74 -40.40 10.79
CA SER A 1216 -2.37 -41.64 10.12
C SER A 1216 -3.16 -41.78 8.83
N ASN A 1217 -2.52 -42.36 7.82
CA ASN A 1217 -3.14 -42.56 6.52
C ASN A 1217 -4.03 -43.80 6.47
N VAL A 1218 -4.01 -44.64 7.50
CA VAL A 1218 -4.79 -45.87 7.50
C VAL A 1218 -6.21 -45.63 8.01
N GLU A 1219 -6.35 -45.03 9.19
CA GLU A 1219 -7.65 -44.77 9.78
C GLU A 1219 -7.74 -43.32 10.23
N SER A 1220 -8.90 -42.72 10.02
CA SER A 1220 -9.15 -41.33 10.42
C SER A 1220 -9.34 -41.30 11.93
N LYS A 1221 -8.24 -41.10 12.65
CA LYS A 1221 -8.25 -41.09 14.10
C LYS A 1221 -7.12 -40.18 14.55
N GLY A 1222 -7.46 -38.95 14.93
CA GLY A 1222 -6.47 -37.95 15.30
C GLY A 1222 -6.68 -37.46 16.72
N ARG A 1223 -5.57 -37.11 17.37
CA ARG A 1223 -5.58 -36.59 18.74
C ARG A 1223 -4.70 -35.35 18.82
N LEU A 1224 -5.01 -34.49 19.78
CA LEU A 1224 -4.24 -33.29 20.03
C LEU A 1224 -4.01 -33.13 21.53
N LEU A 1225 -2.87 -32.57 21.88
CA LEU A 1225 -2.54 -32.34 23.28
C LEU A 1225 -1.79 -31.01 23.40
N GLY A 1226 -1.84 -30.45 24.61
CA GLY A 1226 -1.17 -29.19 24.88
C GLY A 1226 -0.81 -29.10 26.34
N PHE A 1227 0.11 -28.18 26.64
CA PHE A 1227 0.59 -28.00 28.00
C PHE A 1227 1.20 -26.61 28.11
N TRP A 1228 0.64 -25.78 28.98
CA TRP A 1228 1.11 -24.43 29.22
C TRP A 1228 1.35 -24.25 30.71
N ARG A 1229 2.39 -23.48 31.07
CA ARG A 1229 2.74 -23.30 32.46
C ARG A 1229 3.69 -22.12 32.58
N VAL A 1230 3.40 -21.21 33.51
CA VAL A 1230 4.25 -20.06 33.79
C VAL A 1230 4.52 -20.01 35.29
N GLU A 1231 5.74 -19.66 35.65
CA GLU A 1231 6.18 -19.59 37.04
C GLU A 1231 6.65 -18.18 37.38
N MET A 1232 6.43 -17.78 38.63
CA MET A 1232 6.85 -16.49 39.15
C MET A 1232 7.66 -16.75 40.41
N PRO A 1233 8.98 -16.86 40.30
CA PRO A 1233 9.79 -17.24 41.47
C PRO A 1233 9.69 -16.26 42.63
N ARG A 1234 9.34 -15.01 42.39
CA ARG A 1234 9.25 -14.03 43.46
C ARG A 1234 7.88 -14.04 44.14
N SER A 1235 6.82 -13.94 43.35
CA SER A 1235 5.46 -13.92 43.88
C SER A 1235 4.92 -15.32 44.16
N ASN A 1236 5.68 -16.37 43.82
CA ASN A 1236 5.27 -17.75 44.09
C ASN A 1236 3.93 -18.08 43.45
N ALA A 1237 3.72 -17.59 42.23
CA ALA A 1237 2.49 -17.83 41.49
C ALA A 1237 2.75 -18.86 40.40
N ASP A 1238 1.95 -19.92 40.39
CA ASP A 1238 2.08 -21.00 39.44
C ASP A 1238 0.72 -21.31 38.84
N TYR A 1239 0.66 -21.43 37.51
CA TYR A 1239 -0.58 -21.78 36.83
C TYR A 1239 -0.27 -22.75 35.70
N GLU A 1240 -1.22 -23.63 35.41
CA GLU A 1240 -1.05 -24.69 34.42
C GLU A 1240 -2.35 -24.90 33.66
N VAL A 1241 -2.25 -25.61 32.54
CA VAL A 1241 -3.42 -26.05 31.79
C VAL A 1241 -3.00 -27.20 30.89
N CYS A 1242 -3.85 -28.22 30.82
CA CYS A 1242 -3.57 -29.41 30.03
C CYS A 1242 -4.78 -29.68 29.15
N ILE A 1243 -4.54 -30.08 27.90
CA ILE A 1243 -5.62 -30.30 26.95
C ILE A 1243 -5.44 -31.69 26.31
N GLY A 1244 -6.53 -32.45 26.25
CA GLY A 1244 -6.54 -33.71 25.53
C GLY A 1244 -7.80 -33.86 24.70
N SER A 1245 -7.64 -34.10 23.40
CA SER A 1245 -8.76 -34.12 22.47
C SER A 1245 -8.56 -35.24 21.45
N GLN A 1246 -9.68 -35.67 20.86
CA GLN A 1246 -9.63 -36.63 19.77
C GLN A 1246 -10.84 -36.42 18.86
N ILE A 1247 -10.66 -36.79 17.59
CA ILE A 1247 -11.70 -36.70 16.58
C ILE A 1247 -11.71 -38.00 15.80
N MET A 1248 -12.89 -38.59 15.62
CA MET A 1248 -13.05 -39.83 14.89
C MET A 1248 -14.26 -39.74 13.97
N VAL A 1249 -14.11 -40.26 12.76
CA VAL A 1249 -15.24 -40.43 11.84
C VAL A 1249 -15.49 -41.93 11.70
N SER A 1250 -16.69 -42.36 12.09
CA SER A 1250 -16.99 -43.78 12.18
C SER A 1250 -16.85 -44.53 10.86
N PRO A 1251 -17.43 -44.08 9.74
CA PRO A 1251 -17.31 -44.86 8.51
C PRO A 1251 -15.88 -44.87 7.99
N GLU A 1252 -15.40 -46.07 7.66
CA GLU A 1252 -14.09 -46.19 7.05
C GLU A 1252 -14.13 -45.64 5.63
N THR A 1253 -12.98 -45.17 5.15
CA THR A 1253 -12.91 -44.61 3.81
C THR A 1253 -13.26 -45.68 2.77
N LEU A 1254 -14.08 -45.30 1.79
CA LEU A 1254 -14.51 -46.23 0.76
C LEU A 1254 -14.89 -45.43 -0.47
N LEU A 1255 -14.76 -46.08 -1.63
CA LEU A 1255 -14.91 -45.41 -2.93
C LEU A 1255 -16.28 -45.62 -3.56
N SER A 1256 -16.70 -46.87 -3.71
CA SER A 1256 -17.88 -47.19 -4.51
C SER A 1256 -19.16 -46.72 -3.82
N TYR A 1257 -20.24 -46.66 -4.60
CA TYR A 1257 -21.51 -46.14 -4.11
C TYR A 1257 -22.06 -46.99 -2.97
N ASP A 1258 -22.02 -48.31 -3.13
CA ASP A 1258 -22.56 -49.25 -2.14
C ASP A 1258 -24.00 -48.88 -1.76
N GLU A 1259 -24.83 -48.68 -2.79
CA GLU A 1259 -26.20 -48.22 -2.57
C GLU A 1259 -26.98 -49.17 -1.69
N LYS A 1260 -26.67 -50.46 -1.72
CA LYS A 1260 -27.30 -51.41 -0.82
C LYS A 1260 -26.98 -51.05 0.62
N MET A 1261 -28.01 -51.13 1.47
CA MET A 1261 -27.91 -50.74 2.88
C MET A 1261 -27.56 -49.27 3.04
N ASP A 1262 -27.47 -48.79 4.28
CA ASP A 1262 -27.22 -47.39 4.56
C ASP A 1262 -25.87 -47.15 5.22
N GLN A 1263 -25.62 -47.78 6.37
CA GLN A 1263 -24.40 -47.56 7.15
C GLN A 1263 -24.13 -46.06 7.34
N LYS A 1264 -25.06 -45.44 8.07
CA LYS A 1264 -25.12 -44.00 8.15
C LYS A 1264 -23.83 -43.43 8.75
N PRO A 1265 -23.38 -42.28 8.24
CA PRO A 1265 -22.13 -41.70 8.73
C PRO A 1265 -22.28 -41.15 10.15
N LYS A 1266 -21.15 -41.10 10.84
CA LYS A 1266 -21.08 -40.59 12.19
C LYS A 1266 -19.78 -39.82 12.36
N MET A 1267 -19.80 -38.83 13.26
CA MET A 1267 -18.59 -38.08 13.58
C MET A 1267 -18.69 -37.61 15.02
N ASP A 1268 -17.86 -38.18 15.88
CA ASP A 1268 -17.83 -37.82 17.29
C ASP A 1268 -16.44 -37.32 17.68
N PHE A 1269 -16.40 -36.35 18.59
CA PHE A 1269 -15.15 -35.81 19.07
C PHE A 1269 -15.27 -35.45 20.54
N ASN A 1270 -14.13 -35.44 21.21
CA ASN A 1270 -14.04 -35.14 22.63
C ASN A 1270 -13.02 -34.03 22.83
N VAL A 1271 -13.37 -33.07 23.69
CA VAL A 1271 -12.47 -31.99 24.09
C VAL A 1271 -12.46 -31.94 25.60
N ASP A 1272 -11.28 -32.08 26.19
CA ASP A 1272 -11.13 -32.13 27.63
C ASP A 1272 -10.04 -31.17 28.06
N ILE A 1273 -10.34 -30.33 29.05
CA ILE A 1273 -9.40 -29.35 29.57
C ILE A 1273 -9.37 -29.49 31.09
N ARG A 1274 -8.25 -29.10 31.68
CA ARG A 1274 -8.11 -29.05 33.13
C ARG A 1274 -7.00 -28.08 33.48
N TYR A 1275 -7.26 -27.21 34.46
CA TYR A 1275 -6.33 -26.13 34.80
C TYR A 1275 -6.39 -25.85 36.30
N GLY A 1276 -5.36 -25.18 36.77
CA GLY A 1276 -5.27 -24.79 38.17
C GLY A 1276 -3.83 -24.75 38.61
N LYS A 1277 -3.64 -24.67 39.92
CA LYS A 1277 -2.29 -24.72 40.48
C LYS A 1277 -1.61 -26.05 40.16
N ASN A 1278 -2.34 -27.15 40.28
CA ASN A 1278 -1.90 -28.46 39.82
C ASN A 1278 -2.82 -28.91 38.71
N CYS A 1279 -2.24 -29.41 37.61
CA CYS A 1279 -3.04 -29.78 36.46
C CYS A 1279 -4.04 -30.89 36.80
N GLY A 1280 -3.59 -31.91 37.54
CA GLY A 1280 -4.44 -33.06 37.77
C GLY A 1280 -5.68 -32.72 38.59
N LYS A 1281 -5.50 -31.95 39.67
CA LYS A 1281 -6.59 -31.61 40.57
C LYS A 1281 -6.98 -30.15 40.33
N GLY A 1282 -8.17 -29.95 39.76
CA GLY A 1282 -8.64 -28.62 39.46
C GLY A 1282 -9.84 -28.68 38.55
N GLU A 1283 -10.31 -27.50 38.16
CA GLU A 1283 -11.49 -27.38 37.33
C GLU A 1283 -11.30 -28.11 36.01
N ARG A 1284 -12.06 -29.19 35.81
CA ARG A 1284 -11.98 -30.01 34.61
C ARG A 1284 -13.29 -29.92 33.85
N ILE A 1285 -13.20 -29.53 32.58
CA ILE A 1285 -14.37 -29.46 31.70
C ILE A 1285 -14.41 -30.74 30.87
N ASP A 1286 -15.59 -31.35 30.81
CA ASP A 1286 -15.82 -32.56 30.00
C ASP A 1286 -16.76 -32.19 28.87
N MET A 1287 -16.19 -31.69 27.77
CA MET A 1287 -16.97 -31.29 26.61
C MET A 1287 -17.06 -32.46 25.64
N ASN A 1288 -18.27 -32.89 25.33
CA ASN A 1288 -18.51 -34.01 24.44
C ASN A 1288 -19.40 -33.55 23.28
N GLY A 1289 -19.10 -34.03 22.07
CA GLY A 1289 -19.86 -33.68 20.90
C GLY A 1289 -20.18 -34.92 20.09
N LYS A 1290 -21.13 -34.75 19.17
CA LYS A 1290 -21.59 -35.84 18.31
C LYS A 1290 -22.38 -35.23 17.15
N LEU A 1291 -22.19 -35.78 15.96
CA LEU A 1291 -22.91 -35.34 14.78
C LEU A 1291 -23.76 -36.47 14.23
N ARG A 1292 -24.69 -36.12 13.35
CA ARG A 1292 -25.65 -37.08 12.83
C ARG A 1292 -26.17 -36.58 11.50
N GLN A 1293 -26.81 -37.49 10.76
CA GLN A 1293 -27.44 -37.18 9.48
C GLN A 1293 -28.90 -37.62 9.54
N SER A 1294 -29.82 -36.68 9.26
CA SER A 1294 -31.25 -36.86 9.45
C SER A 1294 -31.87 -37.72 8.35
N PRO A 1295 -32.95 -38.44 8.65
CA PRO A 1295 -33.63 -39.24 7.62
C PRO A 1295 -34.14 -38.41 6.45
N ARG A 1296 -34.45 -37.14 6.66
CA ARG A 1296 -34.81 -36.27 5.55
C ARG A 1296 -33.71 -36.25 4.49
N LEU A 1297 -32.44 -36.33 4.92
CA LEU A 1297 -31.39 -36.38 3.93
C LEU A 1297 -31.29 -37.76 3.29
N LYS A 1298 -31.70 -38.83 3.99
CA LYS A 1298 -31.87 -40.11 3.32
C LYS A 1298 -32.85 -39.98 2.16
N GLU A 1299 -33.98 -39.34 2.41
CA GLU A 1299 -34.97 -39.16 1.34
C GLU A 1299 -34.41 -38.30 0.21
N LEU A 1300 -33.72 -37.21 0.56
CA LEU A 1300 -33.17 -36.33 -0.47
C LEU A 1300 -32.12 -37.06 -1.32
N VAL A 1301 -31.24 -37.84 -0.68
CA VAL A 1301 -30.22 -38.58 -1.40
C VAL A 1301 -30.86 -39.64 -2.29
N GLY A 1302 -31.85 -40.36 -1.78
CA GLY A 1302 -32.55 -41.34 -2.59
C GLY A 1302 -33.36 -40.72 -3.71
N ALA A 1303 -33.65 -39.42 -3.62
CA ALA A 1303 -34.41 -38.75 -4.67
C ALA A 1303 -33.60 -37.62 -5.29
N THR A 1304 -32.33 -37.86 -5.61
CA THR A 1304 -31.48 -36.87 -6.25
C THR A 1304 -31.02 -37.39 -7.60
N SER A 1305 -30.42 -36.48 -8.38
CA SER A 1305 -30.06 -36.82 -9.76
C SER A 1305 -28.90 -37.80 -9.82
N ILE A 1306 -27.84 -37.54 -9.05
CA ILE A 1306 -26.63 -38.36 -9.15
C ILE A 1306 -26.90 -39.78 -8.68
N ILE A 1307 -27.81 -39.94 -7.72
CA ILE A 1307 -28.14 -41.27 -7.23
C ILE A 1307 -28.65 -42.14 -8.37
N LYS A 1308 -29.62 -41.62 -9.14
CA LYS A 1308 -30.12 -42.35 -10.30
C LYS A 1308 -29.06 -42.45 -11.40
N ASP A 1309 -28.24 -41.42 -11.54
CA ASP A 1309 -27.19 -41.44 -12.56
C ASP A 1309 -26.29 -42.65 -12.39
N CYS A 1310 -25.61 -42.77 -11.26
CA CYS A 1310 -24.82 -43.97 -11.09
C CYS A 1310 -25.60 -45.21 -10.67
N VAL A 1311 -26.90 -45.11 -10.37
CA VAL A 1311 -27.70 -46.33 -10.34
C VAL A 1311 -27.71 -46.96 -11.73
N GLU A 1312 -28.00 -46.15 -12.74
CA GLU A 1312 -27.94 -46.62 -14.12
C GLU A 1312 -26.52 -47.02 -14.50
N ASP A 1313 -25.53 -46.27 -14.04
CA ASP A 1313 -24.13 -46.59 -14.35
C ASP A 1313 -23.72 -47.93 -13.77
N MET A 1314 -24.07 -48.20 -12.50
CA MET A 1314 -23.77 -49.48 -11.89
C MET A 1314 -24.56 -50.61 -12.52
N LYS A 1315 -25.76 -50.32 -13.01
CA LYS A 1315 -26.46 -51.28 -13.86
C LYS A 1315 -25.63 -51.58 -15.11
N ARG A 1316 -25.04 -50.54 -15.71
CA ARG A 1316 -24.10 -50.77 -16.80
C ARG A 1316 -22.81 -51.40 -16.30
N GLY A 1317 -22.30 -50.94 -15.16
CA GLY A 1317 -21.11 -51.54 -14.59
C GLY A 1317 -20.05 -50.55 -14.14
N ASN A 1318 -20.32 -49.25 -14.29
CA ASN A 1318 -19.35 -48.23 -13.88
C ASN A 1318 -19.14 -48.30 -12.38
N LYS A 1319 -17.89 -48.07 -11.95
CA LYS A 1319 -17.53 -48.29 -10.56
C LYS A 1319 -17.06 -47.03 -9.85
N ILE A 1320 -16.08 -46.31 -10.39
CA ILE A 1320 -15.43 -45.23 -9.65
C ILE A 1320 -15.48 -43.90 -10.41
N LEU A 1321 -16.53 -43.69 -11.19
CA LEU A 1321 -16.65 -42.47 -11.96
C LEU A 1321 -16.68 -41.25 -11.04
N ARG A 1322 -16.52 -40.07 -11.66
CA ARG A 1322 -16.43 -38.83 -10.89
C ARG A 1322 -17.76 -38.44 -10.26
N THR A 1323 -18.85 -38.56 -11.03
CA THR A 1323 -20.13 -38.01 -10.60
C THR A 1323 -20.59 -38.62 -9.28
N CYS A 1324 -20.58 -39.94 -9.20
CA CYS A 1324 -20.99 -40.57 -7.95
C CYS A 1324 -19.87 -40.73 -6.94
N GLN A 1325 -18.63 -40.44 -7.30
CA GLN A 1325 -17.67 -40.11 -6.24
C GLN A 1325 -18.13 -38.86 -5.51
N LYS A 1326 -18.56 -37.84 -6.25
CA LYS A 1326 -19.15 -36.67 -5.61
C LYS A 1326 -20.44 -37.01 -4.87
N ALA A 1327 -21.24 -37.92 -5.45
CA ALA A 1327 -22.48 -38.32 -4.81
C ALA A 1327 -22.24 -39.00 -3.48
N VAL A 1328 -21.23 -39.88 -3.40
CA VAL A 1328 -20.94 -40.50 -2.12
C VAL A 1328 -20.28 -39.49 -1.18
N VAL A 1329 -19.59 -38.50 -1.72
CA VAL A 1329 -19.11 -37.40 -0.88
C VAL A 1329 -20.28 -36.73 -0.17
N LEU A 1330 -21.34 -36.45 -0.93
CA LEU A 1330 -22.57 -35.93 -0.32
C LEU A 1330 -23.18 -36.93 0.64
N SER A 1331 -23.13 -38.22 0.27
CA SER A 1331 -23.66 -39.27 1.13
C SER A 1331 -23.00 -39.28 2.50
N MET A 1332 -21.73 -38.89 2.56
CA MET A 1332 -21.03 -38.76 3.84
C MET A 1332 -21.11 -37.32 4.35
N LEU A 1333 -22.34 -36.85 4.54
CA LEU A 1333 -22.60 -35.51 5.04
C LEU A 1333 -23.33 -35.58 6.37
N LEU A 1334 -23.13 -34.57 7.21
CA LEU A 1334 -23.65 -34.54 8.56
C LEU A 1334 -24.51 -33.29 8.73
N ASP A 1335 -25.74 -33.48 9.24
CA ASP A 1335 -26.69 -32.38 9.39
C ASP A 1335 -26.78 -31.88 10.83
N GLU A 1336 -27.14 -32.76 11.76
CA GLU A 1336 -27.39 -32.35 13.13
C GLU A 1336 -26.08 -32.22 13.91
N VAL A 1337 -26.06 -31.25 14.81
CA VAL A 1337 -24.90 -30.97 15.66
C VAL A 1337 -25.35 -31.01 17.10
N ASP A 1338 -24.65 -31.78 17.93
CA ASP A 1338 -24.97 -31.94 19.34
C ASP A 1338 -23.73 -31.64 20.16
N ILE A 1339 -23.54 -30.37 20.48
CA ILE A 1339 -22.39 -29.92 21.26
C ILE A 1339 -22.84 -29.68 22.69
N SER A 1340 -22.19 -30.34 23.64
CA SER A 1340 -22.49 -30.19 25.05
C SER A 1340 -21.21 -29.92 25.82
N MET A 1341 -21.28 -28.99 26.77
CA MET A 1341 -20.12 -28.65 27.59
C MET A 1341 -20.55 -28.46 29.03
N GLU A 1342 -19.82 -29.09 29.96
CA GLU A 1342 -20.08 -28.98 31.38
C GLU A 1342 -19.06 -28.02 31.99
N VAL A 1343 -19.52 -26.81 32.34
CA VAL A 1343 -18.65 -25.73 32.78
C VAL A 1343 -18.74 -25.64 34.30
N PRO A 1344 -17.69 -25.98 35.03
CA PRO A 1344 -17.73 -25.87 36.50
C PRO A 1344 -17.41 -24.48 37.04
N SER A 1345 -17.17 -23.50 36.18
CA SER A 1345 -16.83 -22.15 36.60
C SER A 1345 -17.95 -21.19 36.21
N ASP A 1346 -18.43 -20.43 37.19
CA ASP A 1346 -19.50 -19.48 36.93
C ASP A 1346 -19.00 -18.25 36.19
N ALA A 1347 -17.73 -17.87 36.39
CA ALA A 1347 -17.16 -16.75 35.65
C ALA A 1347 -17.11 -17.05 34.16
N LEU A 1348 -16.77 -18.29 33.80
CA LEU A 1348 -16.81 -18.68 32.40
C LEU A 1348 -18.24 -18.58 31.85
N ILE A 1349 -19.23 -18.95 32.67
CA ILE A 1349 -20.62 -18.85 32.25
C ILE A 1349 -20.99 -17.39 32.00
N ALA A 1350 -20.55 -16.50 32.89
CA ALA A 1350 -20.84 -15.07 32.70
C ALA A 1350 -20.17 -14.53 31.45
N LEU A 1351 -18.93 -14.93 31.20
CA LEU A 1351 -18.24 -14.50 29.98
C LEU A 1351 -18.97 -15.02 28.74
N TYR A 1352 -19.43 -16.27 28.78
CA TYR A 1352 -20.18 -16.82 27.66
C TYR A 1352 -21.49 -16.08 27.47
N SER A 1353 -22.13 -15.67 28.57
CA SER A 1353 -23.36 -14.89 28.46
C SER A 1353 -23.10 -13.54 27.81
N GLN A 1354 -22.02 -12.88 28.19
CA GLN A 1354 -21.65 -11.62 27.56
C GLN A 1354 -21.39 -11.82 26.07
N GLY A 1355 -20.67 -12.88 25.72
CA GLY A 1355 -20.43 -13.17 24.32
C GLY A 1355 -21.70 -13.48 23.56
N LEU A 1356 -22.64 -14.17 24.20
CA LEU A 1356 -23.91 -14.48 23.56
C LEU A 1356 -24.72 -13.21 23.32
N PHE A 1357 -24.73 -12.30 24.29
CA PHE A 1357 -25.40 -11.03 24.08
C PHE A 1357 -24.76 -10.24 22.95
N SER A 1358 -23.41 -10.25 22.91
CA SER A 1358 -22.72 -9.55 21.82
C SER A 1358 -23.05 -10.15 20.46
N LEU A 1359 -23.12 -11.49 20.39
CA LEU A 1359 -23.48 -12.15 19.14
C LEU A 1359 -24.92 -11.83 18.75
N SER A 1360 -25.83 -11.80 19.72
CA SER A 1360 -27.21 -11.40 19.44
C SER A 1360 -27.29 -9.95 18.99
N GLU A 1361 -26.32 -9.12 19.37
CA GLU A 1361 -26.29 -7.74 18.90
C GLU A 1361 -25.95 -7.62 17.42
N ILE A 1362 -25.54 -8.71 16.77
CA ILE A 1362 -25.23 -8.66 15.35
C ILE A 1362 -26.49 -8.43 14.54
N ASP A 1363 -26.31 -7.99 13.28
CA ASP A 1363 -27.43 -7.63 12.44
C ASP A 1363 -28.27 -8.85 12.08
N ASN A 1364 -27.64 -9.91 11.60
CA ASN A 1364 -28.39 -11.07 11.14
C ASN A 1364 -28.97 -11.86 12.31
N LEU A 1365 -28.25 -11.95 13.41
CA LEU A 1365 -28.71 -12.72 14.56
C LEU A 1365 -29.99 -12.13 15.13
N ASP A 1366 -30.97 -12.98 15.40
CA ASP A 1366 -32.21 -12.53 15.99
C ASP A 1366 -32.00 -12.12 17.44
N VAL A 1367 -32.76 -11.11 17.87
CA VAL A 1367 -32.66 -10.60 19.23
C VAL A 1367 -33.42 -11.54 20.15
N SER A 1368 -32.71 -12.25 21.02
CA SER A 1368 -33.30 -13.15 21.99
C SER A 1368 -32.82 -12.78 23.38
N LEU A 1369 -33.76 -12.65 24.31
CA LEU A 1369 -33.46 -12.27 25.69
C LEU A 1369 -33.72 -13.44 26.62
N ASP A 1370 -33.35 -13.25 27.88
CA ASP A 1370 -33.55 -14.29 28.89
C ASP A 1370 -35.04 -14.46 29.17
N VAL A 1371 -35.50 -15.70 29.13
CA VAL A 1371 -36.90 -16.01 29.37
C VAL A 1371 -37.14 -16.14 30.86
N SER A 1372 -38.43 -16.06 31.25
CA SER A 1372 -38.78 -16.22 32.65
C SER A 1372 -38.43 -17.62 33.16
N ASN A 1373 -38.68 -18.64 32.35
CA ASN A 1373 -38.34 -20.01 32.71
C ASN A 1373 -37.05 -20.40 32.00
N PRO A 1374 -35.96 -20.62 32.72
CA PRO A 1374 -34.71 -21.05 32.06
C PRO A 1374 -34.87 -22.43 31.45
N LYS A 1375 -34.13 -22.67 30.37
CA LYS A 1375 -34.20 -23.96 29.69
C LYS A 1375 -33.74 -25.09 30.61
N ASN A 1376 -32.64 -24.87 31.33
CA ASN A 1376 -32.10 -25.86 32.24
C ASN A 1376 -31.67 -25.18 33.53
N ALA A 1377 -31.92 -25.86 34.66
CA ALA A 1377 -31.54 -25.35 35.97
C ALA A 1377 -30.73 -26.42 36.69
N GLY A 1378 -29.58 -26.03 37.22
CA GLY A 1378 -28.72 -26.94 37.93
C GLY A 1378 -27.80 -27.77 37.06
N LYS A 1379 -27.89 -27.65 35.74
CA LYS A 1379 -27.04 -28.36 34.81
C LYS A 1379 -26.35 -27.37 33.89
N LYS A 1380 -25.04 -27.50 33.74
CA LYS A 1380 -24.23 -26.61 32.92
C LYS A 1380 -24.07 -27.25 31.54
N LYS A 1381 -24.71 -26.66 30.54
CA LYS A 1381 -24.67 -27.21 29.19
C LYS A 1381 -25.24 -26.19 28.22
N ILE A 1382 -24.56 -26.02 27.09
CA ILE A 1382 -25.04 -25.17 25.99
C ILE A 1382 -25.01 -26.02 24.73
N ASP A 1383 -26.17 -26.19 24.11
CA ASP A 1383 -26.30 -26.99 22.89
C ASP A 1383 -26.65 -26.10 21.71
N VAL A 1384 -26.00 -26.34 20.59
CA VAL A 1384 -26.27 -25.64 19.34
C VAL A 1384 -26.53 -26.66 18.25
N ARG A 1385 -27.57 -26.42 17.45
CA ARG A 1385 -27.93 -27.34 16.38
C ARG A 1385 -28.46 -26.56 15.19
N ALA A 1386 -28.01 -26.93 14.00
CA ALA A 1386 -28.50 -26.35 12.75
C ALA A 1386 -29.22 -27.43 11.94
N LYS A 1387 -30.39 -27.08 11.41
CA LYS A 1387 -31.20 -28.05 10.70
C LYS A 1387 -30.64 -28.29 9.30
N LEU A 1388 -31.17 -29.32 8.65
CA LEU A 1388 -30.76 -29.69 7.30
C LEU A 1388 -31.68 -29.13 6.22
N ASN A 1389 -32.94 -28.86 6.55
CA ASN A 1389 -33.89 -28.36 5.57
C ASN A 1389 -33.55 -26.96 5.09
N GLU A 1390 -32.66 -26.24 5.77
CA GLU A 1390 -32.30 -24.90 5.33
C GLU A 1390 -31.45 -24.90 4.07
N TYR A 1391 -30.87 -26.04 3.70
CA TYR A 1391 -30.04 -26.16 2.51
C TYR A 1391 -28.88 -25.16 2.52
N LEU A 1392 -28.32 -24.95 3.70
CA LEU A 1392 -27.08 -24.19 3.93
C LEU A 1392 -27.10 -22.80 3.29
N ASP A 1393 -28.28 -22.27 2.95
CA ASP A 1393 -28.35 -20.86 2.57
C ASP A 1393 -28.12 -19.98 3.80
N LYS A 1394 -28.73 -20.35 4.92
CA LYS A 1394 -28.48 -19.73 6.21
C LYS A 1394 -28.75 -20.78 7.28
N ALA A 1395 -28.15 -20.59 8.44
CA ALA A 1395 -28.25 -21.54 9.53
C ALA A 1395 -29.09 -20.97 10.66
N ASP A 1396 -29.74 -21.87 11.39
CA ASP A 1396 -30.43 -21.53 12.63
C ASP A 1396 -29.67 -22.16 13.79
N VAL A 1397 -29.37 -21.36 14.81
CA VAL A 1397 -28.56 -21.80 15.93
C VAL A 1397 -29.36 -21.59 17.21
N ILE A 1398 -29.66 -22.68 17.90
CA ILE A 1398 -30.31 -22.63 19.19
C ILE A 1398 -29.22 -22.57 20.26
N VAL A 1399 -29.41 -21.71 21.26
CA VAL A 1399 -28.48 -21.58 22.37
C VAL A 1399 -29.28 -21.71 23.66
N ASN A 1400 -28.93 -22.68 24.49
CA ASN A 1400 -29.64 -22.95 25.74
C ASN A 1400 -28.63 -22.87 26.88
N THR A 1401 -28.41 -21.67 27.38
CA THR A 1401 -27.57 -21.52 28.55
C THR A 1401 -28.43 -21.38 29.80
N PRO A 1402 -27.91 -21.73 30.98
CA PRO A 1402 -28.68 -21.53 32.21
C PRO A 1402 -28.98 -20.07 32.50
N ILE A 1403 -28.23 -19.14 31.90
CA ILE A 1403 -28.42 -17.72 32.15
C ILE A 1403 -29.32 -17.10 31.09
N MET A 1404 -29.17 -17.56 29.84
CA MET A 1404 -29.94 -16.99 28.74
C MET A 1404 -30.30 -18.09 27.75
N ASP A 1405 -31.50 -18.01 27.18
CA ASP A 1405 -31.99 -18.95 26.19
C ASP A 1405 -32.20 -18.22 24.88
N ALA A 1406 -31.68 -18.77 23.79
CA ALA A 1406 -31.74 -18.13 22.49
C ALA A 1406 -32.13 -19.14 21.42
N HIS A 1407 -33.00 -18.71 20.50
CA HIS A 1407 -33.38 -19.50 19.33
C HIS A 1407 -33.31 -18.60 18.10
N PHE A 1408 -32.62 -19.07 17.07
CA PHE A 1408 -32.38 -18.26 15.88
C PHE A 1408 -33.22 -18.74 14.71
N LYS A 1409 -33.38 -17.86 13.74
CA LYS A 1409 -34.11 -18.15 12.52
C LYS A 1409 -33.15 -18.68 11.45
N ASP A 1410 -33.73 -19.33 10.44
CA ASP A 1410 -32.96 -19.90 9.35
C ASP A 1410 -32.22 -18.83 8.57
N ILE A 1433 -15.07 -28.31 0.53
CA ILE A 1433 -16.51 -28.39 0.73
C ILE A 1433 -16.81 -28.92 2.12
N ASN A 1434 -16.69 -30.23 2.30
CA ASN A 1434 -16.98 -30.90 3.57
C ASN A 1434 -16.00 -32.05 3.73
N ASN A 1435 -16.30 -32.92 4.69
CA ASN A 1435 -15.44 -34.08 4.95
C ASN A 1435 -15.48 -35.04 3.77
N VAL A 1436 -14.32 -35.47 3.31
CA VAL A 1436 -14.19 -36.35 2.15
C VAL A 1436 -13.22 -37.47 2.51
N PHE A 1437 -13.47 -38.66 1.95
CA PHE A 1437 -12.65 -39.84 2.20
C PHE A 1437 -11.97 -40.31 0.93
N TYR A 1438 -10.67 -40.06 0.83
CA TYR A 1438 -9.79 -40.62 -0.19
C TYR A 1438 -10.31 -40.31 -1.59
N GLU A 1439 -10.65 -39.04 -1.81
CA GLU A 1439 -11.16 -38.60 -3.10
C GLU A 1439 -10.96 -37.09 -3.20
N ASP A 1440 -10.50 -36.64 -4.36
CA ASP A 1440 -10.32 -35.22 -4.63
C ASP A 1440 -10.21 -35.03 -6.13
N GLU A 1441 -10.31 -33.78 -6.57
CA GLU A 1441 -10.17 -33.47 -7.99
C GLU A 1441 -8.79 -33.85 -8.52
N THR A 1442 -7.80 -33.97 -7.65
CA THR A 1442 -6.45 -34.28 -8.09
C THR A 1442 -6.35 -35.68 -8.70
N SER A 1443 -7.05 -36.64 -8.12
CA SER A 1443 -6.81 -38.05 -8.40
C SER A 1443 -7.13 -38.39 -9.86
N CYS A 1444 -6.74 -39.60 -10.25
CA CYS A 1444 -6.90 -40.10 -11.61
C CYS A 1444 -7.48 -41.51 -11.55
N MET A 1445 -8.70 -41.67 -12.06
CA MET A 1445 -9.38 -42.96 -11.98
C MET A 1445 -8.92 -43.86 -13.11
N LEU A 1446 -8.81 -45.16 -12.82
CA LEU A 1446 -8.47 -46.15 -13.85
C LEU A 1446 -9.37 -47.36 -13.60
N ASP A 1447 -10.52 -47.36 -14.26
CA ASP A 1447 -11.58 -48.33 -14.04
C ASP A 1447 -11.54 -49.44 -15.09
N LYS A 1448 -12.56 -50.31 -15.06
CA LYS A 1448 -12.60 -51.44 -15.99
C LYS A 1448 -12.88 -50.97 -17.41
N THR A 1449 -13.88 -50.11 -17.59
CA THR A 1449 -14.25 -49.63 -18.91
C THR A 1449 -14.30 -48.12 -18.99
N ARG A 1450 -13.64 -47.43 -18.06
CA ARG A 1450 -13.66 -45.97 -18.03
C ARG A 1450 -12.30 -45.47 -17.55
N ALA A 1451 -12.06 -44.19 -17.78
CA ALA A 1451 -10.80 -43.56 -17.39
C ALA A 1451 -11.02 -42.09 -17.12
N GLN A 1452 -10.83 -41.68 -15.87
CA GLN A 1452 -10.86 -40.29 -15.48
C GLN A 1452 -9.43 -39.82 -15.23
N THR A 1453 -9.06 -38.71 -15.85
CA THR A 1453 -7.68 -38.25 -15.83
C THR A 1453 -7.42 -37.35 -14.62
N PHE A 1454 -6.19 -36.84 -14.55
CA PHE A 1454 -5.86 -35.90 -13.49
C PHE A 1454 -6.69 -34.63 -13.61
N ASP A 1455 -6.86 -34.12 -14.82
CA ASP A 1455 -7.55 -32.85 -15.06
C ASP A 1455 -9.00 -33.04 -15.47
N GLY A 1456 -9.49 -34.27 -15.55
CA GLY A 1456 -10.90 -34.49 -15.83
C GLY A 1456 -11.24 -34.80 -17.28
N LYS A 1457 -10.56 -35.78 -17.87
CA LYS A 1457 -10.90 -36.28 -19.19
C LYS A 1457 -11.43 -37.69 -19.08
N ASP A 1458 -12.38 -38.02 -19.97
CA ASP A 1458 -12.97 -39.35 -20.03
C ASP A 1458 -12.81 -39.91 -21.44
N TYR A 1459 -12.49 -41.20 -21.52
CA TYR A 1459 -12.26 -41.82 -22.82
C TYR A 1459 -12.43 -43.32 -22.70
N PRO A 1460 -12.78 -44.01 -23.79
CA PRO A 1460 -12.89 -45.47 -23.74
C PRO A 1460 -11.54 -46.12 -23.46
N LEU A 1461 -11.60 -47.27 -22.77
CA LEU A 1461 -10.41 -47.92 -22.24
C LEU A 1461 -10.45 -49.41 -22.49
N ARG A 1462 -9.28 -49.98 -22.79
CA ARG A 1462 -9.10 -51.43 -22.85
C ARG A 1462 -7.60 -51.72 -22.82
N LEU A 1463 -7.15 -52.43 -21.79
CA LEU A 1463 -5.74 -52.78 -21.66
C LEU A 1463 -5.45 -54.10 -22.33
N GLY A 1464 -4.25 -54.63 -22.10
CA GLY A 1464 -3.83 -55.89 -22.68
C GLY A 1464 -2.96 -56.69 -21.73
N PRO A 1465 -2.25 -57.68 -22.26
CA PRO A 1465 -1.49 -58.57 -21.38
C PRO A 1465 -0.17 -57.98 -20.90
N CYS A 1466 0.44 -57.11 -21.70
CA CYS A 1466 1.75 -56.57 -21.38
C CYS A 1466 1.64 -55.23 -20.66
N TRP A 1467 2.71 -54.89 -19.95
CA TRP A 1467 2.67 -53.78 -19.00
C TRP A 1467 2.50 -52.44 -19.69
N HIS A 1468 1.78 -51.54 -19.02
CA HIS A 1468 1.63 -50.15 -19.44
C HIS A 1468 2.04 -49.23 -18.30
N ALA A 1469 2.57 -48.07 -18.65
CA ALA A 1469 3.05 -47.11 -17.67
C ALA A 1469 1.94 -46.11 -17.36
N VAL A 1470 1.59 -46.02 -16.07
CA VAL A 1470 0.53 -45.10 -15.66
C VAL A 1470 1.13 -43.76 -15.27
N MET A 1471 1.98 -43.74 -14.25
CA MET A 1471 2.61 -42.53 -13.75
C MET A 1471 4.11 -42.71 -13.70
N THR A 1472 4.84 -41.73 -14.24
CA THR A 1472 6.29 -41.78 -14.30
C THR A 1472 6.86 -40.39 -14.07
N THR A 1473 8.12 -40.35 -13.65
CA THR A 1473 8.88 -39.10 -13.52
C THR A 1473 10.09 -39.18 -14.44
N TYR A 1474 10.35 -38.08 -15.15
CA TYR A 1474 11.34 -38.07 -16.21
C TYR A 1474 12.39 -36.99 -15.97
N PRO A 1475 13.63 -37.21 -16.40
CA PRO A 1475 14.69 -36.23 -16.15
C PRO A 1475 14.59 -35.04 -17.09
N ARG A 1476 15.15 -33.92 -16.63
CA ARG A 1476 15.01 -32.63 -17.27
C ARG A 1476 16.35 -32.16 -17.85
N ILE A 1477 16.35 -30.93 -18.35
CA ILE A 1477 17.53 -30.32 -18.95
C ILE A 1477 18.25 -29.49 -17.90
N ASN A 1478 19.57 -29.62 -17.85
CA ASN A 1478 20.37 -28.84 -16.92
C ASN A 1478 20.32 -27.37 -17.30
N PRO A 1479 19.94 -26.48 -16.38
CA PRO A 1479 20.00 -25.04 -16.70
C PRO A 1479 21.39 -24.57 -17.05
N ASP A 1480 22.42 -25.15 -16.43
CA ASP A 1480 23.79 -24.73 -16.72
C ASP A 1480 24.22 -25.13 -18.13
N ASN A 1481 23.88 -26.35 -18.55
CA ASN A 1481 24.31 -26.89 -19.84
C ASN A 1481 23.09 -27.32 -20.63
N HIS A 1482 22.93 -26.77 -21.83
CA HIS A 1482 21.83 -27.14 -22.72
C HIS A 1482 22.09 -28.43 -23.48
N ASN A 1483 23.11 -29.20 -23.09
CA ASN A 1483 23.39 -30.50 -23.68
C ASN A 1483 23.26 -31.63 -22.66
N GLU A 1484 23.87 -31.47 -21.49
CA GLU A 1484 23.74 -32.47 -20.44
C GLU A 1484 22.36 -32.40 -19.81
N LYS A 1485 21.95 -33.52 -19.21
CA LYS A 1485 20.68 -33.62 -18.51
C LYS A 1485 20.92 -33.85 -17.03
N LEU A 1486 20.03 -33.29 -16.21
CA LEU A 1486 20.07 -33.51 -14.77
C LEU A 1486 19.54 -34.91 -14.48
N HIS A 1487 19.38 -35.23 -13.19
CA HIS A 1487 18.89 -36.52 -12.77
C HIS A 1487 17.64 -36.36 -11.93
N ILE A 1488 16.89 -37.45 -11.79
CA ILE A 1488 15.67 -37.42 -10.98
C ILE A 1488 16.04 -37.12 -9.53
N PRO A 1489 15.37 -36.17 -8.88
CA PRO A 1489 15.65 -35.94 -7.46
C PRO A 1489 15.38 -37.19 -6.63
N LYS A 1490 16.14 -37.33 -5.55
CA LYS A 1490 16.10 -38.56 -4.75
C LYS A 1490 14.71 -38.82 -4.19
N ASP A 1491 13.95 -37.77 -3.87
CA ASP A 1491 12.65 -37.92 -3.25
C ASP A 1491 11.50 -37.72 -4.23
N LYS A 1492 11.76 -37.85 -5.53
CA LYS A 1492 10.70 -37.67 -6.52
C LYS A 1492 10.80 -38.67 -7.67
N SER A 1493 11.30 -39.88 -7.39
CA SER A 1493 11.45 -40.92 -8.41
C SER A 1493 10.36 -41.97 -8.22
N VAL A 1494 9.36 -41.95 -9.10
CA VAL A 1494 8.23 -42.88 -9.03
C VAL A 1494 7.89 -43.33 -10.45
N SER A 1495 7.68 -44.64 -10.61
CA SER A 1495 7.15 -45.21 -11.84
C SER A 1495 6.09 -46.23 -11.49
N VAL A 1496 4.96 -46.17 -12.19
CA VAL A 1496 3.82 -47.04 -11.92
C VAL A 1496 3.48 -47.78 -13.20
N LEU A 1497 3.49 -49.12 -13.14
CA LEU A 1497 3.24 -49.97 -14.28
C LEU A 1497 1.98 -50.80 -14.03
N SER A 1498 1.05 -50.77 -14.99
CA SER A 1498 -0.21 -51.47 -14.90
C SER A 1498 -0.22 -52.66 -15.87
N ARG A 1499 -1.34 -53.39 -15.88
CA ARG A 1499 -1.45 -54.62 -16.64
C ARG A 1499 -2.91 -55.10 -16.57
N GLU A 1500 -3.34 -55.79 -17.62
CA GLU A 1500 -4.63 -56.46 -17.64
C GLU A 1500 -4.42 -57.96 -17.71
N ASN A 1501 -5.03 -58.68 -16.77
CA ASN A 1501 -4.94 -60.14 -16.75
C ASN A 1501 -5.77 -60.73 -17.88
N GLU A 1502 -5.41 -61.95 -18.29
CA GLU A 1502 -6.18 -62.62 -19.33
C GLU A 1502 -7.60 -62.93 -18.86
N ALA A 1503 -7.79 -63.13 -17.56
CA ALA A 1503 -9.10 -63.43 -16.99
C ALA A 1503 -9.86 -62.18 -16.57
N GLY A 1504 -9.49 -61.02 -17.10
CA GLY A 1504 -10.16 -59.79 -16.77
C GLY A 1504 -9.65 -59.09 -15.53
N GLN A 1505 -8.69 -59.67 -14.81
CA GLN A 1505 -8.14 -59.04 -13.63
C GLN A 1505 -7.09 -58.02 -14.05
N LYS A 1506 -6.41 -57.42 -13.07
CA LYS A 1506 -5.38 -56.42 -13.34
C LYS A 1506 -4.19 -56.64 -12.42
N GLU A 1507 -3.00 -56.33 -12.94
CA GLU A 1507 -1.76 -56.44 -12.20
C GLU A 1507 -1.13 -55.06 -12.07
N VAL A 1508 -0.52 -54.79 -10.92
CA VAL A 1508 0.02 -53.47 -10.61
C VAL A 1508 1.50 -53.60 -10.26
N LYS A 1509 2.34 -52.80 -10.91
CA LYS A 1509 3.75 -52.70 -10.61
C LYS A 1509 4.10 -51.24 -10.37
N VAL A 1510 4.70 -50.96 -9.22
CA VAL A 1510 5.12 -49.60 -8.87
C VAL A 1510 6.62 -49.61 -8.58
N LEU A 1511 7.34 -48.66 -9.16
CA LEU A 1511 8.76 -48.48 -8.92
C LEU A 1511 8.95 -47.27 -8.03
N LEU A 1512 9.26 -47.52 -6.76
CA LEU A 1512 9.41 -46.46 -5.77
C LEU A 1512 10.90 -46.23 -5.56
N GLY A 1513 11.49 -45.43 -6.44
CA GLY A 1513 12.92 -45.18 -6.36
C GLY A 1513 13.72 -46.45 -6.64
N SER A 1514 14.32 -47.02 -5.60
CA SER A 1514 15.12 -48.22 -5.71
C SER A 1514 14.38 -49.47 -5.26
N ASP A 1515 13.06 -49.43 -5.21
CA ASP A 1515 12.24 -50.57 -4.80
C ASP A 1515 11.15 -50.82 -5.83
N LYS A 1516 10.70 -52.07 -5.89
CA LYS A 1516 9.64 -52.46 -6.81
C LYS A 1516 8.62 -53.32 -6.10
N ILE A 1517 7.35 -53.15 -6.49
CA ILE A 1517 6.24 -53.89 -5.92
C ILE A 1517 5.39 -54.44 -7.07
N LYS A 1518 5.00 -55.70 -6.95
CA LYS A 1518 4.10 -56.34 -7.91
C LYS A 1518 2.83 -56.78 -7.19
N PHE A 1519 1.70 -56.63 -7.87
CA PHE A 1519 0.39 -56.98 -7.32
C PHE A 1519 -0.23 -58.05 -8.20
N VAL A 1520 0.08 -59.31 -7.89
CA VAL A 1520 -0.56 -60.43 -8.59
C VAL A 1520 -2.02 -60.50 -8.18
N PRO A 1521 -2.96 -60.52 -9.12
CA PRO A 1521 -4.39 -60.45 -8.74
C PRO A 1521 -4.86 -61.64 -7.91
N GLY A 1522 -4.70 -62.85 -8.43
CA GLY A 1522 -5.14 -64.00 -7.68
C GLY A 1522 -6.66 -64.03 -7.47
N THR A 1523 -7.07 -64.90 -6.53
CA THR A 1523 -8.48 -65.03 -6.18
C THR A 1523 -8.67 -65.23 -4.68
N THR A 1524 -7.74 -64.71 -3.87
CA THR A 1524 -7.74 -64.93 -2.42
C THR A 1524 -8.34 -63.75 -1.66
N SER A 1525 -9.37 -63.11 -2.22
CA SER A 1525 -10.09 -61.98 -1.65
C SER A 1525 -9.22 -60.72 -1.54
N GLN A 1526 -7.97 -60.78 -1.96
CA GLN A 1526 -7.07 -59.63 -2.00
C GLN A 1526 -5.92 -59.95 -2.93
N PRO A 1527 -5.53 -59.01 -3.80
CA PRO A 1527 -4.43 -59.29 -4.74
C PRO A 1527 -3.15 -59.63 -4.01
N GLU A 1528 -2.39 -60.56 -4.57
CA GLU A 1528 -1.15 -61.01 -3.93
C GLU A 1528 -0.13 -59.88 -3.88
N VAL A 1529 0.52 -59.74 -2.73
CA VAL A 1529 1.44 -58.64 -2.46
C VAL A 1529 2.84 -59.22 -2.27
N PHE A 1530 3.70 -59.02 -3.26
CA PHE A 1530 5.10 -59.40 -3.19
C PHE A 1530 5.95 -58.14 -3.13
N VAL A 1531 6.86 -58.08 -2.16
CA VAL A 1531 7.72 -56.92 -1.96
C VAL A 1531 9.16 -57.34 -2.27
N ASN A 1532 9.75 -56.69 -3.27
CA ASN A 1532 11.14 -56.93 -3.66
C ASN A 1532 11.42 -58.42 -3.86
N GLY A 1533 10.51 -59.09 -4.56
CA GLY A 1533 10.62 -60.52 -4.76
C GLY A 1533 10.47 -61.32 -3.48
N GLU A 1534 9.58 -60.90 -2.58
CA GLU A 1534 9.36 -61.59 -1.33
C GLU A 1534 7.94 -61.32 -0.89
N LYS A 1535 7.30 -62.32 -0.29
CA LYS A 1535 5.88 -62.26 0.02
C LYS A 1535 5.65 -61.66 1.40
N ILE A 1536 4.67 -60.76 1.49
CA ILE A 1536 4.23 -60.17 2.75
C ILE A 1536 2.73 -60.38 2.88
N VAL A 1537 2.28 -60.43 4.13
CA VAL A 1537 0.88 -60.69 4.45
C VAL A 1537 0.21 -59.39 4.83
N VAL A 1538 -0.96 -59.14 4.24
CA VAL A 1538 -1.77 -57.96 4.54
C VAL A 1538 -3.09 -58.47 5.12
N SER A 1539 -3.41 -58.04 6.33
CA SER A 1539 -4.57 -58.57 7.04
C SER A 1539 -5.33 -57.42 7.68
N ARG A 1540 -6.28 -57.77 8.55
CA ARG A 1540 -7.08 -56.77 9.22
C ARG A 1540 -6.31 -56.05 10.32
N ASN A 1541 -5.47 -56.77 11.06
CA ASN A 1541 -4.80 -56.22 12.22
C ASN A 1541 -3.28 -56.11 12.05
N LYS A 1542 -2.77 -56.25 10.83
CA LYS A 1542 -1.38 -55.94 10.55
C LYS A 1542 -1.30 -54.98 9.36
N ALA A 1543 -0.08 -54.53 9.08
CA ALA A 1543 0.20 -53.64 7.96
C ALA A 1543 1.71 -53.63 7.73
N TYR A 1544 2.11 -53.19 6.54
CA TYR A 1544 3.52 -53.18 6.17
C TYR A 1544 4.08 -51.77 6.28
N GLN A 1545 5.30 -51.67 6.81
CA GLN A 1545 5.99 -50.40 6.93
C GLN A 1545 7.44 -50.57 6.52
N LYS A 1546 7.96 -49.59 5.79
CA LYS A 1546 9.40 -49.46 5.55
C LYS A 1546 9.85 -48.18 6.22
N VAL A 1547 10.67 -48.31 7.26
CA VAL A 1547 11.11 -47.19 8.07
C VAL A 1547 12.63 -47.06 7.95
N GLU A 1548 13.09 -45.83 7.73
CA GLU A 1548 14.52 -45.54 7.76
C GLU A 1548 14.72 -44.10 8.19
N GLU A 1549 15.59 -43.90 9.18
CA GLU A 1549 15.89 -42.58 9.72
C GLU A 1549 14.64 -41.86 10.19
N ASN A 1550 13.76 -42.60 10.86
CA ASN A 1550 12.52 -42.06 11.43
C ASN A 1550 11.68 -41.38 10.34
N GLU A 1551 11.60 -42.02 9.18
CA GLU A 1551 10.77 -41.54 8.08
C GLU A 1551 10.07 -42.73 7.46
N ILE A 1552 8.90 -42.48 6.87
CA ILE A 1552 8.05 -43.53 6.31
C ILE A 1552 8.20 -43.53 4.80
N ILE A 1553 8.47 -44.71 4.23
CA ILE A 1553 8.68 -44.85 2.79
C ILE A 1553 7.36 -45.22 2.12
N PHE A 1554 6.76 -46.33 2.53
CA PHE A 1554 5.47 -46.71 1.99
C PHE A 1554 4.71 -47.53 3.03
N GLU A 1555 3.38 -47.54 2.88
CA GLU A 1555 2.48 -48.24 3.78
C GLU A 1555 1.60 -49.16 2.96
N ILE A 1556 1.49 -50.42 3.38
CA ILE A 1556 0.58 -51.38 2.76
C ILE A 1556 -0.40 -51.86 3.83
N TYR A 1557 -1.70 -51.75 3.52
CA TYR A 1557 -2.72 -52.06 4.50
C TYR A 1557 -3.97 -52.55 3.78
N LYS A 1558 -4.84 -53.22 4.52
CA LYS A 1558 -6.07 -53.78 3.98
C LYS A 1558 -7.25 -52.90 4.40
N MET A 1559 -8.10 -52.55 3.44
CA MET A 1559 -9.24 -51.70 3.72
C MET A 1559 -10.42 -52.12 2.86
N GLY A 1560 -11.62 -51.73 3.29
CA GLY A 1560 -12.80 -51.96 2.49
C GLY A 1560 -13.11 -53.45 2.32
N ASP A 1561 -13.97 -53.73 1.34
CA ASP A 1561 -14.35 -55.10 1.05
C ASP A 1561 -13.19 -55.87 0.44
N ARG A 1562 -12.55 -55.31 -0.59
CA ARG A 1562 -11.47 -55.98 -1.29
C ARG A 1562 -10.35 -55.03 -1.69
N PHE A 1563 -10.13 -53.98 -0.89
CA PHE A 1563 -9.17 -52.94 -1.24
C PHE A 1563 -7.90 -53.05 -0.41
N ILE A 1564 -6.77 -52.72 -1.03
CA ILE A 1564 -5.51 -52.54 -0.34
C ILE A 1564 -4.86 -51.26 -0.85
N GLY A 1565 -4.01 -50.65 -0.02
CA GLY A 1565 -3.54 -49.32 -0.26
C GLY A 1565 -2.03 -49.19 -0.17
N LEU A 1566 -1.53 -48.16 -0.85
CA LEU A 1566 -0.10 -47.83 -0.86
C LEU A 1566 0.00 -46.31 -0.81
N THR A 1567 0.45 -45.77 0.32
CA THR A 1567 0.60 -44.33 0.50
C THR A 1567 2.05 -44.06 0.89
N SER A 1568 2.78 -43.38 0.02
CA SER A 1568 4.19 -43.07 0.25
C SER A 1568 4.30 -41.65 0.78
N ASP A 1569 4.69 -41.53 2.05
CA ASP A 1569 4.90 -40.20 2.62
C ASP A 1569 6.14 -39.54 2.02
N LYS A 1570 7.23 -40.29 1.93
CA LYS A 1570 8.48 -39.75 1.39
C LYS A 1570 8.33 -39.33 -0.07
N PHE A 1571 7.36 -39.90 -0.78
CA PHE A 1571 7.18 -39.61 -2.20
C PHE A 1571 5.86 -38.90 -2.51
N ASP A 1572 4.92 -38.85 -1.57
CA ASP A 1572 3.66 -38.13 -1.73
C ASP A 1572 2.82 -38.70 -2.87
N VAL A 1573 2.57 -40.02 -2.81
CA VAL A 1573 1.69 -40.69 -3.75
C VAL A 1573 0.81 -41.67 -2.98
N SER A 1574 -0.31 -42.03 -3.59
CA SER A 1574 -1.24 -42.97 -2.99
C SER A 1574 -1.92 -43.79 -4.07
N LEU A 1575 -2.19 -45.05 -3.76
CA LEU A 1575 -2.78 -45.99 -4.71
C LEU A 1575 -3.71 -46.94 -3.97
N ALA A 1576 -4.73 -47.41 -4.69
CA ALA A 1576 -5.67 -48.39 -4.16
C ALA A 1576 -6.14 -49.29 -5.29
N LEU A 1577 -6.21 -50.58 -5.02
CA LEU A 1577 -6.63 -51.56 -6.02
C LEU A 1577 -7.46 -52.64 -5.38
N ASP A 1578 -8.23 -53.35 -6.23
CA ASP A 1578 -9.03 -54.48 -5.77
C ASP A 1578 -8.95 -55.66 -6.74
N GLY A 1579 -7.94 -55.71 -7.60
CA GLY A 1579 -7.86 -56.73 -8.62
C GLY A 1579 -8.73 -56.49 -9.82
N GLU A 1580 -9.58 -55.45 -9.78
CA GLU A 1580 -10.44 -55.10 -10.90
C GLU A 1580 -10.42 -53.62 -11.23
N ARG A 1581 -9.81 -52.77 -10.39
CA ARG A 1581 -9.80 -51.33 -10.61
C ARG A 1581 -8.73 -50.72 -9.73
N VAL A 1582 -8.06 -49.69 -10.25
CA VAL A 1582 -7.03 -48.97 -9.51
C VAL A 1582 -7.30 -47.48 -9.65
N MET A 1583 -7.08 -46.74 -8.57
CA MET A 1583 -7.16 -45.28 -8.62
C MET A 1583 -5.89 -44.71 -8.00
N LEU A 1584 -5.38 -43.65 -8.63
CA LEU A 1584 -4.07 -43.12 -8.32
C LEU A 1584 -4.19 -41.70 -7.76
N LYS A 1585 -3.56 -41.46 -6.63
CA LYS A 1585 -3.57 -40.15 -5.99
C LYS A 1585 -2.16 -39.59 -5.95
N ALA A 1586 -2.03 -38.33 -6.33
CA ALA A 1586 -0.73 -37.66 -6.43
C ALA A 1586 -0.69 -36.47 -5.46
N SER A 1587 0.38 -35.69 -5.57
CA SER A 1587 0.55 -34.47 -4.81
C SER A 1587 0.80 -33.30 -5.74
N GLU A 1588 0.74 -32.09 -5.19
CA GLU A 1588 0.90 -30.90 -6.00
C GLU A 1588 2.31 -30.75 -6.56
N ASP A 1589 3.29 -31.43 -5.96
CA ASP A 1589 4.67 -31.30 -6.41
C ASP A 1589 4.90 -31.87 -7.80
N TYR A 1590 4.00 -32.73 -8.28
CA TYR A 1590 4.18 -33.40 -9.55
C TYR A 1590 3.59 -32.64 -10.73
N ARG A 1591 3.12 -31.41 -10.50
CA ARG A 1591 2.61 -30.58 -11.59
C ARG A 1591 3.69 -30.37 -12.64
N TYR A 1592 3.33 -30.54 -13.90
CA TYR A 1592 4.23 -30.36 -15.03
C TYR A 1592 5.49 -31.23 -14.91
N SER A 1593 5.40 -32.33 -14.18
CA SER A 1593 6.56 -33.21 -14.05
C SER A 1593 6.20 -34.68 -14.11
N VAL A 1594 5.02 -35.04 -14.59
CA VAL A 1594 4.63 -36.43 -14.77
C VAL A 1594 4.07 -36.59 -16.17
N ARG A 1595 4.12 -37.82 -16.67
CA ARG A 1595 3.67 -38.12 -18.01
C ARG A 1595 3.35 -39.60 -18.09
N GLY A 1596 2.17 -39.93 -18.62
CA GLY A 1596 1.72 -41.31 -18.60
C GLY A 1596 0.29 -41.42 -19.12
N LEU A 1597 -0.36 -42.51 -18.75
CA LEU A 1597 -1.75 -42.71 -19.13
C LEU A 1597 -2.66 -41.65 -18.51
N CYS A 1598 -2.41 -41.31 -17.24
CA CYS A 1598 -3.26 -40.34 -16.57
C CYS A 1598 -3.21 -38.98 -17.24
N GLY A 1599 -2.02 -38.54 -17.64
CA GLY A 1599 -1.88 -37.28 -18.36
C GLY A 1599 -0.68 -36.52 -17.85
N ASN A 1600 -0.67 -35.22 -18.15
CA ASN A 1600 0.42 -34.34 -17.77
C ASN A 1600 0.15 -33.53 -16.51
N PHE A 1601 -1.07 -33.57 -15.99
CA PHE A 1601 -1.40 -32.99 -14.68
C PHE A 1601 -1.07 -31.50 -14.65
N ASP A 1602 -1.74 -30.75 -15.53
CA ASP A 1602 -1.45 -29.33 -15.71
C ASP A 1602 -2.66 -28.43 -15.44
N HIS A 1603 -3.70 -28.94 -14.79
CA HIS A 1603 -4.96 -28.21 -14.63
C HIS A 1603 -5.48 -27.72 -15.99
N ASP A 1604 -5.40 -28.60 -16.97
CA ASP A 1604 -5.90 -28.31 -18.32
C ASP A 1604 -6.39 -29.62 -18.92
N SER A 1605 -7.67 -29.68 -19.28
CA SER A 1605 -8.30 -30.87 -19.81
C SER A 1605 -8.38 -30.82 -21.33
N THR A 1606 -7.38 -30.25 -21.99
CA THR A 1606 -7.35 -30.17 -23.44
C THR A 1606 -6.14 -30.84 -24.06
N ASN A 1607 -5.00 -30.86 -23.38
CA ASN A 1607 -3.75 -31.35 -23.93
C ASN A 1607 -3.20 -32.51 -23.11
N ASP A 1608 -4.05 -33.46 -22.73
CA ASP A 1608 -3.63 -34.63 -21.97
C ASP A 1608 -3.51 -35.88 -22.84
N PHE A 1609 -3.43 -35.72 -24.15
CA PHE A 1609 -3.24 -36.81 -25.10
C PHE A 1609 -1.89 -36.68 -25.79
N VAL A 1610 -0.85 -36.36 -25.03
CA VAL A 1610 0.47 -36.06 -25.58
C VAL A 1610 1.38 -37.27 -25.34
N GLY A 1611 2.12 -37.65 -26.38
CA GLY A 1611 2.97 -38.82 -26.33
C GLY A 1611 4.37 -38.54 -25.83
N PRO A 1612 5.22 -39.57 -25.83
CA PRO A 1612 6.61 -39.37 -25.38
C PRO A 1612 7.38 -38.38 -26.23
N LYS A 1613 7.12 -38.35 -27.54
CA LYS A 1613 7.75 -37.39 -28.44
C LYS A 1613 7.10 -36.02 -28.40
N ASN A 1614 6.27 -35.77 -27.40
CA ASN A 1614 5.53 -34.51 -27.27
C ASN A 1614 4.64 -34.26 -28.49
N CYS A 1615 3.88 -35.29 -28.87
CA CYS A 1615 2.92 -35.22 -29.96
C CYS A 1615 1.52 -35.51 -29.43
N LEU A 1616 0.59 -34.62 -29.73
CA LEU A 1616 -0.78 -34.80 -29.28
C LEU A 1616 -1.45 -35.93 -30.07
N PHE A 1617 -2.29 -36.70 -29.38
CA PHE A 1617 -2.98 -37.84 -29.97
C PHE A 1617 -4.45 -37.50 -30.19
N ARG A 1618 -5.15 -38.43 -30.87
CA ARG A 1618 -6.54 -38.20 -31.23
C ARG A 1618 -7.44 -39.43 -31.07
N LYS A 1619 -6.94 -40.54 -30.54
CA LYS A 1619 -7.77 -41.71 -30.32
C LYS A 1619 -7.31 -42.44 -29.07
N PRO A 1620 -8.23 -42.77 -28.15
CA PRO A 1620 -7.81 -43.47 -26.93
C PRO A 1620 -7.10 -44.78 -27.20
N GLU A 1621 -7.52 -45.53 -28.22
CA GLU A 1621 -6.81 -46.74 -28.59
C GLU A 1621 -5.38 -46.42 -29.02
N HIS A 1622 -5.20 -45.35 -29.78
CA HIS A 1622 -3.87 -44.94 -30.19
C HIS A 1622 -3.01 -44.56 -28.99
N PHE A 1623 -3.59 -43.84 -28.03
CA PHE A 1623 -2.85 -43.44 -26.84
C PHE A 1623 -2.43 -44.65 -26.02
N VAL A 1624 -3.37 -45.56 -25.76
CA VAL A 1624 -3.08 -46.75 -24.98
C VAL A 1624 -2.02 -47.59 -25.67
N ALA A 1625 -2.10 -47.72 -26.99
CA ALA A 1625 -1.06 -48.44 -27.72
C ALA A 1625 0.29 -47.73 -27.58
N SER A 1626 0.29 -46.41 -27.70
CA SER A 1626 1.55 -45.67 -27.67
C SER A 1626 2.26 -45.80 -26.34
N TYR A 1627 1.52 -45.72 -25.24
CA TYR A 1627 2.16 -45.69 -23.93
C TYR A 1627 2.34 -47.08 -23.36
N ALA A 1628 2.92 -47.98 -24.15
CA ALA A 1628 3.03 -49.39 -23.77
C ALA A 1628 4.48 -49.85 -23.89
N LEU A 1629 5.00 -50.42 -22.82
CA LEU A 1629 6.32 -51.04 -22.87
C LEU A 1629 6.28 -52.28 -23.76
N ILE A 1630 7.37 -52.50 -24.49
CA ILE A 1630 7.44 -53.59 -25.45
C ILE A 1630 8.61 -54.52 -25.08
N SER A 1631 8.92 -54.60 -23.79
CA SER A 1631 10.08 -55.37 -23.36
C SER A 1631 9.83 -56.87 -23.52
N ASN A 1632 8.85 -57.41 -22.79
CA ASN A 1632 8.59 -58.84 -22.80
C ASN A 1632 7.14 -59.09 -22.45
N GLN A 1633 6.74 -60.35 -22.58
CA GLN A 1633 5.36 -60.81 -22.30
C GLN A 1633 4.33 -60.08 -23.15
N CYS A 1634 4.73 -59.58 -24.31
CA CYS A 1634 3.85 -58.87 -25.22
C CYS A 1634 4.18 -59.25 -26.64
N GLU A 1635 3.15 -59.50 -27.45
CA GLU A 1635 3.36 -59.91 -28.84
C GLU A 1635 2.11 -59.60 -29.62
N GLY A 1636 2.24 -58.77 -30.65
CA GLY A 1636 1.09 -58.41 -31.47
C GLY A 1636 0.13 -57.50 -30.72
N ASP A 1637 -1.04 -57.32 -31.33
CA ASP A 1637 -2.10 -56.49 -30.77
C ASP A 1637 -1.59 -55.09 -30.45
N SER A 1638 -1.21 -54.87 -29.19
CA SER A 1638 -0.63 -53.59 -28.80
C SER A 1638 0.67 -53.33 -29.55
N LEU A 1639 1.49 -54.38 -29.72
CA LEU A 1639 2.74 -54.23 -30.47
C LEU A 1639 2.49 -53.83 -31.92
N ASN A 1640 1.51 -54.48 -32.56
CA ASN A 1640 1.18 -54.14 -33.94
C ASN A 1640 0.63 -52.72 -34.03
N VAL A 1641 -0.21 -52.33 -33.07
CA VAL A 1641 -0.75 -50.97 -33.07
C VAL A 1641 0.36 -49.94 -32.90
N ALA A 1642 1.32 -50.21 -32.01
CA ALA A 1642 2.44 -49.30 -31.83
C ALA A 1642 3.31 -49.23 -33.08
N LYS A 1643 3.53 -50.37 -33.74
CA LYS A 1643 4.29 -50.36 -34.98
C LYS A 1643 3.60 -49.54 -36.06
N SER A 1644 2.27 -49.69 -36.17
CA SER A 1644 1.52 -48.89 -37.14
C SER A 1644 1.58 -47.41 -36.79
N LEU A 1645 1.48 -47.07 -35.50
CA LEU A 1645 1.57 -45.69 -35.08
C LEU A 1645 2.93 -45.08 -35.41
N GLN A 1646 4.00 -45.84 -35.18
CA GLN A 1646 5.33 -45.38 -35.57
C GLN A 1646 5.42 -45.20 -37.08
N ASP A 1647 4.86 -46.14 -37.85
CA ASP A 1647 4.84 -46.00 -39.30
C ASP A 1647 3.96 -44.83 -39.72
N HIS A 1648 2.83 -44.63 -39.05
CA HIS A 1648 1.90 -43.56 -39.41
C HIS A 1648 2.43 -42.23 -38.89
N ASP A 1649 1.67 -41.17 -39.15
CA ASP A 1649 2.04 -39.82 -38.75
C ASP A 1649 1.15 -39.38 -37.59
N CYS A 1650 1.77 -38.92 -36.51
CA CYS A 1650 1.07 -38.43 -35.34
C CYS A 1650 0.70 -36.98 -35.53
N ILE A 1651 -0.57 -36.64 -35.32
CA ILE A 1651 -1.09 -35.29 -35.46
C ILE A 1651 -0.79 -34.73 -36.84
#